data_6E80
# 
_entry.id   6E80 
# 
_audit_conform.dict_name       mmcif_pdbx.dic 
_audit_conform.dict_version    5.379 
_audit_conform.dict_location   http://mmcif.pdb.org/dictionaries/ascii/mmcif_pdbx.dic 
# 
loop_
_database_2.database_id 
_database_2.database_code 
_database_2.pdbx_database_accession 
_database_2.pdbx_DOI 
PDB   6E80         pdb_00006e80 10.2210/pdb6e80/pdb 
WWPDB D_1000235822 ?            ?                   
# 
_pdbx_database_related.db_name        PDB 
_pdbx_database_related.details        '5BJP contains same RNA sequence with DFHO ligand and from chemical synthesis' 
_pdbx_database_related.db_id          5BJP 
_pdbx_database_related.content_type   unspecified 
# 
_pdbx_database_status.status_code                     REL 
_pdbx_database_status.status_code_sf                  REL 
_pdbx_database_status.status_code_mr                  ? 
_pdbx_database_status.entry_id                        6E80 
_pdbx_database_status.recvd_initial_deposition_date   2018-07-27 
_pdbx_database_status.SG_entry                        N 
_pdbx_database_status.deposit_site                    RCSB 
_pdbx_database_status.process_site                    RCSB 
_pdbx_database_status.status_code_cs                  ? 
_pdbx_database_status.methods_development_category    ? 
_pdbx_database_status.pdb_format_compatible           Y 
_pdbx_database_status.status_code_nmr_data            ? 
# 
loop_
_audit_author.name 
_audit_author.pdbx_ordinal 
_audit_author.identifier_ORCID 
'Sjekloca, L.'        1 0000-0002-4508-1743 
;Ferre-D'Amare, A.R.
;
2 0000-0003-4549-1619 
# 
_citation.abstract                  ? 
_citation.abstract_id_CAS           ? 
_citation.book_id_ISBN              ? 
_citation.book_publisher            ? 
_citation.book_publisher_city       ? 
_citation.book_title                ? 
_citation.coordinate_linkage        ? 
_citation.country                   US 
_citation.database_id_Medline       ? 
_citation.details                   ? 
_citation.id                        primary 
_citation.journal_abbrev            'Cell Chem Biol' 
_citation.journal_id_ASTM           ? 
_citation.journal_id_CSD            ? 
_citation.journal_id_ISSN           2451-9456 
_citation.journal_full              ? 
_citation.journal_issue             ? 
_citation.journal_volume            26 
_citation.language                  ? 
_citation.page_first                1159 
_citation.page_last                 ? 
_citation.title                     
'Binding between G Quadruplexes at the Homodimer Interface of the Corn RNA Aptamer Strongly Activates Thioflavin T Fluorescence.' 
_citation.year                      2019 
_citation.database_id_CSD           ? 
_citation.pdbx_database_id_DOI      10.1016/j.chembiol.2019.04.012 
_citation.pdbx_database_id_PubMed   31178406 
_citation.unpublished_flag          ? 
# 
loop_
_citation_author.citation_id 
_citation_author.name 
_citation_author.ordinal 
_citation_author.identifier_ORCID 
primary 'Sjekloca, L.'        1 ? 
primary 
;Ferre-D'Amare, A.R.
;
2 ? 
# 
_cell.angle_alpha                  90.000 
_cell.angle_alpha_esd              ? 
_cell.angle_beta                   90.000 
_cell.angle_beta_esd               ? 
_cell.angle_gamma                  120.000 
_cell.angle_gamma_esd              ? 
_cell.entry_id                     6E80 
_cell.details                      ? 
_cell.formula_units_Z              ? 
_cell.length_a                     93.012 
_cell.length_a_esd                 ? 
_cell.length_b                     93.012 
_cell.length_b_esd                 ? 
_cell.length_c                     66.560 
_cell.length_c_esd                 ? 
_cell.volume                       ? 
_cell.volume_esd                   ? 
_cell.Z_PDB                        18 
_cell.reciprocal_angle_alpha       ? 
_cell.reciprocal_angle_beta        ? 
_cell.reciprocal_angle_gamma       ? 
_cell.reciprocal_angle_alpha_esd   ? 
_cell.reciprocal_angle_beta_esd    ? 
_cell.reciprocal_angle_gamma_esd   ? 
_cell.reciprocal_length_a          ? 
_cell.reciprocal_length_b          ? 
_cell.reciprocal_length_c          ? 
_cell.reciprocal_length_a_esd      ? 
_cell.reciprocal_length_b_esd      ? 
_cell.reciprocal_length_c_esd      ? 
_cell.pdbx_unique_axis             ? 
# 
_symmetry.entry_id                         6E80 
_symmetry.cell_setting                     ? 
_symmetry.Int_Tables_number                155 
_symmetry.space_group_name_Hall            ? 
_symmetry.space_group_name_H-M             'H 3 2' 
_symmetry.pdbx_full_space_group_name_H-M   ? 
# 
loop_
_entity.id 
_entity.type 
_entity.src_method 
_entity.pdbx_description 
_entity.formula_weight 
_entity.pdbx_number_of_molecules 
_entity.pdbx_ec 
_entity.pdbx_mutation 
_entity.pdbx_fragment 
_entity.details 
1 polymer     syn 'RNA (36-MER)'          11794.100 1 ? ? ? ? 
2 non-polymer syn 'IRIDIUM HEXAMMINE ION' 294.400   3 ? ? ? ? 
3 non-polymer syn 'POTASSIUM ION'         39.098    1 ? ? ? ? 
4 non-polymer syn 'MAGNESIUM ION'         24.305    4 ? ? ? ? 
5 non-polymer syn 'ACETATE ION'           59.044    2 ? ? ? ? 
6 non-polymer syn 'IRIDIUM ION'           192.217   2 ? ? ? ? 
7 water       nat water                   18.015    2 ? ? ? ? 
# 
_entity_poly.entity_id                      1 
_entity_poly.type                           polyribonucleotide 
_entity_poly.nstd_linkage                   no 
_entity_poly.nstd_monomer                   no 
_entity_poly.pdbx_seq_one_letter_code       GGCGCGAGGAAGGAGGUCUGAGGAGGUCACUGCGCC 
_entity_poly.pdbx_seq_one_letter_code_can   GGCGCGAGGAAGGAGGUCUGAGGAGGUCACUGCGCC 
_entity_poly.pdbx_strand_id                 A 
_entity_poly.pdbx_target_identifier         ? 
# 
loop_
_entity_poly_seq.entity_id 
_entity_poly_seq.num 
_entity_poly_seq.mon_id 
_entity_poly_seq.hetero 
1 1  G n 
1 2  G n 
1 3  C n 
1 4  G n 
1 5  C n 
1 6  G n 
1 7  A n 
1 8  G n 
1 9  G n 
1 10 A n 
1 11 A n 
1 12 G n 
1 13 G n 
1 14 A n 
1 15 G n 
1 16 G n 
1 17 U n 
1 18 C n 
1 19 U n 
1 20 G n 
1 21 A n 
1 22 G n 
1 23 G n 
1 24 A n 
1 25 G n 
1 26 G n 
1 27 U n 
1 28 C n 
1 29 A n 
1 30 C n 
1 31 U n 
1 32 G n 
1 33 C n 
1 34 G n 
1 35 C n 
1 36 C n 
# 
_pdbx_entity_src_syn.entity_id              1 
_pdbx_entity_src_syn.pdbx_src_id            1 
_pdbx_entity_src_syn.pdbx_alt_source_flag   sample 
_pdbx_entity_src_syn.pdbx_beg_seq_num       1 
_pdbx_entity_src_syn.pdbx_end_seq_num       36 
_pdbx_entity_src_syn.organism_scientific    'synthetic construct' 
_pdbx_entity_src_syn.organism_common_name   ? 
_pdbx_entity_src_syn.ncbi_taxonomy_id       32630 
_pdbx_entity_src_syn.details                ? 
# 
_struct_ref.id                         1 
_struct_ref.db_name                    PDB 
_struct_ref.db_code                    6E80 
_struct_ref.pdbx_db_accession          6E80 
_struct_ref.pdbx_db_isoform            ? 
_struct_ref.entity_id                  1 
_struct_ref.pdbx_seq_one_letter_code   ? 
_struct_ref.pdbx_align_begin           1 
# 
_struct_ref_seq.align_id                      1 
_struct_ref_seq.ref_id                        1 
_struct_ref_seq.pdbx_PDB_id_code              6E80 
_struct_ref_seq.pdbx_strand_id                A 
_struct_ref_seq.seq_align_beg                 1 
_struct_ref_seq.pdbx_seq_align_beg_ins_code   ? 
_struct_ref_seq.seq_align_end                 36 
_struct_ref_seq.pdbx_seq_align_end_ins_code   ? 
_struct_ref_seq.pdbx_db_accession             6E80 
_struct_ref_seq.db_align_beg                  1 
_struct_ref_seq.pdbx_db_align_beg_ins_code    ? 
_struct_ref_seq.db_align_end                  36 
_struct_ref_seq.pdbx_db_align_end_ins_code    ? 
_struct_ref_seq.pdbx_auth_seq_align_beg       1 
_struct_ref_seq.pdbx_auth_seq_align_end       36 
# 
loop_
_chem_comp.id 
_chem_comp.type 
_chem_comp.mon_nstd_flag 
_chem_comp.name 
_chem_comp.pdbx_synonyms 
_chem_comp.formula 
_chem_comp.formula_weight 
A   'RNA linking' y "ADENOSINE-5'-MONOPHOSPHATE" ? 'C10 H14 N5 O7 P' 347.221 
ACT non-polymer   . 'ACETATE ION'                ? 'C2 H3 O2 -1'     59.044  
C   'RNA linking' y "CYTIDINE-5'-MONOPHOSPHATE"  ? 'C9 H14 N3 O8 P'  323.197 
G   'RNA linking' y "GUANOSINE-5'-MONOPHOSPHATE" ? 'C10 H14 N5 O8 P' 363.221 
HOH non-polymer   . WATER                        ? 'H2 O'            18.015  
IR  non-polymer   . 'IRIDIUM ION'                ? 'Ir 4'            192.217 
IRI non-polymer   . 'IRIDIUM HEXAMMINE ION'      ? 'H18 Ir N6 3'     294.400 
K   non-polymer   . 'POTASSIUM ION'              ? 'K 1'             39.098  
MG  non-polymer   . 'MAGNESIUM ION'              ? 'Mg 2'            24.305  
U   'RNA linking' y "URIDINE-5'-MONOPHOSPHATE"   ? 'C9 H13 N2 O9 P'  324.181 
# 
_exptl.absorpt_coefficient_mu     ? 
_exptl.absorpt_correction_T_max   ? 
_exptl.absorpt_correction_T_min   ? 
_exptl.absorpt_correction_type    ? 
_exptl.absorpt_process_details    ? 
_exptl.entry_id                   6E80 
_exptl.crystals_number            1 
_exptl.details                    ? 
_exptl.method                     'X-RAY DIFFRACTION' 
_exptl.method_details             ? 
# 
_exptl_crystal.colour                      ? 
_exptl_crystal.density_diffrn              ? 
_exptl_crystal.density_Matthews            2.42 
_exptl_crystal.density_method              ? 
_exptl_crystal.density_percent_sol         49.17 
_exptl_crystal.description                 'rectangular plate-shaped' 
_exptl_crystal.F_000                       ? 
_exptl_crystal.id                          1 
_exptl_crystal.preparation                 ? 
_exptl_crystal.size_max                    ? 
_exptl_crystal.size_mid                    ? 
_exptl_crystal.size_min                    ? 
_exptl_crystal.size_rad                    ? 
_exptl_crystal.colour_lustre               ? 
_exptl_crystal.colour_modifier             ? 
_exptl_crystal.colour_primary              ? 
_exptl_crystal.density_meas                ? 
_exptl_crystal.density_meas_esd            ? 
_exptl_crystal.density_meas_gt             ? 
_exptl_crystal.density_meas_lt             ? 
_exptl_crystal.density_meas_temp           ? 
_exptl_crystal.density_meas_temp_esd       ? 
_exptl_crystal.density_meas_temp_gt        ? 
_exptl_crystal.density_meas_temp_lt        ? 
_exptl_crystal.pdbx_crystal_image_url      ? 
_exptl_crystal.pdbx_crystal_image_format   ? 
_exptl_crystal.pdbx_mosaicity              ? 
_exptl_crystal.pdbx_mosaicity_esd          ? 
# 
_exptl_crystal_grow.apparatus       ? 
_exptl_crystal_grow.atmosphere      ? 
_exptl_crystal_grow.crystal_id      1 
_exptl_crystal_grow.details         ? 
_exptl_crystal_grow.method          'VAPOR DIFFUSION, HANGING DROP' 
_exptl_crystal_grow.method_ref      ? 
_exptl_crystal_grow.pH              5.6 
_exptl_crystal_grow.pressure        ? 
_exptl_crystal_grow.pressure_esd    ? 
_exptl_crystal_grow.seeding         ? 
_exptl_crystal_grow.seeding_ref     ? 
_exptl_crystal_grow.temp            294 
_exptl_crystal_grow.temp_details    ? 
_exptl_crystal_grow.temp_esd        ? 
_exptl_crystal_grow.time            ? 
_exptl_crystal_grow.pdbx_details    '20% PEG 4000, 0.2 M ammonium acetate pH 6.7, sodium citrate pH 5.6' 
_exptl_crystal_grow.pdbx_pH_range   ? 
# 
_diffrn.ambient_environment              ? 
_diffrn.ambient_temp                     100 
_diffrn.ambient_temp_details             ? 
_diffrn.ambient_temp_esd                 ? 
_diffrn.crystal_id                       1 
_diffrn.crystal_support                  ? 
_diffrn.crystal_treatment                ? 
_diffrn.details                          ? 
_diffrn.id                               1 
_diffrn.ambient_pressure                 ? 
_diffrn.ambient_pressure_esd             ? 
_diffrn.ambient_pressure_gt              ? 
_diffrn.ambient_pressure_lt              ? 
_diffrn.ambient_temp_gt                  ? 
_diffrn.ambient_temp_lt                  ? 
_diffrn.pdbx_serial_crystal_experiment   ? 
# 
_diffrn_detector.details                      ? 
_diffrn_detector.detector                     PIXEL 
_diffrn_detector.diffrn_id                    1 
_diffrn_detector.type                         'DECTRIS PILATUS3 X 6M' 
_diffrn_detector.area_resol_mean              ? 
_diffrn_detector.dtime                        ? 
_diffrn_detector.pdbx_frames_total            ? 
_diffrn_detector.pdbx_collection_time_total   ? 
_diffrn_detector.pdbx_collection_date         2016-06-10 
_diffrn_detector.pdbx_frequency               ? 
# 
_diffrn_radiation.collimation                      ? 
_diffrn_radiation.diffrn_id                        1 
_diffrn_radiation.filter_edge                      ? 
_diffrn_radiation.inhomogeneity                    ? 
_diffrn_radiation.monochromator                    ? 
_diffrn_radiation.polarisn_norm                    ? 
_diffrn_radiation.polarisn_ratio                   ? 
_diffrn_radiation.probe                            ? 
_diffrn_radiation.type                             ? 
_diffrn_radiation.xray_symbol                      ? 
_diffrn_radiation.wavelength_id                    1 
_diffrn_radiation.pdbx_monochromatic_or_laue_m_l   M 
_diffrn_radiation.pdbx_wavelength_list             ? 
_diffrn_radiation.pdbx_wavelength                  ? 
_diffrn_radiation.pdbx_diffrn_protocol             'SINGLE WAVELENGTH' 
_diffrn_radiation.pdbx_analyzer                    ? 
_diffrn_radiation.pdbx_scattering_type             x-ray 
# 
_diffrn_radiation_wavelength.id           1 
_diffrn_radiation_wavelength.wavelength   1.10503 
_diffrn_radiation_wavelength.wt           1.0 
# 
_diffrn_source.current                     ? 
_diffrn_source.details                     ? 
_diffrn_source.diffrn_id                   1 
_diffrn_source.power                       ? 
_diffrn_source.size                        ? 
_diffrn_source.source                      SYNCHROTRON 
_diffrn_source.target                      ? 
_diffrn_source.type                        'ALS BEAMLINE 5.0.2' 
_diffrn_source.voltage                     ? 
_diffrn_source.take-off_angle              ? 
_diffrn_source.pdbx_wavelength_list        1.10503 
_diffrn_source.pdbx_wavelength             ? 
_diffrn_source.pdbx_synchrotron_beamline   5.0.2 
_diffrn_source.pdbx_synchrotron_site       ALS 
# 
_reflns.B_iso_Wilson_estimate            52.610 
_reflns.entry_id                         6E80 
_reflns.data_reduction_details           ? 
_reflns.data_reduction_method            ? 
_reflns.d_resolution_high                2.400 
_reflns.d_resolution_low                 50.000 
_reflns.details                          ? 
_reflns.limit_h_max                      ? 
_reflns.limit_h_min                      ? 
_reflns.limit_k_max                      ? 
_reflns.limit_k_min                      ? 
_reflns.limit_l_max                      ? 
_reflns.limit_l_min                      ? 
_reflns.number_all                       ? 
_reflns.number_obs                       3961 
_reflns.observed_criterion               ? 
_reflns.observed_criterion_F_max         ? 
_reflns.observed_criterion_F_min         ? 
_reflns.observed_criterion_I_max         ? 
_reflns.observed_criterion_I_min         ? 
_reflns.observed_criterion_sigma_F       ? 
_reflns.observed_criterion_sigma_I       ? 
_reflns.percent_possible_obs             89.200 
_reflns.R_free_details                   ? 
_reflns.Rmerge_F_all                     ? 
_reflns.Rmerge_F_obs                     ? 
_reflns.Friedel_coverage                 ? 
_reflns.number_gt                        ? 
_reflns.threshold_expression             ? 
_reflns.pdbx_redundancy                  2.100 
_reflns.pdbx_Rmerge_I_obs                0.147 
_reflns.pdbx_Rmerge_I_all                ? 
_reflns.pdbx_Rsym_value                  ? 
_reflns.pdbx_netI_over_av_sigmaI         ? 
_reflns.pdbx_netI_over_sigmaI            8.400 
_reflns.pdbx_res_netI_over_av_sigmaI_2   ? 
_reflns.pdbx_res_netI_over_sigmaI_2      ? 
_reflns.pdbx_chi_squared                 5.001 
_reflns.pdbx_scaling_rejects             ? 
_reflns.pdbx_d_res_high_opt              ? 
_reflns.pdbx_d_res_low_opt               ? 
_reflns.pdbx_d_res_opt_method            ? 
_reflns.phase_calculation_details        ? 
_reflns.pdbx_Rrim_I_all                  0.184 
_reflns.pdbx_Rpim_I_all                  0.109 
_reflns.pdbx_d_opt                       ? 
_reflns.pdbx_number_measured_all         8472 
_reflns.pdbx_diffrn_id                   1 
_reflns.pdbx_ordinal                     1 
_reflns.pdbx_CC_half                     ? 
_reflns.pdbx_R_split                     ? 
# 
loop_
_reflns_shell.d_res_high 
_reflns_shell.d_res_low 
_reflns_shell.meanI_over_sigI_all 
_reflns_shell.meanI_over_sigI_obs 
_reflns_shell.number_measured_all 
_reflns_shell.number_measured_obs 
_reflns_shell.number_possible 
_reflns_shell.number_unique_all 
_reflns_shell.number_unique_obs 
_reflns_shell.percent_possible_all 
_reflns_shell.percent_possible_obs 
_reflns_shell.Rmerge_F_all 
_reflns_shell.Rmerge_F_obs 
_reflns_shell.Rmerge_I_all 
_reflns_shell.Rmerge_I_obs 
_reflns_shell.meanI_over_sigI_gt 
_reflns_shell.meanI_over_uI_all 
_reflns_shell.meanI_over_uI_gt 
_reflns_shell.number_measured_gt 
_reflns_shell.number_unique_gt 
_reflns_shell.percent_possible_gt 
_reflns_shell.Rmerge_F_gt 
_reflns_shell.Rmerge_I_gt 
_reflns_shell.pdbx_redundancy 
_reflns_shell.pdbx_Rsym_value 
_reflns_shell.pdbx_chi_squared 
_reflns_shell.pdbx_netI_over_sigmaI_all 
_reflns_shell.pdbx_netI_over_sigmaI_obs 
_reflns_shell.pdbx_Rrim_I_all 
_reflns_shell.pdbx_Rpim_I_all 
_reflns_shell.pdbx_rejects 
_reflns_shell.pdbx_ordinal 
_reflns_shell.pdbx_diffrn_id 
_reflns_shell.pdbx_CC_half 
_reflns_shell.pdbx_R_split 
2.400 2.440  ? ? ? ? ? ? 134 63.500 ? ? ? ? 0.455 ? ? ? ? ? ? ? ? 1.300 ? 0.604  ? ? 0.644 0.455 ? 1  1 0.739 ? 
2.440 2.490  ? ? ? ? ? ? 155 69.800 ? ? ? ? 0.526 ? ? ? ? ? ? ? ? 1.400 ? 0.682  ? ? 0.741 0.521 ? 2  1 0.585 ? 
2.490 2.530  ? ? ? ? ? ? 185 80.400 ? ? ? ? 0.514 ? ? ? ? ? ? ? ? 1.500 ? 0.735  ? ? 0.708 0.484 ? 3  1 0.517 ? 
2.530 2.590  ? ? ? ? ? ? 165 80.500 ? ? ? ? 0.707 ? ? ? ? ? ? ? ? 1.800 ? 0.722  ? ? 0.919 0.580 ? 4  1 0.145 ? 
2.590 2.640  ? ? ? ? ? ? 186 84.900 ? ? ? ? 0.770 ? ? ? ? ? ? ? ? 1.700 ? 0.900  ? ? 1.001 0.629 ? 5  1 0.511 ? 
2.640 2.700  ? ? ? ? ? ? 180 84.500 ? ? ? ? 0.474 ? ? ? ? ? ? ? ? 1.900 ? 0.777  ? ? 0.606 0.372 ? 6  1 0.712 ? 
2.700 2.770  ? ? ? ? ? ? 199 85.400 ? ? ? ? 0.484 ? ? ? ? ? ? ? ? 1.800 ? 0.838  ? ? 0.637 0.408 ? 7  1 0.698 ? 
2.770 2.850  ? ? ? ? ? ? 190 93.100 ? ? ? ? 0.440 ? ? ? ? ? ? ? ? 1.900 ? 0.953  ? ? 0.567 0.353 ? 8  1 0.811 ? 
2.850 2.930  ? ? ? ? ? ? 211 92.100 ? ? ? ? 0.417 ? ? ? ? ? ? ? ? 2.000 ? 0.799  ? ? 0.537 0.334 ? 9  1 0.736 ? 
2.930 3.020  ? ? ? ? ? ? 212 94.600 ? ? ? ? 0.356 ? ? ? ? ? ? ? ? 2.400 ? 1.234  ? ? 0.438 0.251 ? 10 1 0.847 ? 
3.020 3.130  ? ? ? ? ? ? 207 96.700 ? ? ? ? 0.242 ? ? ? ? ? ? ? ? 2.400 ? 2.248  ? ? 0.302 0.177 ? 11 1 0.884 ? 
3.130 3.260  ? ? ? ? ? ? 212 96.800 ? ? ? ? 0.231 ? ? ? ? ? ? ? ? 2.400 ? 2.756  ? ? 0.281 0.159 ? 12 1 0.954 ? 
3.260 3.410  ? ? ? ? ? ? 207 92.400 ? ? ? ? 0.171 ? ? ? ? ? ? ? ? 2.500 ? 2.789  ? ? 0.214 0.127 ? 13 1 0.972 ? 
3.410 3.580  ? ? ? ? ? ? 214 96.000 ? ? ? ? 0.148 ? ? ? ? ? ? ? ? 2.300 ? 2.853  ? ? 0.186 0.112 ? 14 1 0.973 ? 
3.580 3.810  ? ? ? ? ? ? 212 97.200 ? ? ? ? 0.140 ? ? ? ? ? ? ? ? 2.300 ? 3.467  ? ? 0.175 0.104 ? 15 1 0.957 ? 
3.810 4.100  ? ? ? ? ? ? 227 97.800 ? ? ? ? 0.135 ? ? ? ? ? ? ? ? 2.500 ? 4.905  ? ? 0.168 0.099 ? 16 1 0.934 ? 
4.100 4.520  ? ? ? ? ? ? 212 95.900 ? ? ? ? 0.112 ? ? ? ? ? ? ? ? 2.500 ? 4.882  ? ? 0.140 0.082 ? 17 1 0.972 ? 
4.520 5.170  ? ? ? ? ? ? 214 95.100 ? ? ? ? 0.093 ? ? ? ? ? ? ? ? 2.400 ? 5.614  ? ? 0.118 0.071 ? 18 1 0.978 ? 
5.170 6.510  ? ? ? ? ? ? 220 94.800 ? ? ? ? 0.093 ? ? ? ? ? ? ? ? 2.500 ? 8.267  ? ? 0.116 0.069 ? 19 1 0.972 ? 
6.510 50.000 ? ? ? ? ? ? 219 89.800 ? ? ? ? 0.140 ? ? ? ? ? ? ? ? 2.400 ? 30.377 ? ? 0.173 0.100 ? 20 1 0.938 ? 
# 
_refine.aniso_B[1][1]                            ? 
_refine.aniso_B[1][2]                            ? 
_refine.aniso_B[1][3]                            ? 
_refine.aniso_B[2][2]                            ? 
_refine.aniso_B[2][3]                            ? 
_refine.aniso_B[3][3]                            ? 
_refine.B_iso_max                                137.920 
_refine.B_iso_mean                               48.8336 
_refine.B_iso_min                                25.550 
_refine.correlation_coeff_Fo_to_Fc               ? 
_refine.correlation_coeff_Fo_to_Fc_free          ? 
_refine.details                                  ? 
_refine.diff_density_max                         ? 
_refine.diff_density_max_esd                     ? 
_refine.diff_density_min                         ? 
_refine.diff_density_min_esd                     ? 
_refine.diff_density_rms                         ? 
_refine.diff_density_rms_esd                     ? 
_refine.entry_id                                 6E80 
_refine.pdbx_refine_id                           'X-RAY DIFFRACTION' 
_refine.ls_abs_structure_details                 ? 
_refine.ls_abs_structure_Flack                   ? 
_refine.ls_abs_structure_Flack_esd               ? 
_refine.ls_abs_structure_Rogers                  ? 
_refine.ls_abs_structure_Rogers_esd              ? 
_refine.ls_d_res_high                            2.9010 
_refine.ls_d_res_low                             46.5060 
_refine.ls_extinction_coef                       ? 
_refine.ls_extinction_coef_esd                   ? 
_refine.ls_extinction_expression                 ? 
_refine.ls_extinction_method                     ? 
_refine.ls_goodness_of_fit_all                   ? 
_refine.ls_goodness_of_fit_all_esd               ? 
_refine.ls_goodness_of_fit_obs                   ? 
_refine.ls_goodness_of_fit_obs_esd               ? 
_refine.ls_hydrogen_treatment                    ? 
_refine.ls_matrix_type                           ? 
_refine.ls_number_constraints                    ? 
_refine.ls_number_parameters                     ? 
_refine.ls_number_reflns_all                     ? 
_refine.ls_number_reflns_obs                     4068 
_refine.ls_number_reflns_R_free                  401 
_refine.ls_number_reflns_R_work                  ? 
_refine.ls_number_restraints                     ? 
_refine.ls_percent_reflns_obs                    85.3500 
_refine.ls_percent_reflns_R_free                 9.8600 
_refine.ls_R_factor_all                          ? 
_refine.ls_R_factor_obs                          0.2575 
_refine.ls_R_factor_R_free                       0.3071 
_refine.ls_R_factor_R_free_error                 ? 
_refine.ls_R_factor_R_free_error_details         ? 
_refine.ls_R_factor_R_work                       0.2524 
_refine.ls_R_Fsqd_factor_obs                     ? 
_refine.ls_R_I_factor_obs                        ? 
_refine.ls_redundancy_reflns_all                 ? 
_refine.ls_redundancy_reflns_obs                 ? 
_refine.ls_restrained_S_all                      ? 
_refine.ls_restrained_S_obs                      ? 
_refine.ls_shift_over_esd_max                    ? 
_refine.ls_shift_over_esd_mean                   ? 
_refine.ls_structure_factor_coef                 ? 
_refine.ls_weighting_details                     ? 
_refine.ls_weighting_scheme                      ? 
_refine.ls_wR_factor_all                         ? 
_refine.ls_wR_factor_obs                         ? 
_refine.ls_wR_factor_R_free                      ? 
_refine.ls_wR_factor_R_work                      ? 
_refine.occupancy_max                            ? 
_refine.occupancy_min                            ? 
_refine.solvent_model_details                    ? 
_refine.solvent_model_param_bsol                 ? 
_refine.solvent_model_param_ksol                 ? 
_refine.ls_R_factor_gt                           ? 
_refine.ls_goodness_of_fit_gt                    ? 
_refine.ls_goodness_of_fit_ref                   ? 
_refine.ls_shift_over_su_max                     ? 
_refine.ls_shift_over_su_max_lt                  ? 
_refine.ls_shift_over_su_mean                    ? 
_refine.ls_shift_over_su_mean_lt                 ? 
_refine.pdbx_ls_sigma_I                          ? 
_refine.pdbx_ls_sigma_F                          1.410 
_refine.pdbx_ls_sigma_Fsqd                       ? 
_refine.pdbx_data_cutoff_high_absF               ? 
_refine.pdbx_data_cutoff_high_rms_absF           ? 
_refine.pdbx_data_cutoff_low_absF                ? 
_refine.pdbx_isotropic_thermal_model             ? 
_refine.pdbx_ls_cross_valid_method               THROUGHOUT 
_refine.pdbx_method_to_determine_struct          'MOLECULAR REPLACEMENT' 
_refine.pdbx_starting_model                      6E81 
_refine.pdbx_stereochemistry_target_values       ? 
_refine.pdbx_R_Free_selection_details            ? 
_refine.pdbx_stereochem_target_val_spec_case     ? 
_refine.pdbx_overall_ESU_R                       ? 
_refine.pdbx_overall_ESU_R_Free                  ? 
_refine.pdbx_solvent_vdw_probe_radii             1.1100 
_refine.pdbx_solvent_ion_probe_radii             ? 
_refine.pdbx_solvent_shrinkage_radii             0.9000 
_refine.pdbx_real_space_R                        ? 
_refine.pdbx_density_correlation                 ? 
_refine.pdbx_pd_number_of_powder_patterns        ? 
_refine.pdbx_pd_number_of_points                 ? 
_refine.pdbx_pd_meas_number_of_points            ? 
_refine.pdbx_pd_proc_ls_prof_R_factor            ? 
_refine.pdbx_pd_proc_ls_prof_wR_factor           ? 
_refine.pdbx_pd_Marquardt_correlation_coeff      ? 
_refine.pdbx_pd_Fsqrd_R_factor                   ? 
_refine.pdbx_pd_ls_matrix_band_width             ? 
_refine.pdbx_overall_phase_error                 33.3400 
_refine.pdbx_overall_SU_R_free_Cruickshank_DPI   ? 
_refine.pdbx_overall_SU_R_free_Blow_DPI          ? 
_refine.pdbx_overall_SU_R_Blow_DPI               ? 
_refine.pdbx_TLS_residual_ADP_flag               ? 
_refine.pdbx_diffrn_id                           1 
_refine.overall_SU_B                             ? 
_refine.overall_SU_ML                            0.3900 
_refine.overall_SU_R_Cruickshank_DPI             ? 
_refine.overall_SU_R_free                        ? 
_refine.overall_FOM_free_R_set                   ? 
_refine.overall_FOM_work_R_set                   ? 
_refine.pdbx_average_fsc_overall                 ? 
_refine.pdbx_average_fsc_work                    ? 
_refine.pdbx_average_fsc_free                    ? 
# 
_refine_hist.cycle_id                         final 
_refine_hist.pdbx_refine_id                   'X-RAY DIFFRACTION' 
_refine_hist.d_res_high                       2.9010 
_refine_hist.d_res_low                        46.5060 
_refine_hist.pdbx_number_atoms_ligand         36 
_refine_hist.number_atoms_solvent             2 
_refine_hist.number_atoms_total               800 
_refine_hist.pdbx_number_residues_total       35 
_refine_hist.pdbx_B_iso_mean_ligand           61.16 
_refine_hist.pdbx_B_iso_mean_solvent          38.04 
_refine_hist.pdbx_number_atoms_protein        0 
_refine_hist.pdbx_number_atoms_nucleic_acid   762 
# 
loop_
_refine_ls_restr.pdbx_refine_id 
_refine_ls_restr.criterion 
_refine_ls_restr.dev_ideal 
_refine_ls_restr.dev_ideal_target 
_refine_ls_restr.number 
_refine_ls_restr.rejects 
_refine_ls_restr.type 
_refine_ls_restr.weight 
_refine_ls_restr.pdbx_restraint_function 
'X-RAY DIFFRACTION' ? 0.001  ? 878  ? f_bond_d           ? ? 
'X-RAY DIFFRACTION' ? 0.292  ? 1384 ? f_angle_d          ? ? 
'X-RAY DIFFRACTION' ? 0.019  ? 175  ? f_chiral_restr     ? ? 
'X-RAY DIFFRACTION' ? 0.002  ? 37   ? f_plane_restr      ? ? 
'X-RAY DIFFRACTION' ? 12.365 ? 417  ? f_dihedral_angle_d ? ? 
# 
loop_
_refine_ls_shell.pdbx_refine_id 
_refine_ls_shell.d_res_high 
_refine_ls_shell.d_res_low 
_refine_ls_shell.number_reflns_all 
_refine_ls_shell.number_reflns_obs 
_refine_ls_shell.number_reflns_R_free 
_refine_ls_shell.number_reflns_R_work 
_refine_ls_shell.percent_reflns_obs 
_refine_ls_shell.percent_reflns_R_free 
_refine_ls_shell.R_factor_all 
_refine_ls_shell.R_factor_obs 
_refine_ls_shell.R_factor_R_free 
_refine_ls_shell.R_factor_R_free_error 
_refine_ls_shell.R_factor_R_work 
_refine_ls_shell.redundancy_reflns_all 
_refine_ls_shell.redundancy_reflns_obs 
_refine_ls_shell.wR_factor_all 
_refine_ls_shell.wR_factor_obs 
_refine_ls_shell.wR_factor_R_free 
_refine_ls_shell.wR_factor_R_work 
_refine_ls_shell.pdbx_total_number_of_bins_used 
_refine_ls_shell.pdbx_phase_error 
_refine_ls_shell.pdbx_fsc_work 
_refine_ls_shell.pdbx_fsc_free 
'X-RAY DIFFRACTION' 2.9009 3.3205  1344 . 136 1208 85.0000 . . . 0.3050 0.0000 0.2505 . . . . . . 3 . . . 
'X-RAY DIFFRACTION' 3.3205 4.1831  1347 . 135 1212 85.0000 . . . 0.2705 0.0000 0.2461 . . . . . . 3 . . . 
'X-RAY DIFFRACTION' 4.1831 46.5120 1377 . 130 1247 86.0000 . . . 0.3337 0.0000 0.2572 . . . . . . 3 . . . 
# 
_struct.entry_id                     6E80 
_struct.title                        'Crystal structure of the Corn aptamer in unliganded state' 
_struct.pdbx_model_details           ? 
_struct.pdbx_formula_weight          ? 
_struct.pdbx_formula_weight_method   ? 
_struct.pdbx_model_type_details      ? 
_struct.pdbx_CASP_flag               N 
# 
_struct_keywords.entry_id        6E80 
_struct_keywords.text            'polyribonucleotide, fluorigenic aptamer, G-quadruplex, apo, RNA' 
_struct_keywords.pdbx_keywords   RNA 
# 
loop_
_struct_asym.id 
_struct_asym.pdbx_blank_PDB_chainid_flag 
_struct_asym.pdbx_modified 
_struct_asym.entity_id 
_struct_asym.details 
A N N 1 ? 
B N N 2 ? 
C N N 2 ? 
D N N 2 ? 
E N N 3 ? 
F N N 4 ? 
G N N 4 ? 
H N N 4 ? 
I N N 4 ? 
J N N 5 ? 
K N N 5 ? 
L N N 6 ? 
M N N 6 ? 
N N N 7 ? 
# 
loop_
_struct_conn.id 
_struct_conn.conn_type_id 
_struct_conn.pdbx_leaving_atom_flag 
_struct_conn.pdbx_PDB_id 
_struct_conn.ptnr1_label_asym_id 
_struct_conn.ptnr1_label_comp_id 
_struct_conn.ptnr1_label_seq_id 
_struct_conn.ptnr1_label_atom_id 
_struct_conn.pdbx_ptnr1_label_alt_id 
_struct_conn.pdbx_ptnr1_PDB_ins_code 
_struct_conn.pdbx_ptnr1_standard_comp_id 
_struct_conn.ptnr1_symmetry 
_struct_conn.ptnr2_label_asym_id 
_struct_conn.ptnr2_label_comp_id 
_struct_conn.ptnr2_label_seq_id 
_struct_conn.ptnr2_label_atom_id 
_struct_conn.pdbx_ptnr2_label_alt_id 
_struct_conn.pdbx_ptnr2_PDB_ins_code 
_struct_conn.ptnr1_auth_asym_id 
_struct_conn.ptnr1_auth_comp_id 
_struct_conn.ptnr1_auth_seq_id 
_struct_conn.ptnr2_auth_asym_id 
_struct_conn.ptnr2_auth_comp_id 
_struct_conn.ptnr2_auth_seq_id 
_struct_conn.ptnr2_symmetry 
_struct_conn.pdbx_ptnr3_label_atom_id 
_struct_conn.pdbx_ptnr3_label_seq_id 
_struct_conn.pdbx_ptnr3_label_comp_id 
_struct_conn.pdbx_ptnr3_label_asym_id 
_struct_conn.pdbx_ptnr3_label_alt_id 
_struct_conn.pdbx_ptnr3_PDB_ins_code 
_struct_conn.details 
_struct_conn.pdbx_dist_value 
_struct_conn.pdbx_value_order 
_struct_conn.pdbx_role 
metalc1  metalc ? ? A G 12 O6  ? ? ? 1_555 E K  .  K  ? ? A G 12 A K  104 1_555 ? ? ? ? ? ? ?            2.871 ? ? 
metalc2  metalc ? ? A G 13 O6  ? ? ? 1_555 E K  .  K  ? ? A G 13 A K  104 1_555 ? ? ? ? ? ? ?            2.847 ? ? 
metalc3  metalc ? ? A G 15 O6  ? ? ? 1_555 E K  .  K  ? ? A G 15 A K  104 1_555 ? ? ? ? ? ? ?            2.895 ? ? 
metalc4  metalc ? ? A G 16 O6  ? ? ? 1_555 E K  .  K  ? ? A G 16 A K  104 1_555 ? ? ? ? ? ? ?            2.877 ? ? 
metalc5  metalc ? ? A G 22 O6  ? ? ? 1_555 E K  .  K  ? ? A G 22 A K  104 1_555 ? ? ? ? ? ? ?            2.802 ? ? 
metalc6  metalc ? ? A G 23 O6  ? ? ? 1_555 E K  .  K  ? ? A G 23 A K  104 1_555 ? ? ? ? ? ? ?            2.878 ? ? 
metalc7  metalc ? ? A G 25 O6  ? ? ? 1_555 E K  .  K  ? ? A G 25 A K  104 1_555 ? ? ? ? ? ? ?            2.983 ? ? 
metalc8  metalc ? ? A G 26 O6  ? ? ? 1_555 E K  .  K  ? ? A G 26 A K  104 1_555 ? ? ? ? ? ? ?            3.155 ? ? 
metalc9  metalc ? ? A C 35 OP1 ? ? ? 1_555 H MG .  MG ? ? A C 35 A MG 107 1_555 ? ? ? ? ? ? ?            2.859 ? ? 
hydrog1  hydrog ? ? A G 2  N1  ? ? ? 1_555 A C  35 N3 ? ? A G 2  A C  35  1_555 ? ? ? ? ? ? WATSON-CRICK ?     ? ? 
hydrog2  hydrog ? ? A G 2  N2  ? ? ? 1_555 A C  35 O2 ? ? A G 2  A C  35  1_555 ? ? ? ? ? ? WATSON-CRICK ?     ? ? 
hydrog3  hydrog ? ? A G 2  O6  ? ? ? 1_555 A C  35 N4 ? ? A G 2  A C  35  1_555 ? ? ? ? ? ? WATSON-CRICK ?     ? ? 
hydrog4  hydrog ? ? A C 3  N3  ? ? ? 1_555 A G  34 N1 ? ? A C 3  A G  34  1_555 ? ? ? ? ? ? WATSON-CRICK ?     ? ? 
hydrog5  hydrog ? ? A C 3  N4  ? ? ? 1_555 A G  34 O6 ? ? A C 3  A G  34  1_555 ? ? ? ? ? ? WATSON-CRICK ?     ? ? 
hydrog6  hydrog ? ? A C 3  O2  ? ? ? 1_555 A G  34 N2 ? ? A C 3  A G  34  1_555 ? ? ? ? ? ? WATSON-CRICK ?     ? ? 
hydrog7  hydrog ? ? A G 4  N1  ? ? ? 1_555 A C  33 N3 ? ? A G 4  A C  33  1_555 ? ? ? ? ? ? WATSON-CRICK ?     ? ? 
hydrog8  hydrog ? ? A G 4  N2  ? ? ? 1_555 A C  33 O2 ? ? A G 4  A C  33  1_555 ? ? ? ? ? ? WATSON-CRICK ?     ? ? 
hydrog9  hydrog ? ? A G 4  O6  ? ? ? 1_555 A C  33 N4 ? ? A G 4  A C  33  1_555 ? ? ? ? ? ? WATSON-CRICK ?     ? ? 
hydrog10 hydrog ? ? A C 5  N3  ? ? ? 1_555 A G  32 N1 ? ? A C 5  A G  32  1_555 ? ? ? ? ? ? WATSON-CRICK ?     ? ? 
hydrog11 hydrog ? ? A C 5  N4  ? ? ? 1_555 A G  32 O6 ? ? A C 5  A G  32  1_555 ? ? ? ? ? ? WATSON-CRICK ?     ? ? 
hydrog12 hydrog ? ? A C 5  O2  ? ? ? 1_555 A G  32 N2 ? ? A C 5  A G  32  1_555 ? ? ? ? ? ? WATSON-CRICK ?     ? ? 
hydrog13 hydrog ? ? A G 9  N1  ? ? ? 1_555 A C  18 N3 ? ? A G 9  A C  18  1_555 ? ? ? ? ? ? WATSON-CRICK ?     ? ? 
hydrog14 hydrog ? ? A G 9  N2  ? ? ? 1_555 A C  18 O2 ? ? A G 9  A C  18  1_555 ? ? ? ? ? ? WATSON-CRICK ?     ? ? 
hydrog15 hydrog ? ? A G 9  O6  ? ? ? 1_555 A C  18 N4 ? ? A G 9  A C  18  1_555 ? ? ? ? ? ? WATSON-CRICK ?     ? ? 
hydrog16 hydrog ? ? A G 12 N2  ? ? ? 1_555 A A  14 N7 ? ? A G 12 A A  14  1_555 ? ? ? ? ? ? TYPE_11_PAIR ?     ? ? 
hydrog17 hydrog ? ? A G 12 N3  ? ? ? 1_555 A A  14 N6 ? ? A G 12 A A  14  1_555 ? ? ? ? ? ? TYPE_11_PAIR ?     ? ? 
hydrog18 hydrog ? ? A G 12 N1  ? ? ? 1_555 A G  15 O6 ? ? A G 12 A G  15  1_555 ? ? ? ? ? ? TYPE_6_PAIR  ?     ? ? 
hydrog19 hydrog ? ? A G 12 N2  ? ? ? 1_555 A G  15 N7 ? ? A G 12 A G  15  1_555 ? ? ? ? ? ? TYPE_6_PAIR  ?     ? ? 
hydrog20 hydrog ? ? A G 12 N7  ? ? ? 1_555 A G  25 N2 ? ? A G 12 A G  25  1_555 ? ? ? ? ? ? TYPE_6_PAIR  ?     ? ? 
hydrog21 hydrog ? ? A G 12 O6  ? ? ? 1_555 A G  25 N1 ? ? A G 12 A G  25  1_555 ? ? ? ? ? ? TYPE_6_PAIR  ?     ? ? 
hydrog22 hydrog ? ? A G 13 N1  ? ? ? 1_555 A G  16 O6 ? ? A G 13 A G  16  1_555 ? ? ? ? ? ? TYPE_6_PAIR  ?     ? ? 
hydrog23 hydrog ? ? A G 13 N2  ? ? ? 1_555 A G  16 N7 ? ? A G 13 A G  16  1_555 ? ? ? ? ? ? TYPE_6_PAIR  ?     ? ? 
hydrog24 hydrog ? ? A G 13 N7  ? ? ? 1_555 A G  26 N2 ? ? A G 13 A G  26  1_555 ? ? ? ? ? ? TYPE_6_PAIR  ?     ? ? 
hydrog25 hydrog ? ? A G 13 O6  ? ? ? 1_555 A G  26 N1 ? ? A G 13 A G  26  1_555 ? ? ? ? ? ? TYPE_6_PAIR  ?     ? ? 
hydrog26 hydrog ? ? A G 15 N1  ? ? ? 1_555 A G  22 O6 ? ? A G 15 A G  22  1_555 ? ? ? ? ? ? TYPE_6_PAIR  ?     ? ? 
hydrog27 hydrog ? ? A G 15 N2  ? ? ? 1_555 A G  22 N7 ? ? A G 15 A G  22  1_555 ? ? ? ? ? ? TYPE_6_PAIR  ?     ? ? 
hydrog28 hydrog ? ? A G 16 N1  ? ? ? 1_555 A G  23 O6 ? ? A G 16 A G  23  1_555 ? ? ? ? ? ? TYPE_6_PAIR  ?     ? ? 
hydrog29 hydrog ? ? A G 16 N2  ? ? ? 1_555 A G  23 N7 ? ? A G 16 A G  23  1_555 ? ? ? ? ? ? TYPE_6_PAIR  ?     ? ? 
hydrog30 hydrog ? ? A G 20 N2  ? ? ? 1_555 A C  28 O2 ? ? A G 20 A C  28  1_555 ? ? ? ? ? ? 'G-C PAIR'   ?     ? ? 
hydrog31 hydrog ? ? A A 21 N6  ? ? ? 1_555 A U  27 O4 ? ? A A 21 A U  27  1_555 ? ? ? ? ? ? 'A-U PAIR'   ?     ? ? 
hydrog32 hydrog ? ? A G 22 N1  ? ? ? 1_555 A G  25 O6 ? ? A G 22 A G  25  1_555 ? ? ? ? ? ? TYPE_6_PAIR  ?     ? ? 
hydrog33 hydrog ? ? A G 22 N2  ? ? ? 1_555 A G  25 N7 ? ? A G 22 A G  25  1_555 ? ? ? ? ? ? TYPE_6_PAIR  ?     ? ? 
hydrog34 hydrog ? ? A G 23 N1  ? ? ? 1_555 A G  26 O6 ? ? A G 23 A G  26  1_555 ? ? ? ? ? ? TYPE_6_PAIR  ?     ? ? 
hydrog35 hydrog ? ? A G 23 N2  ? ? ? 1_555 A G  26 N7 ? ? A G 23 A G  26  1_555 ? ? ? ? ? ? TYPE_6_PAIR  ?     ? ? 
# 
loop_
_struct_conn_type.id 
_struct_conn_type.criteria 
_struct_conn_type.reference 
metalc ? ? 
hydrog ? ? 
# 
loop_
_struct_site.id 
_struct_site.pdbx_evidence_code 
_struct_site.pdbx_auth_asym_id 
_struct_site.pdbx_auth_comp_id 
_struct_site.pdbx_auth_seq_id 
_struct_site.pdbx_auth_ins_code 
_struct_site.pdbx_num_residues 
_struct_site.details 
AC1 Software A IRI 101 ? 5 'binding site for residue IRI A 101' 
AC2 Software A IRI 102 ? 4 'binding site for residue IRI A 102' 
AC3 Software A IRI 103 ? 4 'binding site for residue IRI A 103' 
AC4 Software A K   104 ? 8 'binding site for residue K A 104'   
AC5 Software A MG  107 ? 1 'binding site for residue MG A 107'  
AC6 Software A ACT 109 ? 2 'binding site for residue ACT A 109' 
AC7 Software A ACT 110 ? 2 'binding site for residue ACT A 110' 
AC8 Software A IR  111 ? 1 'binding site for residue IR A 111'  
# 
loop_
_struct_site_gen.id 
_struct_site_gen.site_id 
_struct_site_gen.pdbx_num_res 
_struct_site_gen.label_comp_id 
_struct_site_gen.label_asym_id 
_struct_site_gen.label_seq_id 
_struct_site_gen.pdbx_auth_ins_code 
_struct_site_gen.auth_comp_id 
_struct_site_gen.auth_asym_id 
_struct_site_gen.auth_seq_id 
_struct_site_gen.label_atom_id 
_struct_site_gen.label_alt_id 
_struct_site_gen.symmetry 
_struct_site_gen.details 
1  AC1 5 A   A 29 ? A   A 29  . ? 1_555 ? 
2  AC1 5 C   A 30 ? C   A 30  . ? 1_555 ? 
3  AC1 5 U   A 31 ? U   A 31  . ? 2_665 ? 
4  AC1 5 U   A 31 ? U   A 31  . ? 1_555 ? 
5  AC1 5 G   A 32 ? G   A 32  . ? 2_665 ? 
6  AC2 4 U   A 19 ? U   A 19  . ? 1_555 ? 
7  AC2 4 G   A 20 ? G   A 20  . ? 1_555 ? 
8  AC2 4 C   A 33 ? C   A 33  . ? 2_665 ? 
9  AC2 4 G   A 34 ? G   A 34  . ? 2_665 ? 
10 AC3 4 G   A 6  ? G   A 6   . ? 2_665 ? 
11 AC3 4 A   A 7  ? A   A 7   . ? 2_665 ? 
12 AC3 4 U   A 27 ? U   A 27  . ? 1_555 ? 
13 AC3 4 C   A 28 ? C   A 28  . ? 1_555 ? 
14 AC4 8 G   A 12 ? G   A 12  . ? 1_555 ? 
15 AC4 8 G   A 13 ? G   A 13  . ? 1_555 ? 
16 AC4 8 G   A 15 ? G   A 15  . ? 1_555 ? 
17 AC4 8 G   A 16 ? G   A 16  . ? 1_555 ? 
18 AC4 8 G   A 22 ? G   A 22  . ? 1_555 ? 
19 AC4 8 G   A 23 ? G   A 23  . ? 1_555 ? 
20 AC4 8 G   A 25 ? G   A 25  . ? 1_555 ? 
21 AC4 8 G   A 26 ? G   A 26  . ? 1_555 ? 
22 AC5 1 C   A 35 ? C   A 35  . ? 1_555 ? 
23 AC6 2 G   A 20 ? G   A 20  . ? 1_555 ? 
24 AC6 2 G   A 34 ? G   A 34  . ? 2_665 ? 
25 AC7 2 A   A 10 ? A   A 10  . ? 1_555 ? 
26 AC7 2 A   A 11 ? A   A 11  . ? 1_555 ? 
27 AC8 1 HOH N .  ? HOH A 201 . ? 1_555 ? 
# 
_atom_sites.entry_id                    6E80 
_atom_sites.fract_transf_matrix[1][1]   0.00066102 
_atom_sites.fract_transf_matrix[1][2]   0.00907852 
_atom_sites.fract_transf_matrix[1][3]   0.00844123 
_atom_sites.fract_transf_matrix[2][1]   0.00641301 
_atom_sites.fract_transf_matrix[2][2]   0.01033503 
_atom_sites.fract_transf_matrix[2][3]   -0.00248850 
_atom_sites.fract_transf_matrix[3][1]   -0.01236289 
_atom_sites.fract_transf_matrix[3][2]   0.00627853 
_atom_sites.fract_transf_matrix[3][3]   -0.00578443 
_atom_sites.fract_transf_vector[1]      0.543972 
_atom_sites.fract_transf_vector[2]      0.747640 
_atom_sites.fract_transf_vector[3]      0.409507 
# 
loop_
_atom_type.symbol 
C  
IR 
K  
MG 
N  
O  
P  
# 
loop_
_atom_site.group_PDB 
_atom_site.id 
_atom_site.type_symbol 
_atom_site.label_atom_id 
_atom_site.label_alt_id 
_atom_site.label_comp_id 
_atom_site.label_asym_id 
_atom_site.label_entity_id 
_atom_site.label_seq_id 
_atom_site.pdbx_PDB_ins_code 
_atom_site.Cartn_x 
_atom_site.Cartn_y 
_atom_site.Cartn_z 
_atom_site.occupancy 
_atom_site.B_iso_or_equiv 
_atom_site.pdbx_formal_charge 
_atom_site.auth_seq_id 
_atom_site.auth_comp_id 
_atom_site.auth_asym_id 
_atom_site.auth_atom_id 
_atom_site.pdbx_PDB_model_num 
ATOM   1   P  P     . G   A 1 2  ? -11.477 8.671   1.088   1.00 105.89 ?  2   G   A P     1 
ATOM   2   O  OP1   . G   A 1 2  ? -11.646 10.140  1.225   1.00 108.84 ?  2   G   A OP1   1 
ATOM   3   O  OP2   . G   A 1 2  ? -10.112 8.085   1.098   1.00 103.17 ?  2   G   A OP2   1 
ATOM   4   O  "O5'" . G   A 1 2  ? -12.323 7.966   2.240   1.00 105.85 ?  2   G   A "O5'" 1 
ATOM   5   C  "C5'" . G   A 1 2  ? -11.793 6.867   2.965   1.00 103.15 ?  2   G   A "C5'" 1 
ATOM   6   C  "C4'" . G   A 1 2  ? -12.779 6.345   3.980   1.00 103.22 ?  2   G   A "C4'" 1 
ATOM   7   O  "O4'" . G   A 1 2  ? -14.019 5.985   3.317   1.00 104.46 ?  2   G   A "O4'" 1 
ATOM   8   C  "C3'" . G   A 1 2  ? -12.371 5.079   4.717   1.00 100.23 ?  2   G   A "C3'" 1 
ATOM   9   O  "O3'" . G   A 1 2  ? -11.494 5.328   5.801   1.00 98.32  ?  2   G   A "O3'" 1 
ATOM   10  C  "C2'" . G   A 1 2  ? -13.711 4.493   5.141   1.00 102.63 ?  2   G   A "C2'" 1 
ATOM   11  O  "O2'" . G   A 1 2  ? -14.211 5.165   6.288   1.00 104.65 ?  2   G   A "O2'" 1 
ATOM   12  C  "C1'" . G   A 1 2  ? -14.592 4.858   3.947   1.00 104.80 ?  2   G   A "C1'" 1 
ATOM   13  N  N9    . G   A 1 2  ? -14.676 3.762   2.962   1.00 104.41 ?  2   G   A N9    1 
ATOM   14  C  C8    . G   A 1 2  ? -14.224 3.780   1.665   1.00 103.23 ?  2   G   A C8    1 
ATOM   15  N  N7    . G   A 1 2  ? -14.441 2.660   1.031   1.00 102.32 ?  2   G   A N7    1 
ATOM   16  C  C5    . G   A 1 2  ? -15.078 1.853   1.965   1.00 103.28 ?  2   G   A C5    1 
ATOM   17  C  C6    . G   A 1 2  ? -15.558 0.523   1.856   1.00 104.05 ?  2   G   A C6    1 
ATOM   18  O  O6    . G   A 1 2  ? -15.517 -0.236  0.880   1.00 103.52 ?  2   G   A O6    1 
ATOM   19  N  N1    . G   A 1 2  ? -16.137 0.089   3.044   1.00 105.86 ?  2   G   A N1    1 
ATOM   20  C  C2    . G   A 1 2  ? -16.240 0.837   4.190   1.00 107.45 ?  2   G   A C2    1 
ATOM   21  N  N2    . G   A 1 2  ? -16.833 0.243   5.237   1.00 109.56 ?  2   G   A N2    1 
ATOM   22  N  N3    . G   A 1 2  ? -15.798 2.078   4.305   1.00 107.00 ?  2   G   A N3    1 
ATOM   23  C  C4    . G   A 1 2  ? -15.233 2.520   3.162   1.00 104.86 ?  2   G   A C4    1 
ATOM   24  P  P     . C   A 1 3  ? -10.366 4.253   6.193   1.00 93.26  ?  3   C   A P     1 
ATOM   25  O  OP1   . C   A 1 3  ? -9.502  4.857   7.239   1.00 93.23  ?  3   C   A OP1   1 
ATOM   26  O  OP2   . C   A 1 3  ? -9.755  3.747   4.937   1.00 90.93  ?  3   C   A OP2   1 
ATOM   27  O  "O5'" . C   A 1 3  ? -11.180 3.058   6.861   1.00 91.17  ?  3   C   A "O5'" 1 
ATOM   28  C  "C5'" . C   A 1 3  ? -11.886 3.245   8.079   1.00 89.33  ?  3   C   A "C5'" 1 
ATOM   29  C  "C4'" . C   A 1 3  ? -12.646 2.003   8.472   1.00 84.48  ?  3   C   A "C4'" 1 
ATOM   30  O  "O4'" . C   A 1 3  ? -13.608 1.671   7.436   1.00 82.88  ?  3   C   A "O4'" 1 
ATOM   31  C  "C3'" . C   A 1 3  ? -11.815 0.738   8.626   1.00 78.04  ?  3   C   A "C3'" 1 
ATOM   32  O  "O3'" . C   A 1 3  ? -11.169 0.652   9.883   1.00 74.07  ?  3   C   A "O3'" 1 
ATOM   33  C  "C2'" . C   A 1 3  ? -12.838 -0.366  8.389   1.00 79.09  ?  3   C   A "C2'" 1 
ATOM   34  O  "O2'" . C   A 1 3  ? -13.619 -0.586  9.555   1.00 81.69  ?  3   C   A "O2'" 1 
ATOM   35  C  "C1'" . C   A 1 3  ? -13.730 0.269   7.321   1.00 79.46  ?  3   C   A "C1'" 1 
ATOM   36  N  N1    . C   A 1 3  ? -13.337 -0.129  5.949   1.00 73.67  ?  3   C   A N1    1 
ATOM   37  C  C2    . C   A 1 3  ? -13.719 -1.387  5.470   1.00 71.68  ?  3   C   A C2    1 
ATOM   38  O  O2    . C   A 1 3  ? -14.373 -2.143  6.206   1.00 73.04  ?  3   C   A O2    1 
ATOM   39  N  N3    . C   A 1 3  ? -13.365 -1.754  4.217   1.00 68.64  ?  3   C   A N3    1 
ATOM   40  C  C4    . C   A 1 3  ? -12.661 -0.920  3.449   1.00 66.43  ?  3   C   A C4    1 
ATOM   41  N  N4    . C   A 1 3  ? -12.336 -1.327  2.220   1.00 64.34  ?  3   C   A N4    1 
ATOM   42  C  C5    . C   A 1 3  ? -12.261 0.368   3.908   1.00 67.32  ?  3   C   A C5    1 
ATOM   43  C  C6    . C   A 1 3  ? -12.618 0.718   5.151   1.00 70.46  ?  3   C   A C6    1 
ATOM   44  P  P     . G   A 1 4  ? -9.826  -0.215  10.044  1.00 68.48  ?  4   G   A P     1 
ATOM   45  O  OP1   . G   A 1 4  ? -9.186  0.169   11.328  1.00 69.88  ?  4   G   A OP1   1 
ATOM   46  O  OP2   . G   A 1 4  ? -9.056  -0.117  8.778   1.00 64.96  ?  4   G   A OP2   1 
ATOM   47  O  "O5'" . G   A 1 4  ? -10.346 -1.715  10.187  1.00 67.11  ?  4   G   A "O5'" 1 
ATOM   48  C  "C5'" . G   A 1 4  ? -9.449  -2.808  10.079  1.00 64.04  ?  4   G   A "C5'" 1 
ATOM   49  C  "C4'" . G   A 1 4  ? -10.179 -4.127  10.083  1.00 63.14  ?  4   G   A "C4'" 1 
ATOM   50  O  "O4'" . G   A 1 4  ? -11.328 -4.054  9.200   1.00 62.26  ?  4   G   A "O4'" 1 
ATOM   51  C  "C3'" . G   A 1 4  ? -9.389  -5.321  9.567   1.00 60.51  ?  4   G   A "C3'" 1 
ATOM   52  O  "O3'" . G   A 1 4  ? -8.526  -5.875  10.543  1.00 60.45  ?  4   G   A "O3'" 1 
ATOM   53  C  "C2'" . G   A 1 4  ? -10.486 -6.274  9.107   1.00 60.94  ?  4   G   A "C2'" 1 
ATOM   54  O  "O2'" . G   A 1 4  ? -11.056 -6.955  10.215  1.00 63.18  ?  4   G   A "O2'" 1 
ATOM   55  C  "C1'" . G   A 1 4  ? -11.523 -5.296  8.555   1.00 61.35  ?  4   G   A "C1'" 1 
ATOM   56  N  N9    . G   A 1 4  ? -11.379 -5.093  7.100   1.00 58.99  ?  4   G   A N9    1 
ATOM   57  C  C8    . G   A 1 4  ? -10.920 -3.963  6.468   1.00 57.49  ?  4   G   A C8    1 
ATOM   58  N  N7    . G   A 1 4  ? -10.905 -4.072  5.168   1.00 56.07  ?  4   G   A N7    1 
ATOM   59  C  C5    . G   A 1 4  ? -11.386 -5.350  4.925   1.00 56.60  ?  4   G   A C5    1 
ATOM   60  C  C6    . G   A 1 4  ? -11.597 -6.035  3.699   1.00 55.55  ?  4   G   A C6    1 
ATOM   61  O  O6    . G   A 1 4  ? -11.391 -5.635  2.547   1.00 54.22  ?  4   G   A O6    1 
ATOM   62  N  N1    . G   A 1 4  ? -12.096 -7.316  3.909   1.00 56.52  ?  4   G   A N1    1 
ATOM   63  C  C2    . G   A 1 4  ? -12.361 -7.868  5.138   1.00 58.64  ?  4   G   A C2    1 
ATOM   64  N  N2    . G   A 1 4  ? -12.841 -9.120  5.131   1.00 60.33  ?  4   G   A N2    1 
ATOM   65  N  N3    . G   A 1 4  ? -12.170 -7.241  6.287   1.00 59.46  ?  4   G   A N3    1 
ATOM   66  C  C4    . G   A 1 4  ? -11.684 -5.994  6.108   1.00 58.25  ?  4   G   A C4    1 
ATOM   67  P  P     . C   A 1 5  ? -6.991  -6.187  10.179  1.00 57.44  ?  5   C   A P     1 
ATOM   68  O  OP1   . C   A 1 5  ? -6.254  -6.414  11.448  1.00 58.60  ?  5   C   A OP1   1 
ATOM   69  O  OP2   . C   A 1 5  ? -6.522  -5.144  9.232   1.00 54.73  ?  5   C   A OP2   1 
ATOM   70  O  "O5'" . C   A 1 5  ? -7.057  -7.573  9.398   1.00 56.58  ?  5   C   A "O5'" 1 
ATOM   71  C  "C5'" . C   A 1 5  ? -7.553  -8.742  10.032  1.00 57.61  ?  5   C   A "C5'" 1 
ATOM   72  C  "C4'" . C   A 1 5  ? -8.031  -9.761  9.029   1.00 55.75  ?  5   C   A "C4'" 1 
ATOM   73  O  "O4'" . C   A 1 5  ? -9.113  -9.204  8.237   1.00 55.14  ?  5   C   A "O4'" 1 
ATOM   74  C  "C3'" . C   A 1 5  ? -7.012  -10.206 7.992   1.00 52.32  ?  5   C   A "C3'" 1 
ATOM   75  O  "O3'" . C   A 1 5  ? -6.103  -11.177 8.477   1.00 51.97  ?  5   C   A "O3'" 1 
ATOM   76  C  "C2'" . C   A 1 5  ? -7.898  -10.708 6.860   1.00 53.18  ?  5   C   A "C2'" 1 
ATOM   77  O  "O2'" . C   A 1 5  ? -8.414  -11.997 7.162   1.00 56.42  ?  5   C   A "O2'" 1 
ATOM   78  C  "C1'" . C   A 1 5  ? -9.049  -9.703  6.916   1.00 53.56  ?  5   C   A "C1'" 1 
ATOM   79  N  N1    . C   A 1 5  ? -8.829  -8.569  5.987   1.00 50.84  ?  5   C   A N1    1 
ATOM   80  C  C2    . C   A 1 5  ? -9.103  -8.753  4.629   1.00 49.17  ?  5   C   A C2    1 
ATOM   81  O  O2    . C   A 1 5  ? -9.526  -9.853  4.242   1.00 50.05  ?  5   C   A O2    1 
ATOM   82  N  N3    . C   A 1 5  ? -8.903  -7.729  3.768   1.00 46.89  ?  5   C   A N3    1 
ATOM   83  C  C4    . C   A 1 5  ? -8.448  -6.559  4.218   1.00 46.29  ?  5   C   A C4    1 
ATOM   84  N  N4    . C   A 1 5  ? -8.267  -5.576  3.333   1.00 45.02  ?  5   C   A N4    1 
ATOM   85  C  C5    . C   A 1 5  ? -8.158  -6.343  5.595   1.00 47.62  ?  5   C   A C5    1 
ATOM   86  C  C6    . C   A 1 5  ? -8.361  -7.365  6.436   1.00 49.86  ?  5   C   A C6    1 
ATOM   87  P  P     . G   A 1 6  ? -4.579  -11.177 7.966   1.00 50.40  ?  6   G   A P     1 
ATOM   88  O  OP1   . G   A 1 6  ? -3.839  -12.223 8.716   1.00 53.05  ?  6   G   A OP1   1 
ATOM   89  O  OP2   . G   A 1 6  ? -4.093  -9.774  7.986   1.00 49.12  ?  6   G   A OP2   1 
ATOM   90  O  "O5'" . G   A 1 6  ? -4.680  -11.637 6.443   1.00 48.42  ?  6   G   A "O5'" 1 
ATOM   91  C  "C5'" . G   A 1 6  ? -5.204  -12.911 6.099   1.00 49.95  ?  6   G   A "C5'" 1 
ATOM   92  C  "C4'" . G   A 1 6  ? -5.475  -13.022 4.618   1.00 50.02  ?  6   G   A "C4'" 1 
ATOM   93  O  "O4'" . G   A 1 6  ? -6.419  -11.999 4.205   1.00 48.02  ?  6   G   A "O4'" 1 
ATOM   94  C  "C3'" . G   A 1 6  ? -4.282  -12.806 3.702   1.00 49.78  ?  6   G   A "C3'" 1 
ATOM   95  O  "O3'" . G   A 1 6  ? -3.450  -13.948 3.598   1.00 52.51  ?  6   G   A "O3'" 1 
ATOM   96  C  "C2'" . G   A 1 6  ? -4.942  -12.409 2.388   1.00 45.92  ?  6   G   A "C2'" 1 
ATOM   97  O  "O2'" . G   A 1 6  ? -5.443  -13.553 1.711   1.00 45.50  ?  6   G   A "O2'" 1 
ATOM   98  C  "C1'" . G   A 1 6  ? -6.130  -11.584 2.886   1.00 45.81  ?  6   G   A "C1'" 1 
ATOM   99  N  N9    . G   A 1 6  ? -5.834  -10.138 2.892   1.00 44.48  ?  6   G   A N9    1 
ATOM   100 C  C8    . G   A 1 6  ? -5.629  -9.331  3.982   1.00 44.72  ?  6   G   A C8    1 
ATOM   101 N  N7    . G   A 1 6  ? -5.385  -8.089  3.662   1.00 43.37  ?  6   G   A N7    1 
ATOM   102 C  C5    . G   A 1 6  ? -5.432  -8.073  2.275   1.00 42.27  ?  6   G   A C5    1 
ATOM   103 C  C6    . G   A 1 6  ? -5.247  -7.005  1.358   1.00 41.74  ?  6   G   A C6    1 
ATOM   104 O  O6    . G   A 1 6  ? -4.995  -5.816  1.594   1.00 41.78  ?  6   G   A O6    1 
ATOM   105 N  N1    . G   A 1 6  ? -5.381  -7.432  0.042   1.00 41.13  ?  6   G   A N1    1 
ATOM   106 C  C2    . G   A 1 6  ? -5.658  -8.719  -0.346  1.00 41.61  ?  6   G   A C2    1 
ATOM   107 N  N2    . G   A 1 6  ? -5.750  -8.932  -1.666  1.00 40.86  ?  6   G   A N2    1 
ATOM   108 N  N3    . G   A 1 6  ? -5.834  -9.722  0.498   1.00 43.07  ?  6   G   A N3    1 
ATOM   109 C  C4    . G   A 1 6  ? -5.708  -9.331  1.784   1.00 43.09  ?  6   G   A C4    1 
ATOM   110 P  P     . A   A 1 7  ? -1.852  -13.784 3.609   1.00 50.12  ?  7   A   A P     1 
ATOM   111 O  OP1   . A   A 1 7  ? -1.242  -15.137 3.624   1.00 51.08  ?  7   A   A OP1   1 
ATOM   112 O  OP2   . A   A 1 7  ? -1.501  -12.805 4.670   1.00 48.99  ?  7   A   A OP2   1 
ATOM   113 O  "O5'" . A   A 1 7  ? -1.528  -13.120 2.199   1.00 47.39  ?  7   A   A "O5'" 1 
ATOM   114 C  "C5'" . A   A 1 7  ? -1.890  -13.770 0.990   1.00 46.45  ?  7   A   A "C5'" 1 
ATOM   115 C  "C4'" . A   A 1 7  ? -1.867  -12.813 -0.175  1.00 43.11  ?  7   A   A "C4'" 1 
ATOM   116 O  "O4'" . A   A 1 7  ? -2.849  -11.764 0.030   1.00 41.80  ?  7   A   A "O4'" 1 
ATOM   117 C  "C3'" . A   A 1 7  ? -0.564  -12.060 -0.386  1.00 40.55  ?  7   A   A "C3'" 1 
ATOM   118 O  "O3'" . A   A 1 7  ? 0.415   -12.825 -1.064  1.00 40.23  ?  7   A   A "O3'" 1 
ATOM   119 C  "C2'" . A   A 1 7  ? -1.017  -10.826 -1.154  1.00 39.00  ?  7   A   A "C2'" 1 
ATOM   120 O  "O2'" . A   A 1 7  ? -1.239  -11.138 -2.522  1.00 39.44  ?  7   A   A "O2'" 1 
ATOM   121 C  "C1'" . A   A 1 7  ? -2.369  -10.545 -0.497  1.00 38.69  ?  7   A   A "C1'" 1 
ATOM   122 N  N9    . A   A 1 7  ? -2.255  -9.567  0.601   1.00 37.78  ?  7   A   A N9    1 
ATOM   123 C  C8    . A   A 1 7  ? -2.275  -9.803  1.953   1.00 38.01  ?  7   A   A C8    1 
ATOM   124 N  N7    . A   A 1 7  ? -2.149  -8.719  2.681   1.00 35.21  ?  7   A   A N7    1 
ATOM   125 C  C5    . A   A 1 7  ? -2.037  -7.701  1.745   1.00 31.27  ?  7   A   A C5    1 
ATOM   126 C  C6    . A   A 1 7  ? -1.879  -6.309  1.871   1.00 30.57  ?  7   A   A C6    1 
ATOM   127 N  N6    . A   A 1 7  ? -1.801  -5.671  3.041   1.00 31.02  ?  7   A   A N6    1 
ATOM   128 N  N1    . A   A 1 7  ? -1.802  -5.580  0.736   1.00 29.69  ?  7   A   A N1    1 
ATOM   129 C  C2    . A   A 1 7  ? -1.877  -6.214  -0.440  1.00 29.50  ?  7   A   A C2    1 
ATOM   130 N  N3    . A   A 1 7  ? -2.026  -7.512  -0.687  1.00 30.04  ?  7   A   A N3    1 
ATOM   131 C  C4    . A   A 1 7  ? -2.100  -8.209  0.461   1.00 34.95  ?  7   A   A C4    1 
ATOM   132 P  P     . G   A 1 8  ? 1.929   -12.854 -0.527  1.00 39.51  ?  8   G   A P     1 
ATOM   133 O  OP1   . G   A 1 8  ? 2.684   -13.855 -1.321  1.00 41.21  ?  8   G   A OP1   1 
ATOM   134 O  OP2   . G   A 1 8  ? 1.885   -12.973 0.953   1.00 41.28  ?  8   G   A OP2   1 
ATOM   135 O  "O5'" . G   A 1 8  ? 2.492   -11.407 -0.885  1.00 35.62  ?  8   G   A "O5'" 1 
ATOM   136 C  "C5'" . G   A 1 8  ? 2.476   -10.929 -2.222  1.00 30.03  ?  8   G   A "C5'" 1 
ATOM   137 C  "C4'" . G   A 1 8  ? 2.567   -9.426  -2.271  1.00 34.48  ?  8   G   A "C4'" 1 
ATOM   138 O  "O4'" . G   A 1 8  ? 1.418   -8.842  -1.604  1.00 34.90  ?  8   G   A "O4'" 1 
ATOM   139 C  "C3'" . G   A 1 8  ? 3.760   -8.810  -1.558  1.00 33.49  ?  8   G   A "C3'" 1 
ATOM   140 O  "O3'" . G   A 1 8  ? 4.940   -8.840  -2.338  1.00 33.30  ?  8   G   A "O3'" 1 
ATOM   141 C  "C2'" . G   A 1 8  ? 3.272   -7.402  -1.244  1.00 32.61  ?  8   G   A "C2'" 1 
ATOM   142 O  "O2'" . G   A 1 8  ? 3.361   -6.572  -2.392  1.00 32.18  ?  8   G   A "O2'" 1 
ATOM   143 C  "C1'" . G   A 1 8  ? 1.795   -7.653  -0.943  1.00 33.16  ?  8   G   A "C1'" 1 
ATOM   144 N  N9    . G   A 1 8  ? 1.543   -7.812  0.502   1.00 32.48  ?  8   G   A N9    1 
ATOM   145 C  C8    . G   A 1 8  ? 1.270   -8.973  1.184   1.00 33.81  ?  8   G   A C8    1 
ATOM   146 N  N7    . G   A 1 8  ? 1.096   -8.785  2.464   1.00 30.68  ?  8   G   A N7    1 
ATOM   147 C  C5    . G   A 1 8  ? 1.266   -7.417  2.638   1.00 35.29  ?  8   G   A C5    1 
ATOM   148 C  C6    . G   A 1 8  ? 1.197   -6.618  3.810   1.00 32.60  ?  8   G   A C6    1 
ATOM   149 O  O6    . G   A 1 8  ? 0.965   -6.967  4.974   1.00 31.46  ?  8   G   A O6    1 
ATOM   150 N  N1    . G   A 1 8  ? 1.434   -5.276  3.527   1.00 31.40  ?  8   G   A N1    1 
ATOM   151 C  C2    . G   A 1 8  ? 1.702   -4.766  2.282   1.00 28.19  ?  8   G   A C2    1 
ATOM   152 N  N2    . G   A 1 8  ? 1.903   -3.442  2.211   1.00 29.27  ?  8   G   A N2    1 
ATOM   153 N  N3    . G   A 1 8  ? 1.769   -5.497  1.184   1.00 30.40  ?  8   G   A N3    1 
ATOM   154 C  C4    . G   A 1 8  ? 1.542   -6.804  1.434   1.00 32.01  ?  8   G   A C4    1 
ATOM   155 P  P     . G   A 1 9  ? 6.319   -9.353  -1.695  1.00 34.30  ?  9   G   A P     1 
ATOM   156 O  OP1   . G   A 1 9  ? 6.637   -10.679 -2.286  1.00 35.67  ?  9   G   A OP1   1 
ATOM   157 O  OP2   . G   A 1 9  ? 6.219   -9.212  -0.219  1.00 34.27  ?  9   G   A OP2   1 
ATOM   158 O  "O5'" . G   A 1 9  ? 7.396   -8.306  -2.224  1.00 32.89  ?  9   G   A "O5'" 1 
ATOM   159 C  "C5'" . G   A 1 9  ? 7.669   -8.180  -3.611  1.00 32.86  ?  9   G   A "C5'" 1 
ATOM   160 C  "C4'" . G   A 1 9  ? 8.135   -6.788  -3.957  1.00 32.98  ?  9   G   A "C4'" 1 
ATOM   161 O  "O4'" . G   A 1 9  ? 6.999   -5.889  -4.027  1.00 32.99  ?  9   G   A "O4'" 1 
ATOM   162 C  "C3'" . G   A 1 9  ? 9.066   -6.132  -2.952  1.00 33.20  ?  9   G   A "C3'" 1 
ATOM   163 O  "O3'" . G   A 1 9  ? 10.410  -6.553  -3.094  1.00 33.84  ?  9   G   A "O3'" 1 
ATOM   164 C  "C2'" . G   A 1 9  ? 8.861   -4.646  -3.221  1.00 33.18  ?  9   G   A "C2'" 1 
ATOM   165 O  "O2'" . G   A 1 9  ? 9.620   -4.229  -4.346  1.00 34.57  ?  9   G   A "O2'" 1 
ATOM   166 C  "C1'" . G   A 1 9  ? 7.377   -4.600  -3.595  1.00 32.93  ?  9   G   A "C1'" 1 
ATOM   167 N  N9    . G   A 1 9  ? 6.517   -4.203  -2.464  1.00 33.26  ?  9   G   A N9    1 
ATOM   168 C  C8    . G   A 1 9  ? 6.472   -4.750  -1.204  1.00 33.52  ?  9   G   A C8    1 
ATOM   169 N  N7    . G   A 1 9  ? 5.592   -4.174  -0.428  1.00 33.60  ?  9   G   A N7    1 
ATOM   170 C  C5    . G   A 1 9  ? 5.019   -3.193  -1.226  1.00 33.36  ?  9   G   A C5    1 
ATOM   171 C  C6    . G   A 1 9  ? 4.002   -2.248  -0.936  1.00 34.37  ?  9   G   A C6    1 
ATOM   172 O  O6    . G   A 1 9  ? 3.382   -2.080  0.121   1.00 35.09  ?  9   G   A O6    1 
ATOM   173 N  N1    . G   A 1 9  ? 3.726   -1.442  -2.033  1.00 35.14  ?  9   G   A N1    1 
ATOM   174 C  C2    . G   A 1 9  ? 4.346   -1.529  -3.256  1.00 35.26  ?  9   G   A C2    1 
ATOM   175 N  N2    . G   A 1 9  ? 3.938   -0.659  -4.191  1.00 35.97  ?  9   G   A N2    1 
ATOM   176 N  N3    . G   A 1 9  ? 5.295   -2.406  -3.539  1.00 34.57  ?  9   G   A N3    1 
ATOM   177 C  C4    . G   A 1 9  ? 5.578   -3.202  -2.486  1.00 33.59  ?  9   G   A C4    1 
ATOM   178 P  P     . A   A 1 10 ? 11.349  -6.713  -1.801  1.00 34.98  ?  10  A   A P     1 
ATOM   179 O  OP1   . A   A 1 10 ? 12.637  -7.304  -2.247  1.00 35.58  ?  10  A   A OP1   1 
ATOM   180 O  OP2   . A   A 1 10 ? 10.561  -7.389  -0.738  1.00 35.86  ?  10  A   A OP2   1 
ATOM   181 O  "O5'" . A   A 1 10 ? 11.623  -5.211  -1.339  1.00 33.26  ?  10  A   A "O5'" 1 
ATOM   182 C  "C5'" . A   A 1 10 ? 12.321  -4.308  -2.185  1.00 32.11  ?  10  A   A "C5'" 1 
ATOM   183 C  "C4'" . A   A 1 10 ? 12.388  -2.922  -1.591  1.00 30.88  ?  10  A   A "C4'" 1 
ATOM   184 O  "O4'" . A   A 1 10 ? 11.070  -2.313  -1.605  1.00 29.66  ?  10  A   A "O4'" 1 
ATOM   185 C  "C3'" . A   A 1 10 ? 12.819  -2.835  -0.136  1.00 30.20  ?  10  A   A "C3'" 1 
ATOM   186 O  "O3'" . A   A 1 10 ? 14.223  -2.918  0.032   1.00 30.69  ?  10  A   A "O3'" 1 
ATOM   187 C  "C2'" . A   A 1 10 ? 12.229  -1.502  0.307   1.00 28.46  ?  10  A   A "C2'" 1 
ATOM   188 O  "O2'" . A   A 1 10 ? 13.042  -0.425  -0.135  1.00 28.11  ?  10  A   A "O2'" 1 
ATOM   189 C  "C1'" . A   A 1 10 ? 10.919  -1.469  -0.483  1.00 27.96  ?  10  A   A "C1'" 1 
ATOM   190 N  N9    . A   A 1 10 ? 9.767   -1.935  0.313   1.00 26.27  ?  10  A   A N9    1 
ATOM   191 C  C8    . A   A 1 10 ? 9.686   -3.028  1.140   1.00 26.30  ?  10  A   A C8    1 
ATOM   192 N  N7    . A   A 1 10 ? 8.516   -3.179  1.711   1.00 26.80  ?  10  A   A N7    1 
ATOM   193 C  C5    . A   A 1 10 ? 7.771   -2.115  1.225   1.00 26.46  ?  10  A   A C5    1 
ATOM   194 C  C6    . A   A 1 10 ? 6.444   -1.707  1.450   1.00 27.48  ?  10  A   A C6    1 
ATOM   195 N  N6    . A   A 1 10 ? 5.596   -2.352  2.254   1.00 28.42  ?  10  A   A N6    1 
ATOM   196 N  N1    . A   A 1 10 ? 6.011   -0.599  0.811   1.00 27.39  ?  10  A   A N1    1 
ATOM   197 C  C2    . A   A 1 10 ? 6.862   0.048   0.004   1.00 26.50  ?  10  A   A C2    1 
ATOM   198 N  N3    . A   A 1 10 ? 8.128   -0.236  -0.287  1.00 25.55  ?  10  A   A N3    1 
ATOM   199 C  C4    . A   A 1 10 ? 8.528   -1.342  0.363   1.00 25.92  ?  10  A   A C4    1 
ATOM   200 P  P     . A   A 1 11 ? 14.924  -4.343  0.274   1.00 31.01  ?  11  A   A P     1 
ATOM   201 O  OP1   . A   A 1 11 ? 15.337  -4.883  -1.045  1.00 31.50  ?  11  A   A OP1   1 
ATOM   202 O  OP2   . A   A 1 11 ? 14.038  -5.146  1.156   1.00 31.60  ?  11  A   A OP2   1 
ATOM   203 O  "O5'" . A   A 1 11 ? 16.240  -3.997  1.099   1.00 30.87  ?  11  A   A "O5'" 1 
ATOM   204 C  "C5'" . A   A 1 11 ? 16.185  -3.781  2.505   1.00 30.80  ?  11  A   A "C5'" 1 
ATOM   205 C  "C4'" . A   A 1 11 ? 17.061  -2.628  2.931   1.00 30.27  ?  11  A   A "C4'" 1 
ATOM   206 O  "O4'" . A   A 1 11 ? 18.432  -2.895  2.528   1.00 30.68  ?  11  A   A "O4'" 1 
ATOM   207 C  "C3'" . A   A 1 11 ? 16.697  -1.275  2.327   1.00 29.47  ?  11  A   A "C3'" 1 
ATOM   208 O  "O3'" . A   A 1 11 ? 16.998  -0.249  3.271   1.00 31.21  ?  11  A   A "O3'" 1 
ATOM   209 C  "C2'" . A   A 1 11 ? 17.650  -1.170  1.142   1.00 27.22  ?  11  A   A "C2'" 1 
ATOM   210 O  "O2'" . A   A 1 11 ? 17.919  0.148   0.716   1.00 28.60  ?  11  A   A "O2'" 1 
ATOM   211 C  "C1'" . A   A 1 11 ? 18.898  -1.851  1.694   1.00 29.90  ?  11  A   A "C1'" 1 
ATOM   212 N  N9    . A   A 1 11 ? 19.758  -2.439  0.665   1.00 29.95  ?  11  A   A N9    1 
ATOM   213 C  C8    . A   A 1 11 ? 19.396  -3.306  -0.336  1.00 29.67  ?  11  A   A C8    1 
ATOM   214 N  N7    . A   A 1 11 ? 20.392  -3.664  -1.110  1.00 29.39  ?  11  A   A N7    1 
ATOM   215 C  C5    . A   A 1 11 ? 21.483  -2.991  -0.581  1.00 30.98  ?  11  A   A C5    1 
ATOM   216 C  C6    . A   A 1 11 ? 22.839  -2.949  -0.952  1.00 31.07  ?  11  A   A C6    1 
ATOM   217 N  N6    . A   A 1 11 ? 23.345  -3.627  -1.984  1.00 33.69  ?  11  A   A N6    1 
ATOM   218 N  N1    . A   A 1 11 ? 23.666  -2.177  -0.215  1.00 31.50  ?  11  A   A N1    1 
ATOM   219 C  C2    . A   A 1 11 ? 23.156  -1.498  0.820   1.00 31.88  ?  11  A   A C2    1 
ATOM   220 N  N3    . A   A 1 11 ? 21.904  -1.454  1.266   1.00 31.03  ?  11  A   A N3    1 
ATOM   221 C  C4    . A   A 1 11 ? 21.108  -2.233  0.513   1.00 31.61  ?  11  A   A C4    1 
ATOM   222 P  P     . G   A 1 12 ? 16.141  1.110   3.299   1.00 32.26  ?  12  G   A P     1 
ATOM   223 O  OP1   . G   A 1 12 ? 15.638  1.389   1.929   1.00 31.90  ?  12  G   A OP1   1 
ATOM   224 O  OP2   . G   A 1 12 ? 16.969  2.123   3.998   1.00 31.93  ?  12  G   A OP2   1 
ATOM   225 O  "O5'" . G   A 1 12 ? 14.884  0.758   4.213   1.00 33.53  ?  12  G   A "O5'" 1 
ATOM   226 C  "C5'" . G   A 1 12 ? 15.038  0.027   5.425   1.00 34.25  ?  12  G   A "C5'" 1 
ATOM   227 C  "C4'" . G   A 1 12 ? 13.706  -0.346  6.031   1.00 34.72  ?  12  G   A "C4'" 1 
ATOM   228 O  "O4'" . G   A 1 12 ? 12.896  0.853   6.199   1.00 34.45  ?  12  G   A "O4'" 1 
ATOM   229 C  "C3'" . G   A 1 12 ? 12.856  -1.313  5.208   1.00 35.19  ?  12  G   A "C3'" 1 
ATOM   230 O  "O3'" . G   A 1 12 ? 12.086  -2.112  6.109   1.00 36.64  ?  12  G   A "O3'" 1 
ATOM   231 C  "C2'" . G   A 1 12 ? 11.932  -0.367  4.452   1.00 26.71  ?  12  G   A "C2'" 1 
ATOM   232 O  "O2'" . G   A 1 12 ? 10.740  -0.947  3.970   1.00 28.26  ?  12  G   A "O2'" 1 
ATOM   233 C  "C1'" . G   A 1 12 ? 11.667  0.692   5.515   1.00 27.43  ?  12  G   A "C1'" 1 
ATOM   234 N  N9    . G   A 1 12 ? 11.244  1.989   4.982   1.00 27.46  ?  12  G   A N9    1 
ATOM   235 C  C8    . G   A 1 12 ? 11.938  2.811   4.129   1.00 27.38  ?  12  G   A C8    1 
ATOM   236 N  N7    . G   A 1 12 ? 11.288  3.903   3.835   1.00 37.07  ?  12  G   A N7    1 
ATOM   237 C  C5    . G   A 1 12 ? 10.094  3.795   4.535   1.00 28.17  ?  12  G   A C5    1 
ATOM   238 C  C6    . G   A 1 12 ? 8.984   4.676   4.609   1.00 28.97  ?  12  G   A C6    1 
ATOM   239 O  O6    . G   A 1 12 ? 8.828   5.768   4.053   1.00 49.05  ?  12  G   A O6    1 
ATOM   240 N  N1    . G   A 1 12 ? 7.985   4.175   5.436   1.00 29.29  ?  12  G   A N1    1 
ATOM   241 C  C2    . G   A 1 12 ? 8.042   2.979   6.107   1.00 29.01  ?  12  G   A C2    1 
ATOM   242 N  N2    . G   A 1 12 ? 6.974   2.670   6.857   1.00 29.73  ?  12  G   A N2    1 
ATOM   243 N  N3    . G   A 1 12 ? 9.070   2.148   6.047   1.00 51.75  ?  12  G   A N3    1 
ATOM   244 C  C4    . G   A 1 12 ? 10.053  2.618   5.249   1.00 27.94  ?  12  G   A C4    1 
ATOM   245 P  P     . G   A 1 13 ? 11.335  -3.443  5.610   1.00 36.33  ?  13  G   A P     1 
ATOM   246 O  OP1   . G   A 1 13 ? 11.814  -4.567  6.454   1.00 37.48  ?  13  G   A OP1   1 
ATOM   247 O  OP2   . G   A 1 13 ? 11.444  -3.537  4.132   1.00 26.91  ?  13  G   A OP2   1 
ATOM   248 O  "O5'" . G   A 1 13 ? 9.807   -3.169  5.970   1.00 28.03  ?  13  G   A "O5'" 1 
ATOM   249 C  "C5'" . G   A 1 13 ? 9.389   -3.063  7.327   1.00 29.21  ?  13  G   A "C5'" 1 
ATOM   250 C  "C4'" . G   A 1 13 ? 7.895   -2.878  7.456   1.00 65.07  ?  13  G   A "C4'" 1 
ATOM   251 O  "O4'" . G   A 1 13 ? 7.525   -1.553  6.984   1.00 68.49  ?  13  G   A "O4'" 1 
ATOM   252 C  "C3'" . G   A 1 13 ? 7.033   -3.868  6.674   1.00 59.10  ?  13  G   A "C3'" 1 
ATOM   253 O  "O3'" . G   A 1 13 ? 5.857   -4.162  7.426   1.00 55.70  ?  13  G   A "O3'" 1 
ATOM   254 C  "C2'" . G   A 1 13 ? 6.650   -3.072  5.429   1.00 28.04  ?  13  G   A "C2'" 1 
ATOM   255 O  "O2'" . G   A 1 13 ? 5.457   -3.498  4.804   1.00 27.99  ?  13  G   A "O2'" 1 
ATOM   256 C  "C1'" . G   A 1 13 ? 6.518   -1.663  5.997   1.00 28.33  ?  13  G   A "C1'" 1 
ATOM   257 N  N9    . G   A 1 13 ? 6.718   -0.593  5.015   1.00 27.57  ?  13  G   A N9    1 
ATOM   258 C  C8    . G   A 1 13 ? 7.799   -0.425  4.186   1.00 26.83  ?  13  G   A C8    1 
ATOM   259 N  N7    . G   A 1 13 ? 7.701   0.626   3.420   1.00 26.67  ?  13  G   A N7    1 
ATOM   260 C  C5    . G   A 1 13 ? 6.481   1.190   3.764   1.00 27.32  ?  13  G   A C5    1 
ATOM   261 C  C6    . G   A 1 13 ? 5.834   2.349   3.268   1.00 27.80  ?  13  G   A C6    1 
ATOM   262 O  O6    . G   A 1 13 ? 6.222   3.134   2.394   1.00 39.50  ?  13  G   A O6    1 
ATOM   263 N  N1    . G   A 1 13 ? 4.611   2.561   3.894   1.00 28.68  ?  13  G   A N1    1 
ATOM   264 C  C2    . G   A 1 13 ? 4.078   1.760   4.872   1.00 29.08  ?  13  G   A C2    1 
ATOM   265 N  N2    . G   A 1 13 ? 2.883   2.132   5.352   1.00 30.18  ?  13  G   A N2    1 
ATOM   266 N  N3    . G   A 1 13 ? 4.670   0.675   5.343   1.00 28.75  ?  13  G   A N3    1 
ATOM   267 C  C4    . G   A 1 13 ? 5.862   0.451   4.750   1.00 27.84  ?  13  G   A C4    1 
ATOM   268 P  P     . A   A 1 14 ? 5.764   -5.513  8.293   1.00 53.37  ?  14  A   A P     1 
ATOM   269 O  OP1   . A   A 1 14 ? 7.146   -5.978  8.574   1.00 52.16  ?  14  A   A OP1   1 
ATOM   270 O  OP2   . A   A 1 14 ? 4.802   -6.425  7.624   1.00 51.07  ?  14  A   A OP2   1 
ATOM   271 O  "O5'" . A   A 1 14 ? 5.117   -5.039  9.668   1.00 53.71  ?  14  A   A "O5'" 1 
ATOM   272 C  "C5'" . A   A 1 14 ? 4.147   -4.004  9.694   1.00 51.79  ?  14  A   A "C5'" 1 
ATOM   273 C  "C4'" . A   A 1 14 ? 4.243   -3.190  10.959  1.00 51.49  ?  14  A   A "C4'" 1 
ATOM   274 O  "O4'" . A   A 1 14 ? 5.637   -2.973  11.296  1.00 51.00  ?  14  A   A "O4'" 1 
ATOM   275 C  "C3'" . A   A 1 14 ? 3.654   -1.790  10.890  1.00 50.59  ?  14  A   A "C3'" 1 
ATOM   276 O  "O3'" . A   A 1 14 ? 2.250   -1.774  11.070  1.00 51.40  ?  14  A   A "O3'" 1 
ATOM   277 C  "C2'" . A   A 1 14 ? 4.418   -1.051  11.979  1.00 49.98  ?  14  A   A "C2'" 1 
ATOM   278 O  "O2'" . A   A 1 14 ? 3.881   -1.353  13.259  1.00 50.58  ?  14  A   A "O2'" 1 
ATOM   279 C  "C1'" . A   A 1 14 ? 5.801   -1.695  11.873  1.00 50.06  ?  14  A   A "C1'" 1 
ATOM   280 N  N9    . A   A 1 14 ? 6.728   -0.916  11.030  1.00 48.47  ?  14  A   A N9    1 
ATOM   281 C  C8    . A   A 1 14 ? 6.475   -0.261  9.849   1.00 47.37  ?  14  A   A C8    1 
ATOM   282 N  N7    . A   A 1 14 ? 7.524   0.337   9.337   1.00 46.39  ?  14  A   A N7    1 
ATOM   283 C  C5    . A   A 1 14 ? 8.539   0.053   10.240  1.00 47.62  ?  14  A   A C5    1 
ATOM   284 C  C6    . A   A 1 14 ? 9.900   0.398   10.274  1.00 48.48  ?  14  A   A C6    1 
ATOM   285 N  N6    . A   A 1 14 ? 10.499  1.137   9.338   1.00 48.69  ?  14  A   A N6    1 
ATOM   286 N  N1    . A   A 1 14 ? 10.637  -0.046  11.316  1.00 49.21  ?  14  A   A N1    1 
ATOM   287 C  C2    . A   A 1 14 ? 10.036  -0.787  12.256  1.00 50.02  ?  14  A   A C2    1 
ATOM   288 N  N3    . A   A 1 14 ? 8.767   -1.177  12.335  1.00 50.03  ?  14  A   A N3    1 
ATOM   289 C  C4    . A   A 1 14 ? 8.064   -0.720  11.285  1.00 48.77  ?  14  A   A C4    1 
ATOM   290 P  P     . G   A 1 15 ? 1.291   -1.322  9.864   1.00 49.12  ?  15  G   A P     1 
ATOM   291 O  OP1   . G   A 1 15 ? -0.085  -1.786  10.172  1.00 49.82  ?  15  G   A OP1   1 
ATOM   292 O  OP2   . G   A 1 15 ? 1.937   -1.726  8.589   1.00 46.96  ?  15  G   A OP2   1 
ATOM   293 O  "O5'" . G   A 1 15 ? 1.302   0.269   9.937   1.00 49.49  ?  15  G   A "O5'" 1 
ATOM   294 C  "C5'" . G   A 1 15 ? 0.609   0.957   10.968  1.00 51.03  ?  15  G   A "C5'" 1 
ATOM   295 C  "C4'" . G   A 1 15 ? 0.133   2.309   10.500  1.00 50.51  ?  15  G   A "C4'" 1 
ATOM   296 O  "O4'" . G   A 1 15 ? 1.241   3.239   10.462  1.00 49.21  ?  15  G   A "O4'" 1 
ATOM   297 C  "C3'" . G   A 1 15 ? -0.443  2.353   9.094   1.00 49.44  ?  15  G   A "C3'" 1 
ATOM   298 O  "O3'" . G   A 1 15 ? -1.802  1.949   9.065   1.00 51.75  ?  15  G   A "O3'" 1 
ATOM   299 C  "C2'" . G   A 1 15 ? -0.231  3.805   8.675   1.00 48.69  ?  15  G   A "C2'" 1 
ATOM   300 O  "O2'" . G   A 1 15 ? -1.278  4.629   9.163   1.00 51.03  ?  15  G   A "O2'" 1 
ATOM   301 C  "C1'" . G   A 1 15 ? 1.062   4.166   9.415   1.00 47.79  ?  15  G   A "C1'" 1 
ATOM   302 N  N9    . G   A 1 15 ? 2.255   4.140   8.545   1.00 43.93  ?  15  G   A N9    1 
ATOM   303 C  C8    . G   A 1 15 ? 3.213   3.156   8.480   1.00 42.26  ?  15  G   A C8    1 
ATOM   304 N  N7    . G   A 1 15 ? 4.162   3.423   7.626   1.00 31.98  ?  15  G   A N7    1 
ATOM   305 C  C5    . G   A 1 15 ? 3.817   4.661   7.102   1.00 41.37  ?  15  G   A C5    1 
ATOM   306 C  C6    . G   A 1 15 ? 4.468   5.461   6.128   1.00 40.47  ?  15  G   A C6    1 
ATOM   307 O  O6    . G   A 1 15 ? 5.517   5.230   5.515   1.00 39.38  ?  15  G   A O6    1 
ATOM   308 N  N1    . G   A 1 15 ? 3.775   6.643   5.889   1.00 33.41  ?  15  G   A N1    1 
ATOM   309 C  C2    . G   A 1 15 ? 2.606   7.008   6.506   1.00 34.93  ?  15  G   A C2    1 
ATOM   310 N  N2    . G   A 1 15 ? 2.090   8.189   6.138   1.00 36.39  ?  15  G   A N2    1 
ATOM   311 N  N3    . G   A 1 15 ? 1.987   6.271   7.413   1.00 35.31  ?  15  G   A N3    1 
ATOM   312 C  C4    . G   A 1 15 ? 2.644   5.119   7.662   1.00 42.96  ?  15  G   A C4    1 
ATOM   313 P  P     . G   A 1 16 ? -2.609  1.881   7.679   1.00 51.91  ?  16  G   A P     1 
ATOM   314 O  OP1   . G   A 1 16 ? -3.791  1.002   7.877   1.00 53.30  ?  16  G   A OP1   1 
ATOM   315 O  OP2   . G   A 1 16 ? -1.645  1.576   6.590   1.00 49.99  ?  16  G   A OP2   1 
ATOM   316 O  "O5'" . G   A 1 16 ? -3.140  3.367   7.470   1.00 51.08  ?  16  G   A "O5'" 1 
ATOM   317 C  "C5'" . G   A 1 16 ? -3.802  3.729   6.269   1.00 48.67  ?  16  G   A "C5'" 1 
ATOM   318 C  "C4'" . G   A 1 16 ? -3.461  5.135   5.850   1.00 45.92  ?  16  G   A "C4'" 1 
ATOM   319 O  "O4'" . G   A 1 16 ? -2.127  5.480   6.304   1.00 43.88  ?  16  G   A "O4'" 1 
ATOM   320 C  "C3'" . G   A 1 16 ? -3.413  5.379   4.352   1.00 43.87  ?  16  G   A "C3'" 1 
ATOM   321 O  "O3'" . G   A 1 16 ? -4.696  5.568   3.784   1.00 44.84  ?  16  G   A "O3'" 1 
ATOM   322 C  "C2'" . G   A 1 16 ? -2.507  6.595   4.240   1.00 44.12  ?  16  G   A "C2'" 1 
ATOM   323 O  "O2'" . G   A 1 16 ? -3.224  7.782   4.549   1.00 47.41  ?  16  G   A "O2'" 1 
ATOM   324 C  "C1'" . G   A 1 16 ? -1.504  6.330   5.364   1.00 42.71  ?  16  G   A "C1'" 1 
ATOM   325 N  N9    . G   A 1 16 ? -0.270  5.679   4.884   1.00 39.04  ?  16  G   A N9    1 
ATOM   326 C  C8    . G   A 1 16 ? 0.229   4.465   5.293   1.00 37.11  ?  16  G   A C8    1 
ATOM   327 N  N7    . G   A 1 16 ? 1.348   4.143   4.708   1.00 31.98  ?  16  G   A N7    1 
ATOM   328 C  C5    . G   A 1 16 ? 1.611   5.209   3.862   1.00 35.77  ?  16  G   A C5    1 
ATOM   329 C  C6    . G   A 1 16 ? 2.693   5.424   2.969   1.00 34.43  ?  16  G   A C6    1 
ATOM   330 O  O6    . G   A 1 16 ? 3.663   4.689   2.744   1.00 33.45  ?  16  G   A O6    1 
ATOM   331 N  N1    . G   A 1 16 ? 2.572   6.636   2.301   1.00 32.54  ?  16  G   A N1    1 
ATOM   332 C  C2    . G   A 1 16 ? 1.543   7.529   2.469   1.00 34.30  ?  16  G   A C2    1 
ATOM   333 N  N2    . G   A 1 16 ? 1.604   8.648   1.734   1.00 35.59  ?  16  G   A N2    1 
ATOM   334 N  N3    . G   A 1 16 ? 0.529   7.344   3.299   1.00 35.07  ?  16  G   A N3    1 
ATOM   335 C  C4    . G   A 1 16 ? 0.625   6.170   3.959   1.00 33.94  ?  16  G   A C4    1 
ATOM   336 P  P     . U   A 1 17 ? -5.248  4.532   2.689   1.00 45.07  ?  17  U   A P     1 
ATOM   337 O  OP1   . U   A 1 17 ? -6.663  4.877   2.397   1.00 48.29  ?  17  U   A OP1   1 
ATOM   338 O  OP2   . U   A 1 17 ? -4.906  3.161   3.147   1.00 43.52  ?  17  U   A OP2   1 
ATOM   339 O  "O5'" . U   A 1 17 ? -4.379  4.845   1.392   1.00 43.15  ?  17  U   A "O5'" 1 
ATOM   340 C  "C5'" . U   A 1 17 ? -4.227  6.177   0.921   1.00 43.62  ?  17  U   A "C5'" 1 
ATOM   341 C  "C4'" . U   A 1 17 ? -2.940  6.346   0.155   1.00 41.78  ?  17  U   A "C4'" 1 
ATOM   342 O  "O4'" . U   A 1 17 ? -1.809  6.176   1.047   1.00 39.37  ?  17  U   A "O4'" 1 
ATOM   343 C  "C3'" . U   A 1 17 ? -2.693  5.334   -0.951  1.00 41.10  ?  17  U   A "C3'" 1 
ATOM   344 O  "O3'" . U   A 1 17 ? -3.381  5.656   -2.146  1.00 42.97  ?  17  U   A "O3'" 1 
ATOM   345 C  "C2'" . U   A 1 17 ? -1.175  5.353   -1.092  1.00 39.22  ?  17  U   A "C2'" 1 
ATOM   346 O  "O2'" . U   A 1 17 ? -0.754  6.473   -1.858  1.00 40.78  ?  17  U   A "O2'" 1 
ATOM   347 C  "C1'" . U   A 1 17 ? -0.736  5.569   0.358   1.00 37.49  ?  17  U   A "C1'" 1 
ATOM   348 N  N1    . U   A 1 17 ? -0.386  4.302   1.041   1.00 34.51  ?  17  U   A N1    1 
ATOM   349 C  C2    . U   A 1 17 ? 0.873   3.779   0.815   1.00 32.71  ?  17  U   A C2    1 
ATOM   350 O  O2    . U   A 1 17 ? 1.687   4.309   0.080   1.00 32.38  ?  17  U   A O2    1 
ATOM   351 N  N3    . U   A 1 17 ? 1.147   2.610   1.479   1.00 29.61  ?  17  U   A N3    1 
ATOM   352 C  C4    . U   A 1 17 ? 0.308   1.926   2.333   1.00 30.02  ?  17  U   A C4    1 
ATOM   353 O  O4    . U   A 1 17 ? 0.700   0.881   2.857   1.00 29.47  ?  17  U   A O4    1 
ATOM   354 C  C5    . U   A 1 17 ? -0.975  2.530   2.518   1.00 31.39  ?  17  U   A C5    1 
ATOM   355 C  C6    . U   A 1 17 ? -1.270  3.670   1.884   1.00 33.96  ?  17  U   A C6    1 
ATOM   356 P  P     . C   A 1 18 ? -4.077  4.499   -3.012  1.00 43.72  ?  18  C   A P     1 
ATOM   357 O  OP1   . C   A 1 18 ? -5.146  5.121   -3.835  1.00 46.18  ?  18  C   A OP1   1 
ATOM   358 O  OP2   . C   A 1 18 ? -4.408  3.373   -2.100  1.00 43.01  ?  18  C   A OP2   1 
ATOM   359 O  "O5'" . C   A 1 18 ? -2.920  4.012   -3.989  1.00 43.05  ?  18  C   A "O5'" 1 
ATOM   360 C  "C5'" . C   A 1 18 ? -2.149  4.952   -4.729  1.00 42.92  ?  18  C   A "C5'" 1 
ATOM   361 C  "C4'" . C   A 1 18 ? -0.992  4.294   -5.438  1.00 40.43  ?  18  C   A "C4'" 1 
ATOM   362 O  "O4'" . C   A 1 18 ? -0.064  3.763   -4.452  1.00 37.83  ?  18  C   A "O4'" 1 
ATOM   363 C  "C3'" . C   A 1 18 ? -1.364  3.124   -6.349  1.00 39.82  ?  18  C   A "C3'" 1 
ATOM   364 O  "O3'" . C   A 1 18 ? -0.504  3.113   -7.489  1.00 40.25  ?  18  C   A "O3'" 1 
ATOM   365 C  "C2'" . C   A 1 18 ? -1.072  1.909   -5.472  1.00 37.90  ?  18  C   A "C2'" 1 
ATOM   366 O  "O2'" . C   A 1 18 ? -0.809  0.718   -6.183  1.00 38.53  ?  18  C   A "O2'" 1 
ATOM   367 C  "C1'" . C   A 1 18 ? 0.144   2.385   -4.686  1.00 35.83  ?  18  C   A "C1'" 1 
ATOM   368 N  N1    . C   A 1 18 ? 0.313   1.712   -3.389  1.00 33.26  ?  18  C   A N1    1 
ATOM   369 C  C2    . C   A 1 18 ? 1.569   1.202   -3.055  1.00 31.52  ?  18  C   A C2    1 
ATOM   370 O  O2    . C   A 1 18 ? 2.507   1.342   -3.853  1.00 31.02  ?  18  C   A O2    1 
ATOM   371 N  N3    . C   A 1 18 ? 1.733   0.574   -1.868  1.00 30.74  ?  18  C   A N3    1 
ATOM   372 C  C4    . C   A 1 18 ? 0.699   0.444   -1.035  1.00 28.24  ?  18  C   A C4    1 
ATOM   373 N  N4    . C   A 1 18 ? 0.907   -0.183  0.123   1.00 28.01  ?  18  C   A N4    1 
ATOM   374 C  C5    . C   A 1 18 ? -0.593  0.952   -1.353  1.00 32.39  ?  18  C   A C5    1 
ATOM   375 C  C6    . C   A 1 18 ? -0.741  1.572   -2.531  1.00 33.39  ?  18  C   A C6    1 
ATOM   376 P  P     . U   A 1 19 ? -1.126  3.182   -8.969  1.00 42.71  ?  19  U   A P     1 
ATOM   377 O  OP1   . U   A 1 19 ? -2.536  3.635   -8.853  1.00 44.49  ?  19  U   A OP1   1 
ATOM   378 O  OP2   . U   A 1 19 ? -0.812  1.909   -9.666  1.00 42.26  ?  19  U   A OP2   1 
ATOM   379 O  "O5'" . U   A 1 19 ? -0.299  4.340   -9.681  1.00 43.49  ?  19  U   A "O5'" 1 
ATOM   380 C  "C5'" . U   A 1 19 ? 1.122   4.369   -9.611  1.00 42.32  ?  19  U   A "C5'" 1 
ATOM   381 C  "C4'" . U   A 1 19 ? 1.645   5.782   -9.572  1.00 43.45  ?  19  U   A "C4'" 1 
ATOM   382 O  "O4'" . U   A 1 19 ? 3.063   5.758   -9.258  1.00 42.03  ?  19  U   A "O4'" 1 
ATOM   383 C  "C3'" . U   A 1 19 ? 1.511   6.568   -10.874 1.00 46.66  ?  19  U   A "C3'" 1 
ATOM   384 O  "O3'" . U   A 1 19 ? 1.299   7.945   -10.568 1.00 49.55  ?  19  U   A "O3'" 1 
ATOM   385 C  "C2'" . U   A 1 19 ? 2.887   6.391   -11.508 1.00 46.08  ?  19  U   A "C2'" 1 
ATOM   386 O  "O2'" . U   A 1 19 ? 3.238   7.397   -12.434 1.00 49.24  ?  19  U   A "O2'" 1 
ATOM   387 C  "C1'" . U   A 1 19 ? 3.789   6.414   -10.279 1.00 43.40  ?  19  U   A "C1'" 1 
ATOM   388 N  N1    . U   A 1 19 ? 5.068   5.711   -10.449 1.00 41.75  ?  19  U   A N1    1 
ATOM   389 C  C2    . U   A 1 19 ? 6.182   6.466   -10.752 1.00 42.95  ?  19  U   A C2    1 
ATOM   390 O  O2    . U   A 1 19 ? 6.140   7.675   -10.898 1.00 45.01  ?  19  U   A O2    1 
ATOM   391 N  N3    . U   A 1 19 ? 7.345   5.752   -10.890 1.00 42.19  ?  19  U   A N3    1 
ATOM   392 C  C4    . U   A 1 19 ? 7.503   4.390   -10.747 1.00 40.75  ?  19  U   A C4    1 
ATOM   393 O  O4    . U   A 1 19 ? 8.618   3.890   -10.901 1.00 41.22  ?  19  U   A O4    1 
ATOM   394 C  C5    . U   A 1 19 ? 6.304   3.680   -10.425 1.00 39.46  ?  19  U   A C5    1 
ATOM   395 C  C6    . U   A 1 19 ? 5.156   4.350   -10.287 1.00 39.98  ?  19  U   A C6    1 
ATOM   396 P  P     . G   A 1 20 ? 0.133   8.773   -11.303 1.00 53.68  ?  20  G   A P     1 
ATOM   397 O  OP1   . G   A 1 20 ? -0.676  7.822   -12.106 1.00 54.08  ?  20  G   A OP1   1 
ATOM   398 O  OP2   . G   A 1 20 ? 0.759   9.946   -11.963 1.00 56.79  ?  20  G   A OP2   1 
ATOM   399 O  "O5'" . G   A 1 20 ? -0.775  9.310   -10.109 1.00 53.74  ?  20  G   A "O5'" 1 
ATOM   400 C  "C5'" . G   A 1 20 ? -1.889  8.563   -9.642  1.00 52.76  ?  20  G   A "C5'" 1 
ATOM   401 C  "C4'" . G   A 1 20 ? -1.753  8.232   -8.176  1.00 51.36  ?  20  G   A "C4'" 1 
ATOM   402 O  "O4'" . G   A 1 20 ? -0.560  7.435   -7.972  1.00 49.12  ?  20  G   A "O4'" 1 
ATOM   403 C  "C3'" . G   A 1 20 ? -1.578  9.419   -7.239  1.00 53.61  ?  20  G   A "C3'" 1 
ATOM   404 O  "O3'" . G   A 1 20 ? -2.812  10.016  -6.879  1.00 56.89  ?  20  G   A "O3'" 1 
ATOM   405 C  "C2'" . G   A 1 20 ? -0.831  8.813   -6.058  1.00 51.53  ?  20  G   A "C2'" 1 
ATOM   406 O  "O2'" . G   A 1 20 ? -1.726  8.117   -5.204  1.00 52.63  ?  20  G   A "O2'" 1 
ATOM   407 C  "C1'" . G   A 1 20 ? 0.054   7.781   -6.751  1.00 47.81  ?  20  G   A "C1'" 1 
ATOM   408 N  N9    . G   A 1 20 ? 1.410   8.285   -7.039  1.00 45.93  ?  20  G   A N9    1 
ATOM   409 C  C8    . G   A 1 20 ? 1.799   9.495   -7.565  1.00 47.75  ?  20  G   A C8    1 
ATOM   410 N  N7    . G   A 1 20 ? 3.094   9.597   -7.701  1.00 47.24  ?  20  G   A N7    1 
ATOM   411 C  C5    . G   A 1 20 ? 3.587   8.381   -7.244  1.00 44.69  ?  20  G   A C5    1 
ATOM   412 C  C6    . G   A 1 20 ? 4.915   7.890   -7.146  1.00 42.94  ?  20  G   A C6    1 
ATOM   413 O  O6    . G   A 1 20 ? 5.972   8.456   -7.451  1.00 44.96  ?  20  G   A O6    1 
ATOM   414 N  N1    . G   A 1 20 ? 4.946   6.599   -6.627  1.00 39.75  ?  20  G   A N1    1 
ATOM   415 C  C2    . G   A 1 20 ? 3.841   5.874   -6.248  1.00 39.59  ?  20  G   A C2    1 
ATOM   416 N  N2    . G   A 1 20 ? 4.059   4.646   -5.763  1.00 38.43  ?  20  G   A N2    1 
ATOM   417 N  N3    . G   A 1 20 ? 2.603   6.317   -6.335  1.00 40.76  ?  20  G   A N3    1 
ATOM   418 C  C4    . G   A 1 20 ? 2.556   7.566   -6.837  1.00 43.44  ?  20  G   A C4    1 
ATOM   419 P  P     . A   A 1 21 ? -2.841  11.453  -6.161  1.00 61.43  ?  21  A   A P     1 
ATOM   420 O  OP1   . A   A 1 21 ? -4.237  11.956  -6.210  1.00 64.31  ?  21  A   A OP1   1 
ATOM   421 O  OP2   . A   A 1 21 ? -1.741  12.274  -6.728  1.00 63.79  ?  21  A   A OP2   1 
ATOM   422 O  "O5'" . A   A 1 21 ? -2.488  11.139  -4.639  1.00 58.14  ?  21  A   A "O5'" 1 
ATOM   423 C  "C5'" . A   A 1 21 ? -3.358  10.352  -3.833  1.00 55.22  ?  21  A   A "C5'" 1 
ATOM   424 C  "C4'" . A   A 1 21 ? -2.717  9.964   -2.522  1.00 52.19  ?  21  A   A "C4'" 1 
ATOM   425 O  "O4'" . A   A 1 21 ? -1.517  9.176   -2.779  1.00 49.05  ?  21  A   A "O4'" 1 
ATOM   426 C  "C3'" . A   A 1 21 ? -2.280  11.130  -1.629  1.00 53.77  ?  21  A   A "C3'" 1 
ATOM   427 O  "O3'" . A   A 1 21 ? -2.495  10.798  -0.258  1.00 52.87  ?  21  A   A "O3'" 1 
ATOM   428 C  "C2'" . A   A 1 21 ? -0.779  11.205  -1.887  1.00 52.59  ?  21  A   A "C2'" 1 
ATOM   429 O  "O2'" . A   A 1 21 ? -0.032  11.799  -0.848  1.00 52.02  ?  21  A   A "O2'" 1 
ATOM   430 C  "C1'" . A   A 1 21 ? -0.436  9.732   -2.057  1.00 49.75  ?  21  A   A "C1'" 1 
ATOM   431 N  N9    . A   A 1 21 ? 0.824   9.493   -2.765  1.00 49.58  ?  21  A   A N9    1 
ATOM   432 C  C8    . A   A 1 21 ? 1.391   10.228  -3.776  1.00 50.99  ?  21  A   A C8    1 
ATOM   433 N  N7    . A   A 1 21 ? 2.552   9.765   -4.175  1.00 49.37  ?  21  A   A N7    1 
ATOM   434 C  C5    . A   A 1 21 ? 2.767   8.662   -3.360  1.00 47.82  ?  21  A   A C5    1 
ATOM   435 C  C6    . A   A 1 21 ? 3.817   7.734   -3.274  1.00 46.58  ?  21  A   A C6    1 
ATOM   436 N  N6    . A   A 1 21 ? 4.901   7.770   -4.046  1.00 47.46  ?  21  A   A N6    1 
ATOM   437 N  N1    . A   A 1 21 ? 3.722   6.754   -2.352  1.00 45.33  ?  21  A   A N1    1 
ATOM   438 C  C2    . A   A 1 21 ? 2.638   6.716   -1.569  1.00 45.59  ?  21  A   A C2    1 
ATOM   439 N  N3    . A   A 1 21 ? 1.586   7.529   -1.552  1.00 47.16  ?  21  A   A N3    1 
ATOM   440 C  C4    . A   A 1 21 ? 1.715   8.490   -2.481  1.00 47.68  ?  21  A   A C4    1 
ATOM   441 P  P     . G   A 1 22 ? -2.881  11.944  0.800   1.00 54.12  ?  22  G   A P     1 
ATOM   442 O  OP1   . G   A 1 22 ? -3.435  11.272  2.003   1.00 53.45  ?  22  G   A OP1   1 
ATOM   443 O  OP2   . G   A 1 22 ? -3.687  12.974  0.096   1.00 56.47  ?  22  G   A OP2   1 
ATOM   444 O  "O5'" . G   A 1 22 ? -1.487  12.612  1.198   1.00 52.29  ?  22  G   A "O5'" 1 
ATOM   445 C  "C5'" . G   A 1 22 ? -1.454  13.885  1.828   1.00 53.57  ?  22  G   A "C5'" 1 
ATOM   446 C  "C4'" . G   A 1 22 ? -0.044  14.348  2.116   1.00 52.45  ?  22  G   A "C4'" 1 
ATOM   447 O  "O4'" . G   A 1 22 ? 0.548   13.546  3.160   1.00 49.42  ?  22  G   A "O4'" 1 
ATOM   448 C  "C3'" . G   A 1 22 ? 0.947   14.267  0.966   1.00 51.20  ?  22  G   A "C3'" 1 
ATOM   449 O  "O3'" . G   A 1 22 ? 0.843   15.393  0.112   1.00 54.18  ?  22  G   A "O3'" 1 
ATOM   450 C  "C2'" . G   A 1 22 ? 2.305   14.177  1.667   1.00 49.09  ?  22  G   A "C2'" 1 
ATOM   451 O  "O2'" . G   A 1 22 ? 2.842   15.471  1.900   1.00 51.52  ?  22  G   A "O2'" 1 
ATOM   452 C  "C1'" . G   A 1 22 ? 1.950   13.545  3.021   1.00 47.27  ?  22  G   A "C1'" 1 
ATOM   453 N  N9    . G   A 1 22 ? 2.468   12.176  3.221   1.00 42.89  ?  22  G   A N9    1 
ATOM   454 C  C8    . G   A 1 22 ? 1.775   11.162  3.835   1.00 41.40  ?  22  G   A C8    1 
ATOM   455 N  N7    . G   A 1 22 ? 2.455   10.054  3.929   1.00 39.00  ?  22  G   A N7    1 
ATOM   456 C  C5    . G   A 1 22 ? 3.681   10.355  3.361   1.00 38.51  ?  22  G   A C5    1 
ATOM   457 C  C6    . G   A 1 22 ? 4.824   9.535   3.183   1.00 36.74  ?  22  G   A C6    1 
ATOM   458 O  O6    . G   A 1 22 ? 4.977   8.350   3.503   1.00 35.59  ?  22  G   A O6    1 
ATOM   459 N  N1    . G   A 1 22 ? 5.860   10.224  2.564   1.00 37.20  ?  22  G   A N1    1 
ATOM   460 C  C2    . G   A 1 22 ? 5.802   11.534  2.168   1.00 39.37  ?  22  G   A C2    1 
ATOM   461 N  N2    . G   A 1 22 ? 6.906   12.024  1.585   1.00 39.44  ?  22  G   A N2    1 
ATOM   462 N  N3    . G   A 1 22 ? 4.742   12.310  2.329   1.00 41.65  ?  22  G   A N3    1 
ATOM   463 C  C4    . G   A 1 22 ? 3.718   11.665  2.929   1.00 40.82  ?  22  G   A C4    1 
ATOM   464 P  P     . G   A 1 23 ? 0.903   15.231  -1.485  1.00 54.78  ?  23  G   A P     1 
ATOM   465 O  OP1   . G   A 1 23 ? 0.897   16.595  -2.072  1.00 58.40  ?  23  G   A OP1   1 
ATOM   466 O  OP2   . G   A 1 23 ? -0.135  14.261  -1.905  1.00 53.50  ?  23  G   A OP2   1 
ATOM   467 O  "O5'" . G   A 1 23 ? 2.336   14.590  -1.752  1.00 52.98  ?  23  G   A "O5'" 1 
ATOM   468 C  "C5'" . G   A 1 23 ? 3.522   15.364  -1.604  1.00 53.96  ?  23  G   A "C5'" 1 
ATOM   469 C  "C4'" . G   A 1 23 ? 4.702   14.717  -2.289  1.00 52.66  ?  23  G   A "C4'" 1 
ATOM   470 O  "O4'" . G   A 1 23 ? 5.145   13.571  -1.511  1.00 49.49  ?  23  G   A "O4'" 1 
ATOM   471 C  "C3'" . G   A 1 23 ? 4.437   14.197  -3.700  1.00 53.63  ?  23  G   A "C3'" 1 
ATOM   472 O  "O3'" . G   A 1 23 ? 5.619   14.350  -4.485  1.00 55.49  ?  23  G   A "O3'" 1 
ATOM   473 C  "C2'" . G   A 1 23 ? 4.174   12.714  -3.465  1.00 49.65  ?  23  G   A "C2'" 1 
ATOM   474 O  "O2'" . G   A 1 23 ? 4.412   11.889  -4.586  1.00 48.81  ?  23  G   A "O2'" 1 
ATOM   475 C  "C1'" . G   A 1 23 ? 5.138   12.414  -2.323  1.00 47.39  ?  23  G   A "C1'" 1 
ATOM   476 N  N9    . G   A 1 23 ? 4.749   11.272  -1.491  1.00 45.03  ?  23  G   A N9    1 
ATOM   477 C  C8    . G   A 1 23 ? 3.574   11.111  -0.799  1.00 45.15  ?  23  G   A C8    1 
ATOM   478 N  N7    . G   A 1 23 ? 3.520   9.984   -0.142  1.00 36.35  ?  23  G   A N7    1 
ATOM   479 C  C5    . G   A 1 23 ? 4.734   9.367   -0.414  1.00 41.85  ?  23  G   A C5    1 
ATOM   480 C  C6    . G   A 1 23 ? 5.252   8.122   0.023   1.00 32.78  ?  23  G   A C6    1 
ATOM   481 O  O6    . G   A 1 23 ? 4.724   7.283   0.762   1.00 34.25  ?  23  G   A O6    1 
ATOM   482 N  N1    . G   A 1 23 ? 6.523   7.886   -0.493  1.00 51.72  ?  23  G   A N1    1 
ATOM   483 C  C2    . G   A 1 23 ? 7.209   8.740   -1.322  1.00 33.15  ?  23  G   A C2    1 
ATOM   484 N  N2    . G   A 1 23 ? 8.426   8.335   -1.713  1.00 32.41  ?  23  G   A N2    1 
ATOM   485 N  N3    . G   A 1 23 ? 6.738   9.904   -1.735  1.00 35.14  ?  23  G   A N3    1 
ATOM   486 C  C4    . G   A 1 23 ? 5.505   10.152  -1.244  1.00 42.94  ?  23  G   A C4    1 
ATOM   487 P  P     . A   A 1 24 ? 5.877   15.713  -5.296  1.00 60.55  ?  24  A   A P     1 
ATOM   488 O  OP1   . A   A 1 24 ? 4.617   16.499  -5.284  1.00 63.73  ?  24  A   A OP1   1 
ATOM   489 O  OP2   . A   A 1 24 ? 6.516   15.363  -6.589  1.00 61.49  ?  24  A   A OP2   1 
ATOM   490 O  "O5'" . A   A 1 24 ? 6.948   16.490  -4.410  1.00 61.90  ?  24  A   A "O5'" 1 
ATOM   491 C  "C5'" . A   A 1 24 ? 7.951   15.781  -3.690  1.00 60.38  ?  24  A   A "C5'" 1 
ATOM   492 C  "C4'" . A   A 1 24 ? 9.315   16.392  -3.884  1.00 62.26  ?  24  A   A "C4'" 1 
ATOM   493 O  "O4'" . A   A 1 24 ? 9.280   17.784  -3.459  1.00 65.87  ?  24  A   A "O4'" 1 
ATOM   494 C  "C3'" . A   A 1 24 ? 10.438  15.731  -3.087  1.00 61.06  ?  24  A   A "C3'" 1 
ATOM   495 O  "O3'" . A   A 1 24 ? 11.651  15.785  -3.836  1.00 62.14  ?  24  A   A "O3'" 1 
ATOM   496 C  "C2'" . A   A 1 24 ? 10.557  16.632  -1.864  1.00 63.54  ?  24  A   A "C2'" 1 
ATOM   497 O  "O2'" . A   A 1 24 ? 11.818  16.598  -1.233  1.00 64.18  ?  24  A   A "O2'" 1 
ATOM   498 C  "C1'" . A   A 1 24 ? 10.262  18.003  -2.465  1.00 67.16  ?  24  A   A "C1'" 1 
ATOM   499 N  N9    . A   A 1 24 ? 9.741   18.977  -1.501  1.00 71.00  ?  24  A   A N9    1 
ATOM   500 C  C8    . A   A 1 24 ? 9.154   18.726  -0.286  1.00 70.53  ?  24  A   A C8    1 
ATOM   501 N  N7    . A   A 1 24 ? 8.788   19.808  0.359   1.00 73.37  ?  24  A   A N7    1 
ATOM   502 C  C5    . A   A 1 24 ? 9.159   20.843  -0.487  1.00 76.81  ?  24  A   A C5    1 
ATOM   503 C  C6    . A   A 1 24 ? 9.046   22.241  -0.383  1.00 81.68  ?  24  A   A C6    1 
ATOM   504 N  N6    . A   A 1 24 ? 8.502   22.866  0.664   1.00 83.35  ?  24  A   A N6    1 
ATOM   505 N  N1    . A   A 1 24 ? 9.517   22.988  -1.405  1.00 84.80  ?  24  A   A N1    1 
ATOM   506 C  C2    . A   A 1 24 ? 10.063  22.365  -2.456  1.00 83.36  ?  24  A   A C2    1 
ATOM   507 N  N3    . A   A 1 24 ? 10.226  21.060  -2.669  1.00 79.11  ?  24  A   A N3    1 
ATOM   508 C  C4    . A   A 1 24 ? 9.748   20.345  -1.637  1.00 75.67  ?  24  A   A C4    1 
ATOM   509 P  P     . G   A 1 25 ? 12.138  14.505  -4.677  1.00 61.13  ?  25  G   A P     1 
ATOM   510 O  OP1   . G   A 1 25 ? 13.411  14.859  -5.356  1.00 62.84  ?  25  G   A OP1   1 
ATOM   511 O  OP2   . G   A 1 25 ? 10.991  14.009  -5.478  1.00 59.40  ?  25  G   A OP2   1 
ATOM   512 O  "O5'" . G   A 1 25 ? 12.460  13.411  -3.566  1.00 60.24  ?  25  G   A "O5'" 1 
ATOM   513 C  "C5'" . G   A 1 25 ? 12.253  12.033  -3.835  1.00 59.53  ?  25  G   A "C5'" 1 
ATOM   514 C  "C4'" . G   A 1 25 ? 13.104  11.155  -2.954  1.00 57.95  ?  25  G   A "C4'" 1 
ATOM   515 O  "O4'" . G   A 1 25 ? 12.804  11.416  -1.560  1.00 58.64  ?  25  G   A "O4'" 1 
ATOM   516 C  "C3'" . G   A 1 25 ? 12.882  9.659   -3.115  1.00 54.69  ?  25  G   A "C3'" 1 
ATOM   517 O  "O3'" . G   A 1 25 ? 13.613  9.122   -4.203  1.00 51.67  ?  25  G   A "O3'" 1 
ATOM   518 C  "C2'" . G   A 1 25 ? 13.310  9.099   -1.764  1.00 55.93  ?  25  G   A "C2'" 1 
ATOM   519 O  "O2'" . G   A 1 25 ? 14.720  8.954   -1.701  1.00 57.80  ?  25  G   A "O2'" 1 
ATOM   520 C  "C1'" . G   A 1 25 ? 12.890  10.223  -0.813  1.00 57.28  ?  25  G   A "C1'" 1 
ATOM   521 N  N9    . G   A 1 25 ? 11.581  9.970   -0.180  1.00 57.14  ?  25  G   A N9    1 
ATOM   522 C  C8    . G   A 1 25 ? 10.458  10.757  -0.280  1.00 35.17  ?  25  G   A C8    1 
ATOM   523 N  N7    . G   A 1 25 ? 9.444   10.291  0.394   1.00 34.49  ?  25  G   A N7    1 
ATOM   524 C  C5    . G   A 1 25 ? 9.924   9.128   0.979   1.00 32.68  ?  25  G   A C5    1 
ATOM   525 C  C6    . G   A 1 25 ? 9.278   8.194   1.828   1.00 31.60  ?  25  G   A C6    1 
ATOM   526 O  O6    . G   A 1 25 ? 8.112   8.210   2.242   1.00 35.35  ?  25  G   A O6    1 
ATOM   527 N  N1    . G   A 1 25 ? 10.132  7.160   2.194   1.00 30.30  ?  25  G   A N1    1 
ATOM   528 C  C2    . G   A 1 25 ? 11.439  7.036   1.796   1.00 30.02  ?  25  G   A C2    1 
ATOM   529 N  N2    . G   A 1 25 ? 12.102  5.966   2.256   1.00 29.01  ?  25  G   A N2    1 
ATOM   530 N  N3    . G   A 1 25 ? 12.054  7.901   1.007   1.00 30.95  ?  25  G   A N3    1 
ATOM   531 C  C4    . G   A 1 25 ? 11.244  8.917   0.639   1.00 32.27  ?  25  G   A C4    1 
ATOM   532 P  P     . G   A 1 26 ? 13.017  7.904   -5.062  1.00 49.70  ?  26  G   A P     1 
ATOM   533 O  OP1   . G   A 1 26 ? 13.820  7.788   -6.307  1.00 51.23  ?  26  G   A OP1   1 
ATOM   534 O  OP2   . G   A 1 26 ? 11.545  8.082   -5.150  1.00 50.19  ?  26  G   A OP2   1 
ATOM   535 O  "O5'" . G   A 1 26 ? 13.314  6.621   -4.167  1.00 45.98  ?  26  G   A "O5'" 1 
ATOM   536 C  "C5'" . G   A 1 26 ? 14.644  6.275   -3.806  1.00 42.79  ?  26  G   A "C5'" 1 
ATOM   537 C  "C4'" . G   A 1 26 ? 14.670  5.169   -2.781  1.00 38.43  ?  26  G   A "C4'" 1 
ATOM   538 O  "O4'" . G   A 1 26 ? 14.027  5.617   -1.560  1.00 36.54  ?  26  G   A "O4'" 1 
ATOM   539 C  "C3'" . G   A 1 26 ? 13.917  3.902   -3.152  1.00 36.99  ?  26  G   A "C3'" 1 
ATOM   540 O  "O3'" . G   A 1 26 ? 14.666  3.045   -3.996  1.00 37.53  ?  26  G   A "O3'" 1 
ATOM   541 C  "C2'" . G   A 1 26 ? 13.598  3.291   -1.793  1.00 34.51  ?  26  G   A "C2'" 1 
ATOM   542 O  "O2'" . G   A 1 26 ? 14.734  2.622   -1.263  1.00 33.77  ?  26  G   A "O2'" 1 
ATOM   543 C  "C1'" . G   A 1 26 ? 13.342  4.542   -0.953  1.00 34.20  ?  26  G   A "C1'" 1 
ATOM   544 N  N9    . G   A 1 26 ? 11.908  4.880   -0.876  1.00 33.25  ?  26  G   A N9    1 
ATOM   545 C  C8    . G   A 1 26 ? 11.282  5.966   -1.441  1.00 34.15  ?  26  G   A C8    1 
ATOM   546 N  N7    . G   A 1 26 ? 10.001  6.005   -1.193  1.00 34.03  ?  26  G   A N7    1 
ATOM   547 C  C5    . G   A 1 26 ? 9.767   4.881   -0.415  1.00 33.10  ?  26  G   A C5    1 
ATOM   548 C  C6    . G   A 1 26 ? 8.564   4.393   0.156   1.00 33.52  ?  26  G   A C6    1 
ATOM   549 O  O6    . G   A 1 26 ? 7.426   4.875   0.086   1.00 35.02  ?  26  G   A O6    1 
ATOM   550 N  N1    . G   A 1 26 ? 8.777   3.218   0.870   1.00 31.97  ?  26  G   A N1    1 
ATOM   551 C  C2    . G   A 1 26 ? 9.990   2.592   1.017   1.00 31.17  ?  26  G   A C2    1 
ATOM   552 N  N2    . G   A 1 26 ? 9.991   1.466   1.746   1.00 31.32  ?  26  G   A N2    1 
ATOM   553 N  N3    . G   A 1 26 ? 11.119  3.036   0.491   1.00 30.86  ?  26  G   A N3    1 
ATOM   554 C  C4    . G   A 1 26 ? 10.935  4.176   -0.208  1.00 32.19  ?  26  G   A C4    1 
ATOM   555 P  P     . U   A 1 27 ? 14.091  2.622   -5.436  1.00 38.39  ?  27  U   A P     1 
ATOM   556 O  OP1   . U   A 1 27 ? 15.109  1.772   -6.104  1.00 38.75  ?  27  U   A OP1   1 
ATOM   557 O  OP2   . U   A 1 27 ? 13.594  3.846   -6.114  1.00 40.19  ?  27  U   A OP2   1 
ATOM   558 O  "O5'" . U   A 1 27 ? 12.838  1.704   -5.095  1.00 36.79  ?  27  U   A "O5'" 1 
ATOM   559 C  "C5'" . U   A 1 27 ? 12.996  0.492   -4.374  1.00 34.97  ?  27  U   A "C5'" 1 
ATOM   560 C  "C4'" . U   A 1 27 ? 11.667  -0.050  -3.918  1.00 33.02  ?  27  U   A "C4'" 1 
ATOM   561 O  "O4'" . U   A 1 27 ? 11.086  0.844   -2.935  1.00 31.59  ?  27  U   A "O4'" 1 
ATOM   562 C  "C3'" . U   A 1 27 ? 10.598  -0.167  -4.992  1.00 32.69  ?  27  U   A "C3'" 1 
ATOM   563 O  "O3'" . U   A 1 27 ? 10.733  -1.346  -5.766  1.00 32.34  ?  27  U   A "O3'" 1 
ATOM   564 C  "C2'" . U   A 1 27 ? 9.304   -0.111  -4.189  1.00 31.83  ?  27  U   A "C2'" 1 
ATOM   565 O  "O2'" . U   A 1 27 ? 9.019   -1.378  -3.616  1.00 32.11  ?  27  U   A "O2'" 1 
ATOM   566 C  "C1'" . U   A 1 27 ? 9.681   0.856   -3.064  1.00 30.73  ?  27  U   A "C1'" 1 
ATOM   567 N  N1    . U   A 1 27 ? 9.241   2.245   -3.327  1.00 30.69  ?  27  U   A N1    1 
ATOM   568 C  C2    . U   A 1 27 ? 7.933   2.578   -3.032  1.00 27.14  ?  27  U   A C2    1 
ATOM   569 O  O2    . U   A 1 27 ? 7.131   1.781   -2.579  1.00 26.65  ?  27  U   A O2    1 
ATOM   570 N  N3    . U   A 1 27 ? 7.592   3.882   -3.291  1.00 28.27  ?  27  U   A N3    1 
ATOM   571 C  C4    . U   A 1 27 ? 8.409   4.869   -3.800  1.00 32.52  ?  27  U   A C4    1 
ATOM   572 O  O4    . U   A 1 27 ? 7.954   6.000   -3.980  1.00 30.58  ?  27  U   A O4    1 
ATOM   573 C  C5    . U   A 1 27 ? 9.749   4.448   -4.076  1.00 32.16  ?  27  U   A C5    1 
ATOM   574 C  C6    . U   A 1 27 ? 10.110  3.184   -3.832  1.00 31.21  ?  27  U   A C6    1 
ATOM   575 P  P     . C   A 1 28 ? 10.701  -1.273  -7.370  1.00 33.17  ?  28  C   A P     1 
ATOM   576 O  OP1   . C   A 1 28 ? 11.302  -2.522  -7.902  1.00 33.97  ?  28  C   A OP1   1 
ATOM   577 O  OP2   . C   A 1 28 ? 11.249  0.044   -7.778  1.00 34.09  ?  28  C   A OP2   1 
ATOM   578 O  "O5'" . C   A 1 28 ? 9.149   -1.288  -7.725  1.00 32.85  ?  28  C   A "O5'" 1 
ATOM   579 C  "C5'" . C   A 1 28 ? 8.286   -2.286  -7.190  1.00 31.69  ?  28  C   A "C5'" 1 
ATOM   580 C  "C4'" . C   A 1 28 ? 6.842   -1.852  -7.235  1.00 32.55  ?  28  C   A "C4'" 1 
ATOM   581 O  "O4'" . C   A 1 28 ? 6.726   -0.538  -6.626  1.00 32.64  ?  28  C   A "O4'" 1 
ATOM   582 C  "C3'" . C   A 1 28 ? 6.244   -1.727  -8.635  1.00 35.21  ?  28  C   A "C3'" 1 
ATOM   583 O  "O3'" . C   A 1 28 ? 4.866   -2.089  -8.599  1.00 35.06  ?  28  C   A "O3'" 1 
ATOM   584 C  "C2'" . C   A 1 28 ? 6.372   -0.236  -8.925  1.00 35.87  ?  28  C   A "C2'" 1 
ATOM   585 O  "O2'" . C   A 1 28 ? 5.446   0.262   -9.868  1.00 37.30  ?  28  C   A "O2'" 1 
ATOM   586 C  "C1'" . C   A 1 28 ? 6.147   0.368   -7.544  1.00 34.58  ?  28  C   A "C1'" 1 
ATOM   587 N  N1    . C   A 1 28 ? 6.787   1.678   -7.368  1.00 36.26  ?  28  C   A N1    1 
ATOM   588 C  C2    . C   A 1 28 ? 6.002   2.755   -6.958  1.00 37.23  ?  28  C   A C2    1 
ATOM   589 O  O2    . C   A 1 28 ? 4.796   2.569   -6.742  1.00 37.01  ?  28  C   A O2    1 
ATOM   590 N  N3    . C   A 1 28 ? 6.573   3.970   -6.797  1.00 39.04  ?  28  C   A N3    1 
ATOM   591 C  C4    . C   A 1 28 ? 7.874   4.130   -7.038  1.00 40.23  ?  28  C   A C4    1 
ATOM   592 N  N4    . C   A 1 28 ? 8.395   5.348   -6.871  1.00 42.06  ?  28  C   A N4    1 
ATOM   593 C  C5    . C   A 1 28 ? 8.700   3.048   -7.466  1.00 39.19  ?  28  C   A C5    1 
ATOM   594 C  C6    . C   A 1 28 ? 8.119   1.850   -7.619  1.00 37.34  ?  28  C   A C6    1 
ATOM   595 P  P     . A   A 1 29 ? 4.240   -2.975  -9.783  1.00 34.29  ?  29  A   A P     1 
ATOM   596 O  OP1   . A   A 1 29 ? 5.312   -3.230  -10.778 1.00 34.87  ?  29  A   A OP1   1 
ATOM   597 O  OP2   . A   A 1 29 ? 2.976   -2.333  -10.221 1.00 34.83  ?  29  A   A OP2   1 
ATOM   598 O  "O5'" . A   A 1 29 ? 3.893   -4.360  -9.077  1.00 33.51  ?  29  A   A "O5'" 1 
ATOM   599 C  "C5'" . A   A 1 29 ? 4.910   -5.319  -8.826  1.00 32.70  ?  29  A   A "C5'" 1 
ATOM   600 C  "C4'" . A   A 1 29 ? 4.792   -5.901  -7.440  1.00 32.08  ?  29  A   A "C4'" 1 
ATOM   601 O  "O4'" . A   A 1 29 ? 4.955   -4.854  -6.448  1.00 33.02  ?  29  A   A "O4'" 1 
ATOM   602 C  "C3'" . A   A 1 29 ? 3.454   -6.531  -7.090  1.00 31.85  ?  29  A   A "C3'" 1 
ATOM   603 O  "O3'" . A   A 1 29 ? 3.300   -7.843  -7.603  1.00 32.15  ?  29  A   A "O3'" 1 
ATOM   604 C  "C2'" . A   A 1 29 ? 3.449   -6.464  -5.570  1.00 32.23  ?  29  A   A "C2'" 1 
ATOM   605 O  "O2'" . A   A 1 29 ? 4.274   -7.480  -5.019  1.00 32.45  ?  29  A   A "O2'" 1 
ATOM   606 C  "C1'" . A   A 1 29 ? 4.126   -5.115  -5.334  1.00 32.51  ?  29  A   A "C1'" 1 
ATOM   607 N  N9    . A   A 1 29 ? 3.137   -4.028  -5.218  1.00 32.32  ?  29  A   A N9    1 
ATOM   608 C  C8    . A   A 1 29 ? 2.923   -2.990  -6.088  1.00 32.73  ?  29  A   A C8    1 
ATOM   609 N  N7    . A   A 1 29 ? 1.962   -2.180  -5.715  1.00 32.96  ?  29  A   A N7    1 
ATOM   610 C  C5    . A   A 1 29 ? 1.513   -2.725  -4.521  1.00 32.68  ?  29  A   A C5    1 
ATOM   611 C  C6    . A   A 1 29 ? 0.505   -2.334  -3.625  1.00 27.58  ?  29  A   A C6    1 
ATOM   612 N  N6    . A   A 1 29 ? -0.261  -1.260  -3.806  1.00 37.80  ?  29  A   A N6    1 
ATOM   613 N  N1    . A   A 1 29 ? 0.306   -3.095  -2.526  1.00 27.49  ?  29  A   A N1    1 
ATOM   614 C  C2    . A   A 1 29 ? 1.076   -4.175  -2.349  1.00 32.70  ?  29  A   A C2    1 
ATOM   615 N  N3    . A   A 1 29 ? 2.055   -4.645  -3.119  1.00 32.55  ?  29  A   A N3    1 
ATOM   616 C  C4    . A   A 1 29 ? 2.226   -3.865  -4.202  1.00 32.40  ?  29  A   A C4    1 
ATOM   617 P  P     . C   A 1 30 ? 1.914   -8.285  -8.284  1.00 32.80  ?  30  C   A P     1 
ATOM   618 O  OP1   . C   A 1 30 ? 2.052   -9.694  -8.730  1.00 35.01  ?  30  C   A OP1   1 
ATOM   619 O  OP2   . C   A 1 30 ? 1.523   -7.236  -9.260  1.00 29.82  ?  30  C   A OP2   1 
ATOM   620 O  "O5'" . C   A 1 30 ? 0.863   -8.249  -7.087  1.00 29.23  ?  30  C   A "O5'" 1 
ATOM   621 C  "C5'" . C   A 1 30 ? 0.992   -9.122  -5.976  1.00 29.28  ?  30  C   A "C5'" 1 
ATOM   622 C  "C4'" . C   A 1 30 ? 0.019   -8.767  -4.881  1.00 29.22  ?  30  C   A "C4'" 1 
ATOM   623 O  "O4'" . C   A 1 30 ? 0.286   -7.422  -4.405  1.00 35.68  ?  30  C   A "O4'" 1 
ATOM   624 C  "C3'" . C   A 1 30 ? -1.448  -8.732  -5.280  1.00 34.23  ?  30  C   A "C3'" 1 
ATOM   625 O  "O3'" . C   A 1 30 ? -2.042  -10.017 -5.304  1.00 35.90  ?  30  C   A "O3'" 1 
ATOM   626 C  "C2'" . C   A 1 30 ? -2.055  -7.803  -4.236  1.00 35.71  ?  30  C   A "C2'" 1 
ATOM   627 O  "O2'" . C   A 1 30 ? -2.272  -8.495  -3.016  1.00 36.76  ?  30  C   A "O2'" 1 
ATOM   628 C  "C1'" . C   A 1 30 ? -0.922  -6.796  -4.027  1.00 35.32  ?  30  C   A "C1'" 1 
ATOM   629 N  N1    . C   A 1 30 ? -1.105  -5.575  -4.843  1.00 34.41  ?  30  C   A N1    1 
ATOM   630 C  C2    . C   A 1 30 ? -1.992  -4.594  -4.387  1.00 33.57  ?  30  C   A C2    1 
ATOM   631 O  O2    . C   A 1 30 ? -2.595  -4.778  -3.319  1.00 33.16  ?  30  C   A O2    1 
ATOM   632 N  N3    . C   A 1 30 ? -2.171  -3.472  -5.121  1.00 33.16  ?  30  C   A N3    1 
ATOM   633 C  C4    . C   A 1 30 ? -1.506  -3.310  -6.263  1.00 32.89  ?  30  C   A C4    1 
ATOM   634 N  N4    . C   A 1 30 ? -1.716  -2.187  -6.951  1.00 35.13  ?  30  C   A N4    1 
ATOM   635 C  C5    . C   A 1 30 ? -0.596  -4.291  -6.751  1.00 31.44  ?  30  C   A C5    1 
ATOM   636 C  C6    . C   A 1 30 ? -0.427  -5.397  -6.016  1.00 28.55  ?  30  C   A C6    1 
ATOM   637 P  P     . U   A 1 31 ? -2.858  -10.507 -6.598  1.00 39.38  ?  31  U   A P     1 
ATOM   638 O  OP1   . U   A 1 31 ? -3.286  -11.911 -6.367  1.00 41.04  ?  31  U   A OP1   1 
ATOM   639 O  OP2   . U   A 1 31 ? -2.053  -10.173 -7.802  1.00 40.15  ?  31  U   A OP2   1 
ATOM   640 O  "O5'" . U   A 1 31 ? -4.158  -9.586  -6.607  1.00 39.85  ?  31  U   A "O5'" 1 
ATOM   641 C  "C5'" . U   A 1 31 ? -5.046  -9.570  -5.501  1.00 40.38  ?  31  U   A "C5'" 1 
ATOM   642 C  "C4'" . U   A 1 31 ? -5.935  -8.353  -5.526  1.00 40.90  ?  31  U   A "C4'" 1 
ATOM   643 O  "O4'" . U   A 1 31 ? -5.130  -7.152  -5.402  1.00 40.18  ?  31  U   A "O4'" 1 
ATOM   644 C  "C3'" . U   A 1 31 ? -6.724  -8.133  -6.808  1.00 41.94  ?  31  U   A "C3'" 1 
ATOM   645 O  "O3'" . U   A 1 31 ? -7.891  -8.928  -6.885  1.00 43.38  ?  31  U   A "O3'" 1 
ATOM   646 C  "C2'" . U   A 1 31 ? -7.001  -6.638  -6.771  1.00 41.95  ?  31  U   A "C2'" 1 
ATOM   647 O  "O2'" . U   A 1 31 ? -8.060  -6.346  -5.872  1.00 42.67  ?  31  U   A "O2'" 1 
ATOM   648 C  "C1'" . U   A 1 31 ? -5.699  -6.109  -6.167  1.00 40.86  ?  31  U   A "C1'" 1 
ATOM   649 N  N1    . U   A 1 31 ? -4.731  -5.707  -7.212  1.00 41.07  ?  31  U   A N1    1 
ATOM   650 C  C2    . U   A 1 31 ? -4.897  -4.464  -7.790  1.00 42.49  ?  31  U   A C2    1 
ATOM   651 O  O2    . U   A 1 31 ? -5.794  -3.701  -7.472  1.00 43.78  ?  31  U   A O2    1 
ATOM   652 N  N3    . U   A 1 31 ? -3.972  -4.143  -8.752  1.00 42.54  ?  31  U   A N3    1 
ATOM   653 C  C4    . U   A 1 31 ? -2.922  -4.927  -9.185  1.00 42.38  ?  31  U   A C4    1 
ATOM   654 O  O4    . U   A 1 31 ? -2.173  -4.499  -10.063 1.00 43.71  ?  31  U   A O4    1 
ATOM   655 C  C5    . U   A 1 31 ? -2.820  -6.198  -8.540  1.00 41.35  ?  31  U   A C5    1 
ATOM   656 C  C6    . U   A 1 31 ? -3.705  -6.536  -7.599  1.00 40.79  ?  31  U   A C6    1 
ATOM   657 P  P     . G   A 1 32 ? -8.087  -9.949  -8.111  1.00 45.20  ?  32  G   A P     1 
ATOM   658 O  OP1   . G   A 1 32 ? -6.755  -10.499 -8.465  1.00 44.85  ?  32  G   A OP1   1 
ATOM   659 O  OP2   . G   A 1 32 ? -8.905  -9.276  -9.151  1.00 47.13  ?  32  G   A OP2   1 
ATOM   660 O  "O5'" . G   A 1 32 ? -8.952  -11.130 -7.486  1.00 46.51  ?  32  G   A "O5'" 1 
ATOM   661 C  "C5'" . G   A 1 32 ? -10.108 -10.851 -6.712  1.00 47.70  ?  32  G   A "C5'" 1 
ATOM   662 C  "C4'" . G   A 1 32 ? -10.163 -11.714 -5.479  1.00 48.64  ?  32  G   A "C4'" 1 
ATOM   663 O  "O4'" . G   A 1 32 ? -9.009  -11.450 -4.638  1.00 46.76  ?  32  G   A "O4'" 1 
ATOM   664 C  "C3'" . G   A 1 32 ? -11.348 -11.482 -4.556  1.00 50.71  ?  32  G   A "C3'" 1 
ATOM   665 O  "O3'" . G   A 1 32 ? -12.528 -12.128 -5.001  1.00 54.10  ?  32  G   A "O3'" 1 
ATOM   666 C  "C2'" . G   A 1 32 ? -10.833 -11.998 -3.220  1.00 50.00  ?  32  G   A "C2'" 1 
ATOM   667 O  "O2'" . G   A 1 32 ? -10.880 -13.417 -3.179  1.00 51.52  ?  32  G   A "O2'" 1 
ATOM   668 C  "C1'" . G   A 1 32 ? -9.369  -11.566 -3.278  1.00 47.21  ?  32  G   A "C1'" 1 
ATOM   669 N  N9    . G   A 1 32 ? -9.155  -10.262 -2.620  1.00 45.30  ?  32  G   A N9    1 
ATOM   670 C  C8    . G   A 1 32 ? -8.915  -9.053  -3.227  1.00 44.11  ?  32  G   A C8    1 
ATOM   671 N  N7    . G   A 1 32 ? -8.765  -8.074  -2.376  1.00 43.77  ?  32  G   A N7    1 
ATOM   672 C  C5    . G   A 1 32 ? -8.916  -8.671  -1.132  1.00 44.53  ?  32  G   A C5    1 
ATOM   673 C  C6    . G   A 1 32 ? -8.857  -8.111  0.171   1.00 44.69  ?  32  G   A C6    1 
ATOM   674 O  O6    . G   A 1 32 ? -8.654  -6.935  0.498   1.00 44.52  ?  32  G   A O6    1 
ATOM   675 N  N1    . G   A 1 32 ? -9.066  -9.076  1.150   1.00 45.68  ?  32  G   A N1    1 
ATOM   676 C  C2    . G   A 1 32 ? -9.299  -10.407 0.912   1.00 46.65  ?  32  G   A C2    1 
ATOM   677 N  N2    . G   A 1 32 ? -9.476  -11.179 1.992   1.00 48.28  ?  32  G   A N2    1 
ATOM   678 N  N3    . G   A 1 32 ? -9.356  -10.940 -0.298  1.00 46.81  ?  32  G   A N3    1 
ATOM   679 C  C4    . G   A 1 32 ? -9.156  -10.022 -1.265  1.00 45.49  ?  32  G   A C4    1 
ATOM   680 P  P     . C   A 1 33 ? -13.965 -11.482 -4.692  1.00 56.64  ?  33  C   A P     1 
ATOM   681 O  OP1   . C   A 1 33 ? -14.969 -12.148 -5.561  1.00 57.58  ?  33  C   A OP1   1 
ATOM   682 O  OP2   . C   A 1 33 ? -13.822 -10.004 -4.734  1.00 55.61  ?  33  C   A OP2   1 
ATOM   683 O  "O5'" . C   A 1 33 ? -14.255 -11.906 -3.185  1.00 59.32  ?  33  C   A "O5'" 1 
ATOM   684 C  "C5'" . C   A 1 33 ? -14.171 -13.267 -2.787  1.00 61.56  ?  33  C   A "C5'" 1 
ATOM   685 C  "C4'" . C   A 1 33 ? -14.085 -13.397 -1.288  1.00 63.24  ?  33  C   A "C4'" 1 
ATOM   686 O  "O4'" . C   A 1 33 ? -12.867 -12.770 -0.807  1.00 61.28  ?  33  C   A "O4'" 1 
ATOM   687 C  "C3'" . C   A 1 33 ? -15.187 -12.710 -0.500  1.00 65.95  ?  33  C   A "C3'" 1 
ATOM   688 O  "O3'" . C   A 1 33 ? -16.381 -13.471 -0.448  1.00 70.50  ?  33  C   A "O3'" 1 
ATOM   689 C  "C2'" . C   A 1 33 ? -14.538 -12.489 0.860   1.00 65.53  ?  33  C   A "C2'" 1 
ATOM   690 O  "O2'" . C   A 1 33 ? -14.555 -13.684 1.626   1.00 68.30  ?  33  C   A "O2'" 1 
ATOM   691 C  "C1'" . C   A 1 33 ? -13.092 -12.190 0.460   1.00 61.73  ?  33  C   A "C1'" 1 
ATOM   692 N  N1    . C   A 1 33 ? -12.823 -10.736 0.374   1.00 58.90  ?  33  C   A N1    1 
ATOM   693 C  C2    . C   A 1 33 ? -12.550 -10.032 1.551   1.00 57.92  ?  33  C   A C2    1 
ATOM   694 O  O2    . C   A 1 33 ? -12.543 -10.644 2.630   1.00 59.01  ?  33  C   A O2    1 
ATOM   695 N  N3    . C   A 1 33 ? -12.300 -8.704  1.487   1.00 55.92  ?  33  C   A N3    1 
ATOM   696 C  C4    . C   A 1 33 ? -12.315 -8.079  0.309   1.00 54.28  ?  33  C   A C4    1 
ATOM   697 N  N4    . C   A 1 33 ? -12.063 -6.769  0.294   1.00 52.35  ?  33  C   A N4    1 
ATOM   698 C  C5    . C   A 1 33 ? -12.590 -8.769  -0.906  1.00 55.35  ?  33  C   A C5    1 
ATOM   699 C  C6    . C   A 1 33 ? -12.834 -10.083 -0.828  1.00 57.37  ?  33  C   A C6    1 
ATOM   700 P  P     . G   A 1 34 ? -17.789 -12.738 -0.211  1.00 74.67  ?  34  G   A P     1 
ATOM   701 O  OP1   . G   A 1 34 ? -18.869 -13.722 -0.480  1.00 77.21  ?  34  G   A OP1   1 
ATOM   702 O  OP2   . G   A 1 34 ? -17.767 -11.449 -0.949  1.00 73.25  ?  34  G   A OP2   1 
ATOM   703 O  "O5'" . G   A 1 34 ? -17.787 -12.413 1.347   1.00 77.77  ?  34  G   A "O5'" 1 
ATOM   704 C  "C5'" . G   A 1 34 ? -18.675 -11.454 1.895   1.00 80.68  ?  34  G   A "C5'" 1 
ATOM   705 C  "C4'" . G   A 1 34 ? -18.301 -11.109 3.315   1.00 82.74  ?  34  G   A "C4'" 1 
ATOM   706 O  "O4'" . G   A 1 34 ? -16.901 -10.729 3.375   1.00 80.14  ?  34  G   A "O4'" 1 
ATOM   707 C  "C3'" . G   A 1 34 ? -19.033 -9.924  3.925   1.00 84.15  ?  34  G   A "C3'" 1 
ATOM   708 O  "O3'" . G   A 1 34 ? -20.321 -10.260 4.412   1.00 87.48  ?  34  G   A "O3'" 1 
ATOM   709 C  "C2'" . G   A 1 34 ? -18.068 -9.461  5.008   1.00 83.46  ?  34  G   A "C2'" 1 
ATOM   710 O  "O2'" . G   A 1 34 ? -18.158 -10.299 6.151   1.00 85.71  ?  34  G   A "O2'" 1 
ATOM   711 C  "C1'" . G   A 1 34 ? -16.719 -9.708  4.334   1.00 80.54  ?  34  G   A "C1'" 1 
ATOM   712 N  N9    . G   A 1 34 ? -16.216 -8.505  3.643   1.00 78.88  ?  34  G   A N9    1 
ATOM   713 C  C8    . G   A 1 34 ? -16.159 -8.300  2.285   1.00 77.50  ?  34  G   A C8    1 
ATOM   714 N  N7    . G   A 1 34 ? -15.664 -7.137  1.962   1.00 76.20  ?  34  G   A N7    1 
ATOM   715 C  C5    . G   A 1 34 ? -15.376 -6.535  3.180   1.00 76.60  ?  34  G   A C5    1 
ATOM   716 C  C6    . G   A 1 34 ? -14.820 -5.262  3.465   1.00 76.54  ?  34  G   A C6    1 
ATOM   717 O  O6    . G   A 1 34 ? -14.459 -4.384  2.672   1.00 75.75  ?  34  G   A O6    1 
ATOM   718 N  N1    . G   A 1 34 ? -14.698 -5.053  4.834   1.00 78.02  ?  34  G   A N1    1 
ATOM   719 C  C2    . G   A 1 34 ? -15.064 -5.952  5.806   1.00 80.02  ?  34  G   A C2    1 
ATOM   720 N  N2    . G   A 1 34 ? -14.867 -5.563  7.074   1.00 81.62  ?  34  G   A N2    1 
ATOM   721 N  N3    . G   A 1 34 ? -15.583 -7.143  5.553   1.00 80.28  ?  34  G   A N3    1 
ATOM   722 C  C4    . G   A 1 34 ? -15.711 -7.367  4.229   1.00 78.53  ?  34  G   A C4    1 
ATOM   723 P  P     . C   A 1 35 ? -21.509 -9.180  4.356   1.00 87.91  ?  35  C   A P     1 
ATOM   724 O  OP1   . C   A 1 35 ? -22.669 -9.731  5.102   1.00 90.97  ?  35  C   A OP1   1 
ATOM   725 O  OP2   . C   A 1 35 ? -21.679 -8.753  2.943   1.00 85.84  ?  35  C   A OP2   1 
ATOM   726 O  "O5'" . C   A 1 35 ? -20.934 -7.944  5.182   1.00 86.63  ?  35  C   A "O5'" 1 
ATOM   727 C  "C5'" . C   A 1 35 ? -21.544 -6.665  5.108   1.00 85.99  ?  35  C   A "C5'" 1 
ATOM   728 C  "C4'" . C   A 1 35 ? -20.854 -5.675  6.013   1.00 83.96  ?  35  C   A "C4'" 1 
ATOM   729 O  "O4'" . C   A 1 35 ? -19.432 -5.648  5.720   1.00 80.48  ?  35  C   A "O4'" 1 
ATOM   730 C  "C3'" . C   A 1 35 ? -21.289 -4.225  5.869   1.00 82.91  ?  35  C   A "C3'" 1 
ATOM   731 O  "O3'" . C   A 1 35 ? -22.486 -3.938  6.570   1.00 84.16  ?  35  C   A "O3'" 1 
ATOM   732 C  "C2'" . C   A 1 35 ? -20.078 -3.460  6.389   1.00 81.42  ?  35  C   A "C2'" 1 
ATOM   733 O  "O2'" . C   A 1 35 ? -20.064 -3.449  7.809   1.00 83.14  ?  35  C   A "O2'" 1 
ATOM   734 C  "C1'" . C   A 1 35 ? -18.927 -4.342  5.901   1.00 78.87  ?  35  C   A "C1'" 1 
ATOM   735 N  N1    . C   A 1 35 ? -18.358 -3.869  4.619   1.00 75.85  ?  35  C   A N1    1 
ATOM   736 C  C2    . C   A 1 35 ? -17.481 -2.781  4.628   1.00 74.43  ?  35  C   A C2    1 
ATOM   737 O  O2    . C   A 1 35 ? -17.204 -2.237  5.707   1.00 75.28  ?  35  C   A O2    1 
ATOM   738 N  N3    . C   A 1 35 ? -16.954 -2.344  3.461   1.00 72.75  ?  35  C   A N3    1 
ATOM   739 C  C4    . C   A 1 35 ? -17.271 -2.951  2.317   1.00 72.73  ?  35  C   A C4    1 
ATOM   740 N  N4    . C   A 1 35 ? -16.727 -2.486  1.191   1.00 71.95  ?  35  C   A N4    1 
ATOM   741 C  C5    . C   A 1 35 ? -18.160 -4.064  2.278   1.00 73.44  ?  35  C   A C5    1 
ATOM   742 C  C6    . C   A 1 35 ? -18.674 -4.486  3.440   1.00 75.00  ?  35  C   A C6    1 
ATOM   743 P  P     . C   A 1 36 ? -23.719 -3.238  5.815   1.00 83.41  ?  36  C   A P     1 
ATOM   744 O  OP1   . C   A 1 36 ? -24.945 -3.471  6.621   1.00 86.26  ?  36  C   A OP1   1 
ATOM   745 O  OP2   . C   A 1 36 ? -23.685 -3.662  4.391   1.00 81.26  ?  36  C   A OP2   1 
ATOM   746 O  "O5'" . C   A 1 36 ? -23.377 -1.685  5.872   1.00 81.85  ?  36  C   A "O5'" 1 
ATOM   747 C  "C5'" . C   A 1 36 ? -23.252 -1.012  7.117   1.00 82.08  ?  36  C   A "C5'" 1 
ATOM   748 C  "C4'" . C   A 1 36 ? -22.470 0.269   6.977   1.00 79.16  ?  36  C   A "C4'" 1 
ATOM   749 O  "O4'" . C   A 1 36 ? -21.119 -0.026  6.534   1.00 74.64  ?  36  C   A "O4'" 1 
ATOM   750 C  "C3'" . C   A 1 36 ? -22.989 1.258   5.945   1.00 78.55  ?  36  C   A "C3'" 1 
ATOM   751 O  "O3'" . C   A 1 36 ? -24.070 2.040   6.423   1.00 81.72  ?  36  C   A "O3'" 1 
ATOM   752 C  "C2'" . C   A 1 36 ? -21.747 2.072   5.609   1.00 75.28  ?  36  C   A "C2'" 1 
ATOM   753 O  "O2'" . C   A 1 36 ? -21.499 3.045   6.613   1.00 76.04  ?  36  C   A "O2'" 1 
ATOM   754 C  "C1'" . C   A 1 36 ? -20.653 1.005   5.689   1.00 72.11  ?  36  C   A "C1'" 1 
ATOM   755 N  N1    . C   A 1 36 ? -20.329 0.428   4.365   1.00 68.02  ?  36  C   A N1    1 
ATOM   756 C  C2    . C   A 1 36 ? -19.481 1.137   3.509   1.00 64.78  ?  36  C   A C2    1 
ATOM   757 O  O2    . C   A 1 36 ? -19.025 2.228   3.881   1.00 64.53  ?  36  C   A O2    1 
ATOM   758 N  N3    . C   A 1 36 ? -19.175 0.618   2.297   1.00 62.50  ?  36  C   A N3    1 
ATOM   759 C  C4    . C   A 1 36 ? -19.683 -0.558  1.928   1.00 62.47  ?  36  C   A C4    1 
ATOM   760 N  N4    . C   A 1 36 ? -19.355 -1.031  0.723   1.00 60.48  ?  36  C   A N4    1 
ATOM   761 C  C5    . C   A 1 36 ? -20.549 -1.306  2.778   1.00 64.93  ?  36  C   A C5    1 
ATOM   762 C  C6    . C   A 1 36 ? -20.840 -0.780  3.976   1.00 67.49  ?  36  C   A C6    1 
HETATM 763 IR IR    . IRI B 2 .  ? 0.647   -4.930  -12.360 1.00 54.77  ?  101 IRI A IR    1 
HETATM 764 N  N1    . IRI B 2 .  ? -1.220  -3.734  -12.771 1.00 40.38  ?  101 IRI A N1    1 
HETATM 765 N  N2    . IRI B 2 .  ? 1.928   -3.250  -13.101 1.00 57.39  ?  101 IRI A N2    1 
HETATM 766 N  N3    . IRI B 2 .  ? 2.468   -6.191  -11.867 1.00 37.96  ?  101 IRI A N3    1 
HETATM 767 N  N4    . IRI B 2 .  ? -0.650  -6.631  -11.619 1.00 83.92  ?  101 IRI A N4    1 
HETATM 768 N  N5    . IRI B 2 .  ? 0.689   -4.080  -10.265 1.00 41.94  ?  101 IRI A N5    1 
HETATM 769 N  N6    . IRI B 2 .  ? 0.616   -5.828  -14.416 1.00 47.25  ?  101 IRI A N6    1 
HETATM 770 IR IR    . IRI C 2 .  ? 4.739   11.362  -12.322 1.00 119.29 ?  102 IRI A IR    1 
HETATM 771 N  N1    . IRI C 2 .  ? 3.525   10.222  -10.799 1.00 72.08  ?  102 IRI A N1    1 
HETATM 772 N  N2    . IRI C 2 .  ? 4.397   13.273  -11.204 1.00 63.94  ?  102 IRI A N2    1 
HETATM 773 N  N3    . IRI C 2 .  ? 6.007   12.422  -13.877 1.00 64.00  ?  102 IRI A N3    1 
HETATM 774 N  N4    . IRI C 2 .  ? 5.086   9.435   -13.456 1.00 68.50  ?  102 IRI A N4    1 
HETATM 775 N  N5    . IRI C 2 .  ? 6.595   10.950  -11.098 1.00 48.11  ?  102 IRI A N5    1 
HETATM 776 N  N6    . IRI C 2 .  ? 2.919   11.761  -13.576 1.00 71.17  ?  102 IRI A N6    1 
HETATM 777 IR IR    . IRI D 2 .  ? 13.776  1.602   -10.520 1.00 112.38 ?  103 IRI A IR    1 
HETATM 778 N  N1    . IRI D 2 .  ? 12.315  2.456   -9.027  1.00 73.98  ?  103 IRI A N1    1 
HETATM 779 N  N2    . IRI D 2 .  ? 13.792  3.540   -11.641 1.00 63.15  ?  103 IRI A N2    1 
HETATM 780 N  N3    . IRI D 2 .  ? 15.292  0.689   -11.941 1.00 68.43  ?  103 IRI A N3    1 
HETATM 781 N  N4    . IRI D 2 .  ? 13.762  -0.359  -9.388  1.00 39.64  ?  103 IRI A N4    1 
HETATM 782 N  N5    . IRI D 2 .  ? 15.475  2.326   -9.216  1.00 61.52  ?  103 IRI A N5    1 
HETATM 783 N  N6    . IRI D 2 .  ? 12.117  0.856   -11.836 1.00 51.37  ?  103 IRI A N6    1 
HETATM 784 K  K     . K   E 3 .  ? 6.247   5.951   2.808   1.00 44.79  ?  104 K   A K     1 
HETATM 785 MG MG    . MG  F 4 .  ? -10.962 -15.685 4.047   1.00 53.31  ?  105 MG  A MG    1 
HETATM 786 MG MG    . MG  G 4 .  ? -6.858  -0.137  5.208   1.00 40.73  ?  106 MG  A MG    1 
HETATM 787 MG MG    . MG  H 4 .  ? -24.744 -9.149  6.980   1.00 69.58  ?  107 MG  A MG    1 
HETATM 788 MG MG    . MG  I 4 .  ? -8.485  3.473   -0.846  1.00 60.61  ?  108 MG  A MG    1 
HETATM 789 C  C     . ACT J 5 .  ? -1.421  11.677  -13.714 1.00 57.41  ?  109 ACT A C     1 
HETATM 790 O  O     . ACT J 5 .  ? -1.744  10.504  -13.387 1.00 54.82  -1 109 ACT A O     1 
HETATM 791 O  OXT   . ACT J 5 .  ? -1.324  11.987  -14.931 1.00 60.13  ?  109 ACT A OXT   1 
HETATM 792 C  CH3   . ACT J 5 .  ? -1.149  12.723  -12.636 1.00 57.68  ?  109 ACT A CH3   1 
HETATM 793 C  C     . ACT K 5 .  ? 12.265  -8.743  2.448   1.00 36.12  ?  110 ACT A C     1 
HETATM 794 O  O     . ACT K 5 .  ? 12.966  -9.599  1.848   1.00 38.23  ?  110 ACT A O     1 
HETATM 795 O  OXT   . ACT K 5 .  ? 12.820  -7.862  3.158   1.00 37.02  ?  110 ACT A OXT   1 
HETATM 796 C  CH3   . ACT K 5 .  ? 10.744  -8.770  2.313   1.00 32.62  ?  110 ACT A CH3   1 
HETATM 797 IR IR    . IR  L 6 .  ? 2.001   -11.087 5.410   1.00 117.91 ?  111 IR  A IR    1 
HETATM 798 IR IR    . IR  M 6 .  ? 17.596  -7.193  -3.421  0.50 137.92 ?  112 IR  A IR    1 
HETATM 799 O  O     . HOH N 7 .  ? 4.079   -12.387 3.550   1.00 34.14  ?  201 HOH A O     1 
HETATM 800 O  O     . HOH N 7 .  ? -4.916  3.792   -12.653 1.00 41.95  ?  202 HOH A O     1 
# 
loop_
_atom_site_anisotrop.id 
_atom_site_anisotrop.type_symbol 
_atom_site_anisotrop.pdbx_label_atom_id 
_atom_site_anisotrop.pdbx_label_alt_id 
_atom_site_anisotrop.pdbx_label_comp_id 
_atom_site_anisotrop.pdbx_label_asym_id 
_atom_site_anisotrop.pdbx_label_seq_id 
_atom_site_anisotrop.pdbx_PDB_ins_code 
_atom_site_anisotrop.U[1][1] 
_atom_site_anisotrop.U[2][2] 
_atom_site_anisotrop.U[3][3] 
_atom_site_anisotrop.U[1][2] 
_atom_site_anisotrop.U[1][3] 
_atom_site_anisotrop.U[2][3] 
_atom_site_anisotrop.pdbx_auth_seq_id 
_atom_site_anisotrop.pdbx_auth_comp_id 
_atom_site_anisotrop.pdbx_auth_asym_id 
_atom_site_anisotrop.pdbx_auth_atom_id 
1   P  P     . G   A 2  ? 1.3335 1.4201 1.2697 0.3358  -0.1231 -0.2417 2   G   A P     
2   O  OP1   . G   A 2  ? 1.3756 1.4319 1.3279 0.3623  -0.1374 -0.2627 2   G   A OP1   
3   O  OP2   . G   A 2  ? 1.3197 1.3723 1.2280 0.3063  -0.1085 -0.2135 2   G   A OP2   
4   O  "O5'" . G   A 2  ? 1.2921 1.4745 1.2553 0.3245  -0.1107 -0.2661 2   G   A "O5'" 
5   C  "C5'" . G   A 2  ? 1.2489 1.4663 1.2039 0.2902  -0.0912 -0.2520 2   G   A "C5'" 
6   C  "C4'" . G   A 2  ? 1.2101 1.5209 1.1909 0.2812  -0.0821 -0.2749 2   G   A "C4'" 
7   O  "O4'" . G   A 2  ? 1.2097 1.5524 1.2070 0.2938  -0.0912 -0.2831 2   G   A "O4'" 
8   C  "C3'" . G   A 2  ? 1.1614 1.5124 1.1347 0.2435  -0.0642 -0.2548 2   G   A "C3'" 
9   O  "O3'" . G   A 2  ? 1.1371 1.4954 1.1029 0.2288  -0.0534 -0.2566 2   G   A "O3'" 
10  C  "C2'" . G   A 2  ? 1.1546 1.5914 1.1535 0.2389  -0.0604 -0.2730 2   G   A "C2'" 
11  O  "O2'" . G   A 2  ? 1.1530 1.6519 1.1712 0.2444  -0.0556 -0.3090 2   G   A "O2'" 
12  C  "C1'" . G   A 2  ? 1.1852 1.6022 1.1946 0.2687  -0.0778 -0.2830 2   G   A "C1'" 
13  N  N9    . G   A 2  ? 1.1878 1.5899 1.1894 0.2564  -0.0790 -0.2560 2   G   A N9    
14  C  C8    . G   A 2  ? 1.2018 1.5361 1.1842 0.2661  -0.0898 -0.2353 2   G   A C8    
15  N  N7    . G   A 2  ? 1.1868 1.5305 1.1703 0.2509  -0.0879 -0.2192 2   G   A N7    
16  C  C5    . G   A 2  ? 1.1674 1.5845 1.1723 0.2297  -0.0755 -0.2268 2   G   A C5    
17  C  C6    . G   A 2  ? 1.1593 1.6154 1.1788 0.2057  -0.0684 -0.2162 2   G   A C6    
18  O  O6    . G   A 2  ? 1.1601 1.5946 1.1788 0.1998  -0.0720 -0.2013 2   G   A O6    
19  N  N1    . G   A 2  ? 1.1515 1.6812 1.1896 0.1858  -0.0558 -0.2259 2   G   A N1    
20  C  C2    . G   A 2  ? 1.1578 1.7257 1.1991 0.1889  -0.0500 -0.2463 2   G   A C2    
21  N  N2    . G   A 2  ? 1.1532 1.7990 1.2104 0.1643  -0.0368 -0.2523 2   G   A N2    
22  N  N3    . G   A 2  ? 1.1667 1.7010 1.1980 0.2127  -0.0566 -0.2607 2   G   A N3    
23  C  C4    . G   A 2  ? 1.1713 1.6278 1.1852 0.2320  -0.0695 -0.2486 2   G   A C4    
24  P  P     . C   A 3  ? 1.0826 1.4324 1.0284 0.1933  -0.0410 -0.2209 3   C   A P     
25  O  OP1   . C   A 3  ? 1.0831 1.4373 1.0221 0.1867  -0.0340 -0.2299 3   C   A OP1   
26  O  OP2   . C   A 3  ? 1.0811 1.3629 1.0110 0.1914  -0.0463 -0.1910 3   C   A OP2   
27  O  "O5'" . C   A 3  ? 1.0246 1.4553 0.9841 0.1684  -0.0313 -0.2153 3   C   A "O5'" 
28  C  "C5'" . C   A 3  ? 0.9686 1.4827 0.9426 0.1622  -0.0232 -0.2411 3   C   A "C5'" 
29  C  "C4'" . C   A 3  ? 0.8814 1.4625 0.8658 0.1352  -0.0148 -0.2280 3   C   A "C4'" 
30  O  "O4'" . C   A 3  ? 0.8572 1.4350 0.8568 0.1476  -0.0223 -0.2315 3   C   A "O4'" 
31  C  "C3'" . C   A 3  ? 0.8094 1.3753 0.7806 0.1017  -0.0088 -0.1837 3   C   A "C3'" 
32  O  "O3'" . C   A 3  ? 0.7512 1.3519 0.7113 0.0795  0.0002  -0.1755 3   C   A "O3'" 
33  C  "C2'" . C   A 3  ? 0.8025 1.4108 0.7919 0.0857  -0.0063 -0.1740 3   C   A "C2'" 
34  O  "O2'" . C   A 3  ? 0.8012 1.5017 0.8007 0.0663  0.0044  -0.1855 3   C   A "O2'" 
35  C  "C1'" . C   A 3  ? 0.8077 1.4008 0.8107 0.1188  -0.0168 -0.2014 3   C   A "C1'" 
36  N  N1    . C   A 3  ? 0.7602 1.2813 0.7577 0.1266  -0.0261 -0.1812 3   C   A N1    
37  C  C2    . C   A 3  ? 0.7274 1.2582 0.7380 0.1077  -0.0248 -0.1618 3   C   A C2    
38  O  O2    . C   A 3  ? 0.7181 1.3132 0.7439 0.0837  -0.0160 -0.1585 3   C   A O2    
39  N  N3    . C   A 3  ? 0.7095 1.1816 0.7168 0.1143  -0.0328 -0.1482 3   C   A N3    
40  C  C4    . C   A 3  ? 0.7096 1.1166 0.6977 0.1370  -0.0414 -0.1499 3   C   A C4    
41  N  N4    . C   A 3  ? 0.7007 1.0594 0.6845 0.1407  -0.0480 -0.1374 3   C   A N4    
42  C  C5    . C   A 3  ? 0.7311 1.1220 0.7051 0.1554  -0.0431 -0.1657 3   C   A C5    
43  C  C6    . C   A 3  ? 0.7493 1.1976 0.7304 0.1505  -0.0356 -0.1825 3   C   A C6    
44  P  P     . G   A 4  ? 0.6997 1.2594 0.6428 0.0545  0.0012  -0.1319 4   G   A P     
45  O  OP1   . G   A 4  ? 0.7098 1.3058 0.6396 0.0421  0.0074  -0.1352 4   G   A OP1   
46  O  OP2   . G   A 4  ? 0.6875 1.1565 0.6241 0.0705  -0.0076 -0.1206 4   G   A OP2   
47  O  "O5'" . G   A 4  ? 0.6663 1.2623 0.6213 0.0234  0.0048  -0.1009 4   G   A "O5'" 
48  C  "C5'" . G   A 4  ? 0.6407 1.1994 0.5932 0.0013  0.0023  -0.0590 4   G   A "C5'" 
49  C  "C4'" . G   A 4  ? 0.6122 1.2030 0.5841 -0.0245 0.0042  -0.0353 4   G   A "C4'" 
50  O  "O4'" . G   A 4  ? 0.5923 1.1912 0.5819 -0.0088 0.0030  -0.0581 4   G   A "O4'" 
51  C  "C3'" . G   A 4  ? 0.5935 1.1306 0.5749 -0.0409 -0.0022 0.0035  4   G   A "C3'" 
52  O  "O3'" . G   A 4  ? 0.5927 1.1378 0.5662 -0.0658 -0.0026 0.0361  4   G   A "O3'" 
53  C  "C2'" . G   A 4  ? 0.5820 1.1430 0.5903 -0.0535 -0.0014 0.0087  4   G   A "C2'" 
54  O  "O2'" . G   A 4  ? 0.5855 1.2156 0.5995 -0.0856 0.0055  0.0272  4   G   A "O2'" 
55  C  "C1'" . G   A 4  ? 0.5801 1.1611 0.5899 -0.0250 0.0001  -0.0339 4   G   A "C1'" 
56  N  N9    . G   A 4  ? 0.5702 1.0871 0.5840 0.0004  -0.0085 -0.0448 4   G   A N9    
57  C  C8    . G   A 4  ? 0.5725 1.0429 0.5689 0.0311  -0.0138 -0.0649 4   G   A C8    
58  N  N7    . G   A 4  ? 0.5686 0.9922 0.5697 0.0457  -0.0211 -0.0677 4   G   A N7    
59  C  C5    . G   A 4  ? 0.5612 1.0018 0.5876 0.0247  -0.0203 -0.0525 4   G   A C5    
60  C  C6    . G   A 4  ? 0.5512 0.9644 0.5949 0.0273  -0.0261 -0.0517 4   G   A C6    
61  O  O6    . G   A 4  ? 0.5511 0.9217 0.5872 0.0485  -0.0330 -0.0629 4   G   A O6    
62  N  N1    . G   A 4  ? 0.5436 0.9870 0.6168 -0.0001 -0.0232 -0.0360 4   G   A N1    
63  C  C2    . G   A 4  ? 0.5514 1.0439 0.6328 -0.0280 -0.0159 -0.0184 4   G   A C2    
64  N  N2    . G   A 4  ? 0.5561 1.0675 0.6688 -0.0541 -0.0148 -0.0020 4   G   A N2    
65  N  N3    . G   A 4  ? 0.5585 1.0812 0.6193 -0.0316 -0.0104 -0.0171 4   G   A N3    
66  C  C4    . G   A 4  ? 0.5610 1.0560 0.5964 -0.0037 -0.0128 -0.0367 4   G   A C4    
67  P  P     . C   A 5  ? 0.5802 1.0517 0.5505 -0.0649 -0.0116 0.0595  5   C   A P     
68  O  OP1   . C   A 5  ? 0.5900 1.0891 0.5473 -0.0863 -0.0121 0.0849  5   C   A OP1   
69  O  OP2   . C   A 5  ? 0.5680 0.9845 0.5272 -0.0331 -0.0135 0.0315  5   C   A OP2   
70  O  "O5'" . C   A 5  ? 0.5700 1.0086 0.5714 -0.0789 -0.0181 0.0854  5   C   A "O5'" 
71  C  "C5'" . C   A 5  ? 0.5641 1.0406 0.5842 -0.1105 -0.0183 0.1165  5   C   A "C5'" 
72  C  "C4'" . C   A 5  ? 0.5377 0.9878 0.5929 -0.1157 -0.0226 0.1229  5   C   A "C4'" 
73  O  "O4'" . C   A 5  ? 0.5240 0.9892 0.5817 -0.0962 -0.0173 0.0869  5   C   A "O4'" 
74  C  "C3'" . C   A 5  ? 0.5136 0.8882 0.5859 -0.1057 -0.0323 0.1281  5   C   A "C3'" 
75  O  "O3'" . C   A 5  ? 0.5110 0.8637 0.5998 -0.1263 -0.0416 0.1656  5   C   A "O3'" 
76  C  "C2'" . C   A 5  ? 0.5178 0.8847 0.6180 -0.1012 -0.0324 0.1125  5   C   A "C2'" 
77  O  "O2'" . C   A 5  ? 0.5409 0.9274 0.6753 -0.1306 -0.0346 0.1389  5   C   A "O2'" 
78  C  "C1'" . C   A 5  ? 0.5128 0.9284 0.5938 -0.0864 -0.0233 0.0807  5   C   A "C1'" 
79  N  N1    . C   A 5  ? 0.4967 0.8777 0.5574 -0.0523 -0.0241 0.0487  5   C   A N1    
80  C  C2    . C   A 5  ? 0.4806 0.8314 0.5562 -0.0382 -0.0283 0.0325  5   C   A C2    
81  O  O2    . C   A 5  ? 0.4797 0.8341 0.5881 -0.0535 -0.0304 0.0411  5   C   A O2    
82  N  N3    . C   A 5  ? 0.4693 0.7886 0.5236 -0.0093 -0.0302 0.0081  5   C   A N3    
83  C  C4    . C   A 5  ? 0.4740 0.7869 0.4977 0.0056  -0.0283 -0.0011 5   C   A C4    
84  N  N4    . C   A 5  ? 0.4760 0.7537 0.4807 0.0321  -0.0314 -0.0214 5   C   A N4    
85  C  C5    . C   A 5  ? 0.4846 0.8286 0.4963 -0.0073 -0.0235 0.0104  5   C   A C5    
86  C  C6    . C   A 5  ? 0.4954 0.8747 0.5242 -0.0360 -0.0216 0.0354  5   C   A C6    
87  P  P     . G   A 6  ? 0.5121 0.7984 0.6042 -0.1138 -0.0509 0.1685  6   G   A P     
88  O  OP1   . G   A 6  ? 0.5416 0.8196 0.6544 -0.1371 -0.0623 0.2099  6   G   A OP1   
89  O  OP2   . G   A 6  ? 0.5108 0.7911 0.5643 -0.0907 -0.0451 0.1425  6   G   A OP2   
90  O  "O5'" . G   A 6  ? 0.4919 0.7341 0.6139 -0.1019 -0.0538 0.1497  6   G   A "O5'" 
91  C  "C5'" . G   A 6  ? 0.4972 0.7376 0.6632 -0.1193 -0.0590 0.1633  6   G   A "C5'" 
92  C  "C4'" . G   A 6  ? 0.5006 0.7137 0.6861 -0.1036 -0.0588 0.1335  6   G   A "C4'" 
93  O  "O4'" . G   A 6  ? 0.4760 0.7155 0.6331 -0.0851 -0.0494 0.1029  6   G   A "O4'" 
94  C  "C3'" . G   A 6  ? 0.5152 0.6747 0.7014 -0.0862 -0.0632 0.1184  6   G   A "C3'" 
95  O  "O3'" . G   A 6  ? 0.5462 0.6731 0.7757 -0.0987 -0.0743 0.1357  6   G   A "O3'" 
96  C  "C2'" . G   A 6  ? 0.4686 0.6249 0.6513 -0.0680 -0.0585 0.0837  6   G   A "C2'" 
97  O  "O2'" . G   A 6  ? 0.4479 0.6034 0.6776 -0.0787 -0.0628 0.0806  6   G   A "O2'" 
98  C  "C1'" . G   A 6  ? 0.4612 0.6652 0.6142 -0.0628 -0.0502 0.0752  6   G   A "C1'" 
99  N  N9    . G   A 6  ? 0.4618 0.6596 0.5688 -0.0402 -0.0455 0.0582  6   G   A N9    
100 C  C8    . G   A 6  ? 0.4684 0.6851 0.5453 -0.0393 -0.0416 0.0645  6   G   A C8    
101 N  N7    . G   A 6  ? 0.4674 0.6684 0.5118 -0.0169 -0.0387 0.0438  6   G   A N7    
102 C  C5    . G   A 6  ? 0.4620 0.6328 0.5113 -0.0030 -0.0411 0.0263  6   G   A C5    
103 C  C6    . G   A 6  ? 0.4738 0.6161 0.4959 0.0206  -0.0408 0.0050  6   G   A C6    
104 O  O6    . G   A 6  ? 0.4878 0.6209 0.4789 0.0351  -0.0386 -0.0037 6   G   A O6    
105 N  N1    . G   A 6  ? 0.4678 0.5921 0.5027 0.0256  -0.0442 -0.0061 6   G   A N1    
106 C  C2    . G   A 6  ? 0.4582 0.5906 0.5322 0.0109  -0.0470 -0.0021 6   G   A C2    
107 N  N2    . G   A 6  ? 0.4506 0.5694 0.5323 0.0184  -0.0497 -0.0188 6   G   A N2    
108 N  N3    . G   A 6  ? 0.4596 0.6132 0.5638 -0.0107 -0.0478 0.0173  6   G   A N3    
109 C  C4    . G   A 6  ? 0.4593 0.6310 0.5469 -0.0168 -0.0449 0.0326  6   G   A C4    
110 P  P     . A   A 7  ? 0.5305 0.6163 0.7574 -0.0911 -0.0808 0.1389  7   A   A P     
111 O  OP1   . A   A 7  ? 0.5325 0.5929 0.8155 -0.1058 -0.0949 0.1584  7   A   A OP1   
112 O  OP2   . A   A 7  ? 0.5257 0.6287 0.7070 -0.0883 -0.0767 0.1490  7   A   A OP2   
113 O  "O5'" . A   A 7  ? 0.5090 0.5683 0.7233 -0.0687 -0.0753 0.1003  7   A   A "O5'" 
114 C  "C5'" . A   A 7  ? 0.4890 0.5389 0.7369 -0.0668 -0.0766 0.0795  7   A   A "C5'" 
115 C  "C4'" . A   A 7  ? 0.4605 0.5008 0.6767 -0.0461 -0.0690 0.0465  7   A   A "C4'" 
116 O  "O4'" . A   A 7  ? 0.4493 0.5168 0.6223 -0.0355 -0.0611 0.0405  7   A   A "O4'" 
117 C  "C3'" . A   A 7  ? 0.4465 0.4567 0.6375 -0.0353 -0.0671 0.0384  7   A   A "C3'" 
118 O  "O3'" . A   A 7  ? 0.4385 0.4228 0.6675 -0.0385 -0.0727 0.0285  7   A   A "O3'" 
119 C  "C2'" . A   A 7  ? 0.4418 0.4543 0.5860 -0.0169 -0.0584 0.0161  7   A   A "C2'" 
120 O  "O2'" . A   A 7  ? 0.4439 0.4526 0.6022 -0.0122 -0.0583 -0.0077 7   A   A "O2'" 
121 C  "C1'" . A   A 7  ? 0.4301 0.4794 0.5605 -0.0168 -0.0560 0.0235  7   A   A "C1'" 
122 N  N9    . A   A 7  ? 0.4278 0.4863 0.5215 -0.0130 -0.0522 0.0342  7   A   A N9    
123 C  C8    . A   A 7  ? 0.4224 0.5028 0.5190 -0.0264 -0.0534 0.0578  7   A   A C8    
124 N  N7    . A   A 7  ? 0.3960 0.4859 0.4559 -0.0188 -0.0487 0.0570  7   A   A N7    
125 C  C5    . A   A 7  ? 0.3630 0.4295 0.3957 0.0012  -0.0449 0.0335  7   A   A C5    
126 C  C6    . A   A 7  ? 0.3696 0.4282 0.3636 0.0170  -0.0402 0.0210  7   A   A C6    
127 N  N6    . A   A 7  ? 0.3745 0.4530 0.3509 0.0162  -0.0374 0.0256  7   A   A N6    
128 N  N1    . A   A 7  ? 0.3743 0.4046 0.3492 0.0331  -0.0391 0.0033  7   A   A N1    
129 C  C2    . A   A 7  ? 0.3707 0.3884 0.3616 0.0328  -0.0415 -0.0036 7   A   A C2    
130 N  N3    . A   A 7  ? 0.3618 0.3886 0.3911 0.0196  -0.0451 0.0017  7   A   A N3    
131 C  C4    . A   A 7  ? 0.4097 0.4581 0.4600 0.0042  -0.0469 0.0213  7   A   A C4    
132 P  P     . G   A 8  ? 0.4352 0.3945 0.6714 -0.0409 -0.0777 0.0383  8   G   A P     
133 O  OP1   . G   A 8  ? 0.4452 0.3859 0.7347 -0.0445 -0.0847 0.0229  8   G   A OP1   
134 O  OP2   . G   A 8  ? 0.4546 0.4263 0.6873 -0.0510 -0.0831 0.0722  8   G   A OP2   
135 O  "O5'" . G   A 8  ? 0.4084 0.3561 0.5889 -0.0264 -0.0671 0.0220  8   G   A "O5'" 
136 C  "C5'" . G   A 8  ? 0.3458 0.2857 0.5096 -0.0167 -0.0601 -0.0059 8   G   A "C5'" 
137 C  "C4'" . G   A 8  ? 0.4244 0.3570 0.5288 -0.0046 -0.0511 -0.0109 8   G   A "C4'" 
138 O  "O4'" . G   A 8  ? 0.4314 0.3849 0.5095 0.0007  -0.0494 -0.0003 8   G   A "O4'" 
139 C  "C3'" . G   A 8  ? 0.4232 0.3387 0.5105 -0.0052 -0.0492 -0.0041 8   G   A "C3'" 
140 O  "O3'" . G   A 8  ? 0.4248 0.3200 0.5203 -0.0067 -0.0468 -0.0209 8   G   A "O3'" 
141 C  "C2'" . G   A 8  ? 0.4292 0.3460 0.4639 0.0059  -0.0422 -0.0034 8   G   A "C2'" 
142 O  "O2'" . G   A 8  ? 0.4395 0.3391 0.4442 0.0149  -0.0359 -0.0211 8   G   A "O2'" 
143 C  "C1'" . G   A 8  ? 0.4253 0.3713 0.4633 0.0076  -0.0446 0.0038  8   G   A "C1'" 
144 N  N9    . G   A 8  ? 0.4077 0.3766 0.4498 0.0002  -0.0475 0.0246  8   G   A N9    
145 C  C8    . G   A 8  ? 0.4061 0.3940 0.4846 -0.0142 -0.0546 0.0439  8   G   A C8    
146 N  N7    . G   A 8  ? 0.3623 0.3736 0.4297 -0.0202 -0.0552 0.0618  8   G   A N7    
147 C  C5    . G   A 8  ? 0.4359 0.4437 0.4612 -0.0074 -0.0479 0.0496  8   G   A C5    
148 C  C6    . G   A 8  ? 0.4028 0.4338 0.4019 -0.0067 -0.0449 0.0547  8   G   A C6    
149 O  O6    . G   A 8  ? 0.3757 0.4404 0.3793 -0.0187 -0.0473 0.0731  8   G   A O6    
150 N  N1    . G   A 8  ? 0.4045 0.4183 0.3701 0.0086  -0.0384 0.0351  8   G   A N1    
151 C  C2    . G   A 8  ? 0.3797 0.3577 0.3337 0.0199  -0.0354 0.0182  8   G   A C2    
152 N  N2    . G   A 8  ? 0.4094 0.3710 0.3318 0.0324  -0.0304 0.0045  8   G   A N2    
153 N  N3    . G   A 8  ? 0.4069 0.3681 0.3801 0.0182  -0.0377 0.0146  8   G   A N3    
154 C  C4    . G   A 8  ? 0.4094 0.3875 0.4193 0.0050  -0.0437 0.0286  8   G   A C4    
155 P  P     . G   A 9  ? 0.4308 0.3154 0.5569 -0.0145 -0.0526 -0.0156 9   G   A P     
156 O  OP1   . G   A 9  ? 0.4289 0.3133 0.6133 -0.0210 -0.0605 -0.0259 9   G   A OP1   
157 O  OP2   . G   A 9  ? 0.4297 0.3243 0.5480 -0.0170 -0.0576 0.0104  9   G   A OP2   
158 O  "O5'" . G   A 9  ? 0.4300 0.2958 0.5238 -0.0115 -0.0424 -0.0330 9   G   A "O5'" 
159 C  "C5'" . G   A 9  ? 0.4335 0.2929 0.5221 -0.0114 -0.0352 -0.0575 9   G   A "C5'" 
160 C  "C4'" . G   A 9  ? 0.4578 0.3009 0.4945 -0.0084 -0.0237 -0.0641 9   G   A "C4'" 
161 O  "O4'" . G   A 9  ? 0.4724 0.3144 0.4664 0.0013  -0.0208 -0.0562 9   G   A "O4'" 
162 C  "C3'" . G   A 9  ? 0.4683 0.3004 0.4926 -0.0101 -0.0220 -0.0566 9   G   A "C3'" 
163 O  "O3'" . G   A 9  ? 0.4680 0.2968 0.5209 -0.0181 -0.0218 -0.0698 9   G   A "O3'" 
164 C  "C2'" . G   A 9  ? 0.4923 0.3077 0.4608 -0.0044 -0.0121 -0.0576 9   G   A "C2'" 
165 O  "O2'" . G   A 9  ? 0.5192 0.3215 0.4726 -0.0106 -0.0027 -0.0745 9   G   A "O2'" 
166 C  "C1'" . G   A 9  ? 0.4910 0.3154 0.4450 0.0048  -0.0147 -0.0520 9   G   A "C1'" 
167 N  N9    . G   A 9  ? 0.4960 0.3298 0.4380 0.0126  -0.0187 -0.0365 9   G   A N9    
168 C  C8    . G   A 9  ? 0.4859 0.3376 0.4502 0.0094  -0.0250 -0.0228 9   G   A C8    
169 N  N7    . G   A 9  ? 0.4890 0.3537 0.4339 0.0164  -0.0257 -0.0143 9   G   A N7    
170 C  C5    . G   A 9  ? 0.5017 0.3523 0.4135 0.0273  -0.0211 -0.0234 9   G   A C5    
171 C  C6    . G   A 9  ? 0.5214 0.3772 0.4072 0.0402  -0.0210 -0.0234 9   G   A C6    
172 O  O6    . G   A 9  ? 0.5225 0.4021 0.4086 0.0436  -0.0230 -0.0182 9   G   A O6    
173 N  N1    . G   A 9  ? 0.5479 0.3809 0.4064 0.0495  -0.0191 -0.0311 9   G   A N1    
174 C  C2    . G   A 9  ? 0.5584 0.3710 0.4105 0.0442  -0.0158 -0.0371 9   G   A C2    
175 N  N2    . G   A 9  ? 0.5841 0.3779 0.4047 0.0532  -0.0158 -0.0395 9   G   A N2    
176 N  N3    . G   A 9  ? 0.5413 0.3547 0.4174 0.0309  -0.0137 -0.0410 9   G   A N3    
177 C  C4    . G   A 9  ? 0.5128 0.3434 0.4200 0.0243  -0.0172 -0.0343 9   G   A C4    
178 P  P     . A   A 10 ? 0.4752 0.3056 0.5484 -0.0210 -0.0289 -0.0596 10  A   A P     
179 O  OP1   . A   A 10 ? 0.4700 0.3003 0.5815 -0.0277 -0.0299 -0.0794 10  A   A OP1   
180 O  OP2   . A   A 10 ? 0.4756 0.3201 0.5669 -0.0191 -0.0413 -0.0349 10  A   A OP2   
181 O  "O5'" . A   A 10 ? 0.4743 0.2923 0.4969 -0.0190 -0.0190 -0.0578 10  A   A "O5'" 
182 C  "C5'" . A   A 10 ? 0.4744 0.2756 0.4699 -0.0232 -0.0060 -0.0753 10  A   A "C5'" 
183 C  "C4'" . A   A 10 ? 0.4777 0.2646 0.4310 -0.0206 0.0009  -0.0708 10  A   A "C4'" 
184 O  "O4'" . A   A 10 ? 0.4742 0.2567 0.3961 -0.0104 0.0010  -0.0602 10  A   A "O4'" 
185 C  "C3'" . A   A 10 ? 0.4623 0.2606 0.4246 -0.0202 -0.0052 -0.0619 10  A   A "C3'" 
186 O  "O3'" . A   A 10 ? 0.4618 0.2608 0.4434 -0.0285 -0.0039 -0.0741 10  A   A "O3'" 
187 C  "C2'" . A   A 10 ? 0.4578 0.2456 0.3779 -0.0135 0.0006  -0.0583 10  A   A "C2'" 
188 O  "O2'" . A   A 10 ? 0.4693 0.2330 0.3659 -0.0190 0.0120  -0.0720 10  A   A "O2'" 
189 C  "C1'" . A   A 10 ? 0.4588 0.2416 0.3620 -0.0054 0.0007  -0.0533 10  A   A "C1'" 
190 N  N9    . A   A 10 ? 0.4268 0.2336 0.3378 0.0020  -0.0080 -0.0385 10  A   A N9    
191 C  C8    . A   A 10 ? 0.4078 0.2407 0.3508 -0.0015 -0.0180 -0.0258 10  A   A C8    
192 N  N7    . A   A 10 ? 0.4082 0.2619 0.3480 0.0036  -0.0224 -0.0135 10  A   A N7    
193 C  C5    . A   A 10 ? 0.4192 0.2603 0.3257 0.0136  -0.0160 -0.0213 10  A   A C5    
194 C  C6    . A   A 10 ? 0.4326 0.2877 0.3238 0.0238  -0.0170 -0.0185 10  A   A C6    
195 N  N6    . A   A 10 ? 0.4283 0.3182 0.3335 0.0227  -0.0227 -0.0067 10  A   A N6    
196 N  N1    . A   A 10 ? 0.4484 0.2819 0.3106 0.0346  -0.0126 -0.0282 10  A   A N1    
197 C  C2    . A   A 10 ? 0.4539 0.2530 0.3001 0.0325  -0.0066 -0.0366 10  A   A C2    
198 N  N3    . A   A 10 ? 0.4431 0.2292 0.2986 0.0207  -0.0027 -0.0408 10  A   A N3    
199 C  C4    . A   A 10 ? 0.4292 0.2385 0.3171 0.0129  -0.0081 -0.0345 10  A   A C4    
200 P  P     . A   A 11 ? 0.4412 0.2579 0.4790 -0.0318 -0.0170 -0.0745 11  A   A P     
201 O  OP1   . A   A 11 ? 0.4416 0.2545 0.5006 -0.0371 -0.0122 -0.0948 11  A   A OP1   
202 O  OP2   . A   A 11 ? 0.4376 0.2710 0.4923 -0.0267 -0.0312 -0.0501 11  A   A OP2   
203 O  "O5'" . A   A 11 ? 0.4343 0.2575 0.4812 -0.0365 -0.0180 -0.0818 11  A   A "O5'" 
204 C  "C5'" . A   A 11 ? 0.4302 0.2689 0.4711 -0.0336 -0.0262 -0.0659 11  A   A "C5'" 
205 C  "C4'" . A   A 11 ? 0.4317 0.2675 0.4507 -0.0376 -0.0170 -0.0800 11  A   A "C4'" 
206 O  "O4'" . A   A 11 ? 0.4271 0.2638 0.4748 -0.0449 -0.0157 -0.1003 11  A   A "O4'" 
207 C  "C3'" . A   A 11 ? 0.4452 0.2557 0.4189 -0.0383 -0.0001 -0.0901 11  A   A "C3'" 
208 O  "O3'" . A   A 11 ? 0.4724 0.2868 0.4264 -0.0387 0.0034  -0.0944 11  A   A "O3'" 
209 C  "C2'" . A   A 11 ? 0.4200 0.2147 0.3995 -0.0484 0.0111  -0.1115 11  A   A "C2'" 
210 O  "O2'" . A   A 11 ? 0.4571 0.2282 0.4012 -0.0549 0.0265  -0.1227 11  A   A "O2'" 
211 C  "C1'" . A   A 11 ? 0.4330 0.2493 0.4540 -0.0528 0.0027  -0.1208 11  A   A "C1'" 
212 N  N9    . A   A 11 ? 0.4234 0.2407 0.4737 -0.0606 0.0066  -0.1413 11  A   A N9    
213 C  C8    . A   A 11 ? 0.4135 0.2307 0.4831 -0.0602 0.0053  -0.1449 11  A   A C8    
214 N  N7    . A   A 11 ? 0.3979 0.2317 0.4870 -0.0649 0.0091  -0.1598 11  A   A N7    
215 C  C5    . A   A 11 ? 0.4170 0.2577 0.5025 -0.0698 0.0133  -0.1680 11  A   A C5    
216 C  C6    . A   A 11 ? 0.4058 0.2677 0.5072 -0.0755 0.0190  -0.1834 11  A   A C6    
217 N  N6    . A   A 11 ? 0.4244 0.3060 0.5495 -0.0772 0.0222  -0.1951 11  A   A N6    
218 N  N1    . A   A 11 ? 0.4121 0.2777 0.5071 -0.0797 0.0221  -0.1889 11  A   A N1    
219 C  C2    . A   A 11 ? 0.4291 0.2797 0.5024 -0.0783 0.0198  -0.1814 11  A   A C2    
220 N  N3    . A   A 11 ? 0.4301 0.2620 0.4871 -0.0734 0.0155  -0.1689 11  A   A N3    
221 C  C4    . A   A 11 ? 0.4365 0.2633 0.5012 -0.0692 0.0123  -0.1616 11  A   A C4    
222 P  P     . G   A 12 ? 0.5062 0.3015 0.4179 -0.0334 0.0131  -0.0957 12  G   A P     
223 O  OP1   . G   A 12 ? 0.5184 0.2827 0.4108 -0.0333 0.0216  -0.0968 12  G   A OP1   
224 O  OP2   . G   A 12 ? 0.5047 0.3004 0.4082 -0.0383 0.0190  -0.1110 12  G   A OP2   
225 O  "O5'" . G   A 12 ? 0.5147 0.3358 0.4235 -0.0229 0.0027  -0.0770 12  G   A "O5'" 
226 C  "C5'" . G   A 12 ? 0.5046 0.3636 0.4333 -0.0236 -0.0097 -0.0651 12  G   A "C5'" 
227 C  "C4'" . G   A 12 ? 0.5043 0.3877 0.4272 -0.0171 -0.0169 -0.0463 12  G   A "C4'" 
228 O  "O4'" . G   A 12 ? 0.5125 0.3915 0.4049 -0.0098 -0.0086 -0.0559 12  G   A "O4'" 
229 C  "C3'" . G   A 12 ? 0.5089 0.3848 0.4436 -0.0147 -0.0210 -0.0324 12  G   A "C3'" 
230 O  "O3'" . G   A 12 ? 0.5123 0.4225 0.4573 -0.0150 -0.0319 -0.0105 12  G   A "O3'" 
231 C  "C2'" . G   A 12 ? 0.4192 0.2719 0.3238 -0.0066 -0.0108 -0.0412 12  G   A "C2'" 
232 O  "O2'" . G   A 12 ? 0.4370 0.2932 0.3434 -0.0013 -0.0141 -0.0301 12  G   A "O2'" 
233 C  "C1'" . G   A 12 ? 0.4296 0.2991 0.3137 -0.0023 -0.0081 -0.0483 12  G   A "C1'" 
234 N  N9    . G   A 12 ? 0.4485 0.2889 0.3060 0.0056  0.0012  -0.0630 12  G   A N9    
235 C  C8    . G   A 12 ? 0.4650 0.2649 0.3104 0.0030  0.0101  -0.0762 12  G   A C8    
236 N  N7    . G   A 12 ? 0.6026 0.3796 0.4264 0.0120  0.0144  -0.0836 12  G   A N7    
237 C  C5    . G   A 12 ? 0.4795 0.2876 0.3033 0.0224  0.0085  -0.0791 12  G   A C5    
238 C  C6    . G   A 12 ? 0.4951 0.3000 0.3056 0.0367  0.0080  -0.0864 12  G   A C6    
239 O  O6    . G   A 12 ? 0.7666 0.5346 0.5627 0.0442  0.0110  -0.0958 12  G   A O6    
240 N  N1    . G   A 12 ? 0.4811 0.3328 0.2991 0.0418  0.0025  -0.0814 12  G   A N1    
241 C  C2    . G   A 12 ? 0.4589 0.3511 0.2923 0.0325  -0.0024 -0.0665 12  G   A C2    
242 N  N2    . G   A 12 ? 0.4522 0.3889 0.2887 0.0358  -0.0062 -0.0619 12  G   A N2    
243 N  N3    . G   A 12 ? 0.7431 0.6332 0.5902 0.0203  -0.0043 -0.0565 12  G   A N3    
244 C  C4    . G   A 12 ? 0.4567 0.3055 0.2992 0.0169  0.0015  -0.0656 12  G   A C4    
245 P  P     . G   A 13 ? 0.4992 0.4115 0.4697 -0.0162 -0.0405 0.0081  13  G   A P     
246 O  OP1   . G   A 13 ? 0.4956 0.4307 0.4979 -0.0238 -0.0560 0.0292  13  G   A OP1   
247 O  OP2   . G   A 13 ? 0.3892 0.2681 0.3651 -0.0141 -0.0341 -0.0058 13  G   A OP2   
248 O  "O5'" . G   A 13 ? 0.3940 0.3273 0.3436 -0.0112 -0.0384 0.0162  13  G   A "O5'" 
249 C  "C5'" . G   A 13 ? 0.3982 0.3731 0.3385 -0.0144 -0.0422 0.0280  13  G   A "C5'" 
250 C  "C4'" . G   A 13 ? 0.8501 0.8464 0.7757 -0.0100 -0.0389 0.0309  13  G   A "C4'" 
251 O  "O4'" . G   A 13 ? 0.9083 0.8866 0.8073 0.0024  -0.0280 0.0066  13  G   A "O4'" 
252 C  "C3'" . G   A 13 ? 0.7704 0.7604 0.7148 -0.0109 -0.0425 0.0428  13  G   A "C3'" 
253 O  "O3'" . G   A 13 ? 0.7143 0.7460 0.6561 -0.0150 -0.0444 0.0565  13  G   A "O3'" 
254 C  "C2'" . G   A 13 ? 0.3939 0.3502 0.3213 0.0017  -0.0332 0.0214  13  G   A "C2'" 
255 O  "O2'" . G   A 13 ? 0.3901 0.3509 0.3225 0.0055  -0.0336 0.0243  13  G   A "O2'" 
256 C  "C1'" . G   A 13 ? 0.4051 0.3687 0.3027 0.0100  -0.0259 0.0048  13  G   A "C1'" 
257 N  N9    . G   A 13 ? 0.4157 0.3380 0.2940 0.0204  -0.0183 -0.0150 13  G   A N9    
258 C  C8    . G   A 13 ? 0.4191 0.3033 0.2972 0.0178  -0.0148 -0.0224 13  G   A C8    
259 N  N7    . G   A 13 ? 0.4350 0.2874 0.2911 0.0262  -0.0084 -0.0360 13  G   A N7    
260 C  C5    . G   A 13 ? 0.4416 0.3104 0.2859 0.0378  -0.0092 -0.0393 13  G   A C5    
261 C  C6    . G   A 13 ? 0.4622 0.3084 0.2859 0.0519  -0.0068 -0.0513 13  G   A C6    
262 O  O6    . G   A 13 ? 0.6297 0.4336 0.4376 0.0552  -0.0034 -0.0577 13  G   A O6    
263 N  N1    . G   A 13 ? 0.4622 0.3413 0.2862 0.0621  -0.0099 -0.0552 13  G   A N1    
264 C  C2    . G   A 13 ? 0.4456 0.3757 0.2837 0.0561  -0.0127 -0.0470 13  G   A C2    
265 N  N2    . G   A 13 ? 0.4492 0.4117 0.2860 0.0661  -0.0138 -0.0556 13  G   A N2    
266 N  N3    . G   A 13 ? 0.4297 0.3788 0.2837 0.0409  -0.0151 -0.0311 13  G   A N3    
267 C  C4    . G   A 13 ? 0.4283 0.3433 0.2861 0.0339  -0.0141 -0.0286 13  G   A C4    
268 P  P     . A   A 14 ? 0.6660 0.7289 0.6331 -0.0318 -0.0567 0.0901  14  A   A P     
269 O  OP1   . A   A 14 ? 0.6490 0.6986 0.6341 -0.0377 -0.0662 0.0999  14  A   A OP1   
270 O  OP2   . A   A 14 ? 0.6307 0.6905 0.6191 -0.0349 -0.0590 0.0998  14  A   A OP2   
271 O  "O5'" . A   A 14 ? 0.6590 0.7792 0.6027 -0.0378 -0.0542 0.0957  14  A   A "O5'" 
272 C  "C5'" . A   A 14 ? 0.6363 0.7755 0.5560 -0.0276 -0.0432 0.0730  14  A   A "C5'" 
273 C  "C4'" . A   A 14 ? 0.6246 0.8097 0.5223 -0.0301 -0.0398 0.0644  14  A   A "C4'" 
274 O  "O4'" . A   A 14 ? 0.6233 0.7943 0.5200 -0.0319 -0.0435 0.0634  14  A   A "O4'" 
275 C  "C3'" . A   A 14 ? 0.6182 0.8090 0.4951 -0.0140 -0.0290 0.0296  14  A   A "C3'" 
276 O  "O3'" . A   A 14 ? 0.6160 0.8462 0.4909 -0.0129 -0.0250 0.0253  14  A   A "O3'" 
277 C  "C2'" . A   A 14 ? 0.6055 0.8249 0.4686 -0.0169 -0.0275 0.0179  14  A   A "C2'" 
278 O  "O2'" . A   A 14 ? 0.5912 0.8823 0.4484 -0.0312 -0.0286 0.0291  14  A   A "O2'" 
279 C  "C1'" . A   A 14 ? 0.6125 0.8018 0.4876 -0.0247 -0.0358 0.0359  14  A   A "C1'" 
280 N  N9    . A   A 14 ? 0.6117 0.7456 0.4846 -0.0132 -0.0314 0.0139  14  A   A N9    
281 C  C8    . A   A 14 ? 0.6151 0.7015 0.4833 0.0009  -0.0246 -0.0049 14  A   A C8    
282 N  N7    . A   A 14 ? 0.6172 0.6625 0.4829 0.0047  -0.0214 -0.0190 14  A   A N7    
283 C  C5    . A   A 14 ? 0.6233 0.6913 0.4948 -0.0060 -0.0265 -0.0119 14  A   A C5    
284 C  C6    . A   A 14 ? 0.6395 0.6885 0.5140 -0.0087 -0.0261 -0.0221 14  A   A C6    
285 N  N6    . A   A 14 ? 0.6598 0.6598 0.5304 -0.0031 -0.0185 -0.0411 14  A   A N6    
286 N  N1    . A   A 14 ? 0.6344 0.7194 0.5161 -0.0189 -0.0344 -0.0112 14  A   A N1    
287 C  C2    . A   A 14 ? 0.6275 0.7628 0.5102 -0.0273 -0.0425 0.0120  14  A   A C2    
288 N  N3    . A   A 14 ? 0.6213 0.7791 0.5004 -0.0282 -0.0422 0.0246  14  A   A N3    
289 C  C4    . A   A 14 ? 0.6187 0.7406 0.4937 -0.0165 -0.0338 0.0097  14  A   A C4    
290 P  P     . G   A 15 ? 0.5968 0.7968 0.4726 0.0055  -0.0209 0.0060  15  G   A P     
291 O  OP1   . G   A 15 ? 0.5870 0.8369 0.4690 0.0001  -0.0196 0.0106  15  G   A OP1   
292 O  OP2   . G   A 15 ? 0.5875 0.7241 0.4726 0.0097  -0.0243 0.0129  15  G   A OP2   
293 O  "O5'" . G   A 15 ? 0.6094 0.8021 0.4690 0.0241  -0.0148 -0.0300 15  G   A "O5'" 
294 C  "C5'" . G   A 15 ? 0.6115 0.8624 0.4650 0.0262  -0.0103 -0.0504 15  G   A "C5'" 
295 C  "C4'" . G   A 15 ? 0.6133 0.8429 0.4630 0.0501  -0.0073 -0.0855 15  G   A "C4'" 
296 O  "O4'" . G   A 15 ? 0.6125 0.8026 0.4547 0.0564  -0.0059 -0.1004 15  G   A "O4'" 
297 C  "C3'" . G   A 15 ? 0.6149 0.7956 0.4679 0.0658  -0.0103 -0.0861 15  G   A "C3'" 
298 O  "O3'" . G   A 15 ? 0.6277 0.8485 0.4900 0.0679  -0.0109 -0.0874 15  G   A "O3'" 
299 C  "C2'" . G   A 15 ? 0.6217 0.7602 0.4682 0.0866  -0.0101 -0.1139 15  G   A "C2'" 
300 O  "O2'" . G   A 15 ? 0.6363 0.8134 0.4895 0.1011  -0.0095 -0.1431 15  G   A "O2'" 
301 C  "C1'" . G   A 15 ? 0.6137 0.7482 0.4541 0.0768  -0.0068 -0.1173 15  G   A "C1'" 
302 N  N9    . G   A 15 ? 0.5888 0.6575 0.4229 0.0742  -0.0074 -0.1053 15  G   A N9    
303 C  C8    . G   A 15 ? 0.5704 0.6291 0.4062 0.0575  -0.0085 -0.0812 15  G   A C8    
304 N  N7    . G   A 15 ? 0.4607 0.4626 0.2917 0.0584  -0.0076 -0.0802 15  G   A N7    
305 C  C5    . G   A 15 ? 0.5933 0.5624 0.4161 0.0753  -0.0063 -0.1008 15  G   A C5    
306 C  C6    . G   A 15 ? 0.6063 0.5121 0.4192 0.0810  -0.0047 -0.1061 15  G   A C6    
307 O  O6    . G   A 15 ? 0.6057 0.4760 0.4145 0.0712  -0.0022 -0.0965 15  G   A O6    
308 N  N1    . G   A 15 ? 0.5246 0.4111 0.3340 0.0992  -0.0066 -0.1246 15  G   A N1    
309 C  C2    . G   A 15 ? 0.5277 0.4540 0.3458 0.1124  -0.0096 -0.1412 15  G   A C2    
310 N  N2    . G   A 15 ? 0.5556 0.4525 0.3747 0.1316  -0.0138 -0.1593 15  G   A N2    
311 N  N3    . G   A 15 ? 0.5078 0.4992 0.3346 0.1063  -0.0090 -0.1398 15  G   A N3    
312 C  C4    . G   A 15 ? 0.5992 0.6070 0.4261 0.0868  -0.0073 -0.1171 15  G   A C4    
313 P  P     . G   A 16 ? 0.6399 0.8250 0.5072 0.0837  -0.0154 -0.0883 16  G   A P     
314 O  OP1   . G   A 16 ? 0.6354 0.8735 0.5162 0.0755  -0.0151 -0.0813 16  G   A OP1   
315 O  OP2   . G   A 16 ? 0.6395 0.7585 0.5013 0.0824  -0.0182 -0.0718 16  G   A OP2   
316 O  "O5'" . G   A 16 ? 0.6345 0.8069 0.4994 0.1104  -0.0174 -0.1218 16  G   A "O5'" 
317 C  "C5'" . G   A 16 ? 0.6157 0.7523 0.4812 0.1304  -0.0242 -0.1277 16  G   A "C5'" 
318 C  "C4'" . G   A 16 ? 0.6004 0.6861 0.4583 0.1512  -0.0284 -0.1462 16  G   A "C4'" 
319 O  "O4'" . G   A 16 ? 0.5861 0.6468 0.4345 0.1408  -0.0233 -0.1442 16  G   A "O4'" 
320 C  "C3'" . G   A 16 ? 0.5994 0.6207 0.4466 0.1641  -0.0361 -0.1362 16  G   A "C3'" 
321 O  "O3'" . G   A 16 ? 0.6050 0.6382 0.4606 0.1833  -0.0447 -0.1461 16  G   A "O3'" 
322 C  "C2'" . G   A 16 ? 0.6243 0.5912 0.4610 0.1719  -0.0368 -0.1450 16  G   A "C2'" 
323 O  "O2'" . G   A 16 ? 0.6604 0.6322 0.5089 0.1945  -0.0430 -0.1729 16  G   A "O2'" 
324 C  "C1'" . G   A 16 ? 0.5988 0.5884 0.4356 0.1518  -0.0270 -0.1444 16  G   A "C1'" 
325 N  N9    . G   A 16 ? 0.5683 0.5220 0.3932 0.1338  -0.0230 -0.1208 16  G   A N9    
326 C  C8    . G   A 16 ? 0.5339 0.5137 0.3626 0.1127  -0.0187 -0.1023 16  G   A C8    
327 N  N7    . G   A 16 ? 0.4847 0.4243 0.3061 0.1019  -0.0167 -0.0881 16  G   A N7    
328 C  C5    . G   A 16 ? 0.5552 0.4404 0.3634 0.1140  -0.0183 -0.0958 16  G   A C5    
329 C  C6    . G   A 16 ? 0.5608 0.3915 0.3557 0.1076  -0.0158 -0.0877 16  G   A C6    
330 O  O6    . G   A 16 ? 0.5511 0.3730 0.3467 0.0915  -0.0117 -0.0758 16  G   A O6    
331 N  N1    . G   A 16 ? 0.5564 0.3415 0.3386 0.1215  -0.0192 -0.0953 16  G   A N1    
332 C  C2    . G   A 16 ? 0.5762 0.3647 0.3626 0.1422  -0.0262 -0.1103 16  G   A C2    
333 N  N2    . G   A 16 ? 0.6141 0.3489 0.3892 0.1538  -0.0314 -0.1122 16  G   A N2    
334 N  N3    . G   A 16 ? 0.5627 0.4047 0.3650 0.1504  -0.0284 -0.1227 16  G   A N3    
335 C  C4    . G   A 16 ? 0.5299 0.4194 0.3403 0.1342  -0.0233 -0.1140 16  G   A C4    
336 P  P     . U   A 17 ? 0.6084 0.6406 0.4635 0.1805  -0.0488 -0.1278 17  U   A P     
337 O  OP1   . U   A 17 ? 0.6360 0.6947 0.5041 0.2023  -0.0581 -0.1450 17  U   A OP1   
338 O  OP2   . U   A 17 ? 0.5761 0.6397 0.4378 0.1539  -0.0403 -0.1098 17  U   A OP2   
339 O  "O5'" . U   A 17 ? 0.6160 0.5747 0.4488 0.1831  -0.0530 -0.1122 17  U   A "O5'" 
340 C  "C5'" . U   A 17 ? 0.6423 0.5516 0.4634 0.2019  -0.0606 -0.1195 17  U   A "C5'" 
341 C  "C4'" . U   A 17 ? 0.6468 0.4956 0.4450 0.1910  -0.0576 -0.1020 17  U   A "C4'" 
342 O  "O4'" . U   A 17 ? 0.6152 0.4663 0.4144 0.1721  -0.0462 -0.1014 17  U   A "O4'" 
343 C  "C3'" . U   A 17 ? 0.6452 0.4838 0.4328 0.1787  -0.0567 -0.0822 17  U   A "C3'" 
344 O  "O3'" . U   A 17 ? 0.6793 0.4981 0.4552 0.1943  -0.0684 -0.0779 17  U   A "O3'" 
345 C  "C2'" . U   A 17 ? 0.6389 0.4387 0.4122 0.1604  -0.0479 -0.0716 17  U   A "C2'" 
346 O  "O2'" . U   A 17 ? 0.6849 0.4285 0.4361 0.1680  -0.0523 -0.0676 17  U   A "O2'" 
347 C  "C1'" . U   A 17 ? 0.6056 0.4271 0.3917 0.1542  -0.0406 -0.0830 17  U   A "C1'" 
348 N  N1    . U   A 17 ? 0.5498 0.4109 0.3503 0.1344  -0.0332 -0.0759 17  U   A N1    
349 C  C2    . U   A 17 ? 0.5355 0.3751 0.3321 0.1162  -0.0269 -0.0645 17  U   A C2    
350 O  O2    . U   A 17 ? 0.5520 0.3464 0.3322 0.1139  -0.0252 -0.0616 17  U   A O2    
351 N  N3    . U   A 17 ? 0.4788 0.3532 0.2930 0.0999  -0.0234 -0.0564 17  U   A N3    
352 C  C4    . U   A 17 ? 0.4607 0.3875 0.2923 0.0973  -0.0245 -0.0553 17  U   A C4    
353 O  O4    . U   A 17 ? 0.4412 0.3906 0.2878 0.0806  -0.0229 -0.0430 17  U   A O4    
354 C  C5    . U   A 17 ? 0.4699 0.4206 0.3023 0.1143  -0.0286 -0.0689 17  U   A C5    
355 C  C6    . U   A 17 ? 0.5178 0.4357 0.3368 0.1333  -0.0332 -0.0800 17  U   A C6    
356 P  P     . C   A 18 ? 0.6777 0.5254 0.4582 0.1910  -0.0715 -0.0710 18  C   A P     
357 O  OP1   . C   A 18 ? 0.7128 0.5552 0.4867 0.2149  -0.0870 -0.0740 18  C   A OP1   
358 O  OP2   . C   A 18 ? 0.6418 0.5439 0.4484 0.1780  -0.0640 -0.0755 18  C   A OP2   
359 O  "O5'" . C   A 18 ? 0.6865 0.5009 0.4481 0.1722  -0.0654 -0.0551 18  C   A "O5'" 
360 C  "C5'" . C   A 18 ? 0.7125 0.4729 0.4454 0.1729  -0.0672 -0.0458 18  C   A "C5'" 
361 C  "C4'" . C   A 18 ? 0.6898 0.4348 0.4115 0.1502  -0.0576 -0.0359 18  C   A "C4'" 
362 O  "O4'" . C   A 18 ? 0.6481 0.4026 0.3867 0.1330  -0.0456 -0.0392 18  C   A "O4'" 
363 C  "C3'" . C   A 18 ? 0.6705 0.4442 0.3982 0.1434  -0.0586 -0.0348 18  C   A "C3'" 
364 O  "O3'" . C   A 18 ? 0.6920 0.4409 0.3964 0.1305  -0.0550 -0.0268 18  C   A "O3'" 
365 C  "C2'" . C   A 18 ? 0.6240 0.4316 0.3846 0.1280  -0.0496 -0.0400 18  C   A "C2'" 
366 O  "O2'" . C   A 18 ? 0.6221 0.4464 0.3954 0.1136  -0.0463 -0.0407 18  C   A "O2'" 
367 C  "C1'" . C   A 18 ? 0.6075 0.3895 0.3642 0.1178  -0.0408 -0.0383 18  C   A "C1'" 
368 N  N1    . C   A 18 ? 0.5562 0.3675 0.3402 0.1092  -0.0357 -0.0412 18  C   A N1    
369 C  C2    . C   A 18 ? 0.5333 0.3380 0.3265 0.0910  -0.0274 -0.0385 18  C   A C2    
370 O  O2    . C   A 18 ? 0.5409 0.3171 0.3206 0.0822  -0.0232 -0.0372 18  C   A O2    
371 N  N3    . C   A 18 ? 0.5065 0.3384 0.3230 0.0828  -0.0252 -0.0371 18  C   A N3    
372 C  C4    . C   A 18 ? 0.4591 0.3265 0.2875 0.0896  -0.0286 -0.0384 18  C   A C4    
373 N  N4    . C   A 18 ? 0.4401 0.3363 0.2879 0.0785  -0.0265 -0.0334 18  C   A N4    
374 C  C5    . C   A 18 ? 0.5102 0.3884 0.3318 0.1074  -0.0351 -0.0448 18  C   A C5    
375 C  C6    . C   A 18 ? 0.5399 0.3882 0.3404 0.1179  -0.0394 -0.0459 18  C   A C6    
376 P  P     . U   A 19 ? 0.7305 0.4810 0.4112 0.1372  -0.0650 -0.0210 19  U   A P     
377 O  OP1   . U   A 19 ? 0.7473 0.5115 0.4316 0.1624  -0.0800 -0.0231 19  U   A OP1   
378 O  OP2   . U   A 19 ? 0.7108 0.4909 0.4040 0.1201  -0.0585 -0.0278 19  U   A OP2   
379 O  "O5'" . U   A 19 ? 0.7710 0.4702 0.4112 0.1325  -0.0650 -0.0056 19  U   A "O5'" 
380 C  "C5'" . U   A 19 ? 0.7658 0.4429 0.3993 0.1107  -0.0508 -0.0040 19  U   A "C5'" 
381 C  "C4'" . U   A 19 ? 0.8068 0.4309 0.4133 0.1121  -0.0520 0.0089  19  U   A "C4'" 
382 O  "O4'" . U   A 19 ? 0.7938 0.4019 0.4012 0.0899  -0.0363 0.0061  19  U   A "O4'" 
383 C  "C3'" . U   A 19 ? 0.8705 0.4667 0.4357 0.1132  -0.0612 0.0285  19  U   A "C3'" 
384 O  "O3'" . U   A 19 ? 0.9268 0.4760 0.4798 0.1277  -0.0714 0.0400  19  U   A "O3'" 
385 C  "C2'" . U   A 19 ? 0.8726 0.4590 0.4193 0.0837  -0.0456 0.0320  19  U   A "C2'" 
386 O  "O2'" . U   A 19 ? 0.9396 0.4872 0.4442 0.0759  -0.0490 0.0540  19  U   A "O2'" 
387 C  "C1'" . U   A 19 ? 0.8338 0.4098 0.4052 0.0754  -0.0331 0.0202  19  U   A "C1'" 
388 N  N1    . U   A 19 ? 0.8067 0.3955 0.3842 0.0491  -0.0161 0.0110  19  U   A N1    
389 C  C2    . U   A 19 ? 0.8409 0.3957 0.3954 0.0303  -0.0065 0.0185  19  U   A C2    
390 O  O2    . U   A 19 ? 0.8899 0.4012 0.4191 0.0337  -0.0119 0.0349  19  U   A O2    
391 N  N3    . U   A 19 ? 0.8212 0.3951 0.3868 0.0069  0.0090  0.0054  19  U   A N3    
392 C  C4    . U   A 19 ? 0.7767 0.3951 0.3764 0.0022  0.0138  -0.0135 19  U   A C4    
393 O  O4    . U   A 19 ? 0.7747 0.4058 0.3859 -0.0179 0.0264  -0.0263 19  U   A O4    
394 C  C5    . U   A 19 ? 0.7436 0.3898 0.3657 0.0217  0.0027  -0.0173 19  U   A C5    
395 C  C6    . U   A 19 ? 0.7589 0.3918 0.3683 0.0431  -0.0107 -0.0057 19  U   A C6    
396 P  P     . G   A 20 ? 0.9917 0.5235 0.5246 0.1519  -0.0947 0.0566  20  G   A P     
397 O  OP1   . G   A 20 ? 0.9812 0.5610 0.5125 0.1561  -0.1009 0.0537  20  G   A OP1   
398 O  OP2   . G   A 20 ? 1.0623 0.5363 0.5591 0.1435  -0.0985 0.0818  20  G   A OP2   
399 O  "O5'" . G   A 20 ? 0.9821 0.5123 0.5474 0.1800  -0.1053 0.0427  20  G   A "O5'" 
400 C  "C5'" . G   A 20 ? 0.9428 0.5243 0.5374 0.1966  -0.1105 0.0249  20  G   A "C5'" 
401 C  "C4'" . G   A 20 ? 0.9057 0.5097 0.5359 0.1957  -0.0992 0.0031  20  G   A "C4'" 
402 O  "O4'" . G   A 20 ? 0.8741 0.4862 0.5061 0.1681  -0.0798 0.0008  20  G   A "O4'" 
403 C  "C3'" . G   A 20 ? 0.9426 0.5116 0.5830 0.2064  -0.1016 -0.0031 20  G   A "C3'" 
404 O  "O3'" . G   A 20 ? 0.9752 0.5524 0.6342 0.2359  -0.1184 -0.0138 20  G   A "O3'" 
405 C  "C2'" . G   A 20 ? 0.9009 0.4940 0.5632 0.1901  -0.0835 -0.0189 20  G   A "C2'" 
406 O  "O2'" . G   A 20 ? 0.8866 0.5345 0.5788 0.1996  -0.0838 -0.0364 20  G   A "O2'" 
407 C  "C1'" . G   A 20 ? 0.8548 0.4578 0.5039 0.1640  -0.0707 -0.0098 20  G   A "C1'" 
408 N  N9    . G   A 20 ? 0.8520 0.4125 0.4805 0.1441  -0.0606 -0.0003 20  G   A N9    
409 C  C8    . G   A 20 ? 0.9017 0.4074 0.5052 0.1440  -0.0654 0.0141  20  G   A C8    
410 N  N7    . G   A 20 ? 0.9068 0.3900 0.4981 0.1200  -0.0517 0.0185  20  G   A N7    
411 C  C5    . G   A 20 ? 0.8538 0.3794 0.4648 0.1060  -0.0385 0.0053  20  G   A C5    
412 C  C6    . G   A 20 ? 0.8297 0.3586 0.4434 0.0808  -0.0222 0.0005  20  G   A C6    
413 O  O6    . G   A 20 ? 0.8713 0.3683 0.4686 0.0634  -0.0135 0.0058  20  G   A O6    
414 N  N1    . G   A 20 ? 0.7644 0.3402 0.4057 0.0763  -0.0167 -0.0118 20  G   A N1    
415 C  C2    . G   A 20 ? 0.7428 0.3569 0.4047 0.0910  -0.0242 -0.0173 20  G   A C2    
416 N  N2    . G   A 20 ? 0.7063 0.3586 0.3954 0.0820  -0.0185 -0.0255 20  G   A N2    
417 N  N3    . G   A 20 ? 0.7582 0.3739 0.4168 0.1126  -0.0374 -0.0149 20  G   A N3    
418 C  C4    . G   A 20 ? 0.8153 0.3862 0.4490 0.1202  -0.0444 -0.0043 20  G   A C4    
419 P  P     . A   A 21 ? 1.0418 0.5777 0.7143 0.2532  -0.1271 -0.0224 21  A   A P     
420 O  OP1   . A   A 21 ? 1.0688 0.6159 0.7591 0.2859  -0.1486 -0.0315 21  A   A OP1   
421 O  OP2   . A   A 21 ? 1.1027 0.5734 0.7478 0.2387  -0.1250 -0.0017 21  A   A OP2   
422 O  "O5'" . A   A 21 ? 0.9787 0.5492 0.6810 0.2454  -0.1110 -0.0486 21  A   A "O5'" 
423 C  "C5'" . A   A 21 ? 0.9107 0.5471 0.6405 0.2524  -0.1086 -0.0689 21  A   A "C5'" 
424 C  "C4'" . A   A 21 ? 0.8565 0.5227 0.6037 0.2367  -0.0917 -0.0849 21  A   A "C4'" 
425 O  "O4'" . A   A 21 ? 0.8248 0.4834 0.5554 0.2085  -0.0768 -0.0699 21  A   A "O4'" 
426 C  "C3'" . A   A 21 ? 0.8805 0.5218 0.6406 0.2425  -0.0909 -0.1018 21  A   A "C3'" 
427 O  "O3'" . A   A 21 ? 0.8415 0.5397 0.6276 0.2407  -0.0822 -0.1262 21  A   A "O3'" 
428 C  "C2'" . A   A 21 ? 0.8870 0.4854 0.6257 0.2180  -0.0788 -0.0867 21  A   A "C2'" 
429 O  "O2'" . A   A 21 ? 0.8775 0.4696 0.6294 0.2117  -0.0703 -0.1038 21  A   A "O2'" 
430 C  "C1'" . A   A 21 ? 0.8410 0.4765 0.5729 0.1970  -0.0672 -0.0760 21  A   A "C1'" 
431 N  N9    . A   A 21 ? 0.8576 0.4597 0.5665 0.1739  -0.0576 -0.0584 21  A   A N9    
432 C  C8    . A   A 21 ? 0.9029 0.4487 0.5859 0.1693  -0.0602 -0.0419 21  A   A C8    
433 N  N7    . A   A 21 ? 0.8906 0.4259 0.5594 0.1447  -0.0476 -0.0324 21  A   A N7    
434 C  C5    . A   A 21 ? 0.8481 0.4320 0.5371 0.1349  -0.0380 -0.0429 21  A   A C5    
435 C  C6    . A   A 21 ? 0.8260 0.4253 0.5185 0.1120  -0.0251 -0.0417 21  A   A C6    
436 N  N6    . A   A 21 ? 0.8523 0.4236 0.5272 0.0934  -0.0172 -0.0331 21  A   A N6    
437 N  N1    . A   A 21 ? 0.7864 0.4331 0.5029 0.1084  -0.0214 -0.0498 21  A   A N1    
438 C  C2    . A   A 21 ? 0.7729 0.4532 0.5059 0.1239  -0.0278 -0.0588 21  A   A C2    
439 N  N3    . A   A 21 ? 0.7943 0.4703 0.5272 0.1455  -0.0381 -0.0651 21  A   A N3    
440 C  C4    . A   A 21 ? 0.8252 0.4496 0.5369 0.1513  -0.0438 -0.0567 21  A   A C4    
441 P  P     . G   A 22 ? 0.8453 0.5511 0.6599 0.2593  -0.0871 -0.1588 22  G   A P     
442 O  OP1   . G   A 22 ? 0.8031 0.5883 0.6396 0.2561  -0.0790 -0.1805 22  G   A OP1   
443 O  OP2   . G   A 22 ? 0.8850 0.5542 0.7065 0.2859  -0.1069 -0.1601 22  G   A OP2   
444 O  "O5'" . G   A 22 ? 0.8381 0.5019 0.6469 0.2438  -0.0776 -0.1604 22  G   A "O5'" 
445 C  "C5'" . G   A 22 ? 0.8494 0.5015 0.6842 0.2513  -0.0808 -0.1817 22  G   A "C5'" 
446 C  "C4'" . G   A 22 ? 0.8480 0.4670 0.6778 0.2302  -0.0691 -0.1796 22  G   A "C4'" 
447 O  "O4'" . G   A 22 ? 0.7945 0.4597 0.6234 0.2156  -0.0548 -0.1931 22  G   A "O4'" 
448 C  "C3'" . G   A 22 ? 0.8633 0.4216 0.6604 0.2137  -0.0661 -0.1476 22  G   A "C3'" 
449 O  "O3'" . G   A 22 ? 0.9186 0.4230 0.7169 0.2198  -0.0772 -0.1335 22  G   A "O3'" 
450 C  "C2'" . G   A 22 ? 0.8365 0.3961 0.6324 0.1900  -0.0498 -0.1544 22  G   A "C2'" 
451 O  "O2'" . G   A 22 ? 0.8710 0.3998 0.6867 0.1857  -0.0486 -0.1633 22  G   A "O2'" 
452 C  "C1'" . G   A 22 ? 0.7843 0.4148 0.5971 0.1933  -0.0442 -0.1813 22  G   A "C1'" 
453 N  N9    . G   A 22 ? 0.7208 0.3889 0.5198 0.1735  -0.0333 -0.1684 22  G   A N9    
454 C  C8    . G   A 22 ? 0.6768 0.4122 0.4841 0.1730  -0.0316 -0.1707 22  G   A C8    
455 N  N7    . G   A 22 ? 0.6422 0.3986 0.4410 0.1524  -0.0230 -0.1546 22  G   A N7    
456 C  C5    . G   A 22 ? 0.6579 0.3625 0.4427 0.1390  -0.0179 -0.1444 22  G   A C5    
457 C  C6    . G   A 22 ? 0.6394 0.3414 0.4152 0.1167  -0.0092 -0.1293 22  G   A C6    
458 O  O6    . G   A 22 ? 0.6102 0.3515 0.3904 0.1052  -0.0060 -0.1198 22  G   A O6    
459 N  N1    . G   A 22 ? 0.6675 0.3145 0.4315 0.1074  -0.0048 -0.1258 22  G   A N1    
460 C  C2    . G   A 22 ? 0.7133 0.3091 0.4734 0.1169  -0.0091 -0.1318 22  G   A C2    
461 N  N2    . G   A 22 ? 0.7345 0.2819 0.4821 0.1018  -0.0029 -0.1250 22  G   A N2    
462 N  N3    . G   A 22 ? 0.7399 0.3324 0.5104 0.1393  -0.0194 -0.1441 22  G   A N3    
463 C  C4    . G   A 22 ? 0.7059 0.3562 0.4890 0.1501  -0.0231 -0.1517 22  G   A C4    
464 P  P     . G   A 23 ? 0.9543 0.4113 0.7158 0.2162  -0.0848 -0.0964 23  G   A P     
465 O  OP1   . G   A 23 ? 1.0146 0.4203 0.7840 0.2203  -0.0955 -0.0847 23  G   A OP1   
466 O  OP2   . G   A 23 ? 0.9313 0.4194 0.6818 0.2313  -0.0929 -0.0917 23  G   A OP2   
467 O  "O5'" . G   A 23 ? 0.9462 0.3872 0.6797 0.1864  -0.0674 -0.0821 23  G   A "O5'" 
468 C  "C5'" . G   A 23 ? 0.9675 0.3773 0.7054 0.1667  -0.0577 -0.0816 23  G   A "C5'" 
469 C  "C4'" . G   A 23 ? 0.9671 0.3602 0.6736 0.1398  -0.0446 -0.0627 23  G   A "C4'" 
470 O  "O4'" . G   A 23 ? 0.9115 0.3485 0.6205 0.1303  -0.0320 -0.0764 23  G   A "O4'" 
471 C  "C3'" . G   A 23 ? 0.9989 0.3711 0.6679 0.1382  -0.0502 -0.0341 23  G   A "C3'" 
472 O  "O3'" . G   A 23 ? 1.0415 0.3807 0.6862 0.1115  -0.0398 -0.0162 23  G   A "O3'" 
473 C  "C2'" . G   A 23 ? 0.9332 0.3544 0.5990 0.1387  -0.0445 -0.0404 23  G   A "C2'" 
474 O  "O2'" . G   A 23 ? 0.9292 0.3556 0.5699 0.1243  -0.0407 -0.0203 23  G   A "O2'" 
475 C  "C1'" . G   A 23 ? 0.8900 0.3365 0.5741 0.1232  -0.0293 -0.0597 23  G   A "C1'" 
476 N  N9    . G   A 23 ? 0.8320 0.3438 0.5350 0.1254  -0.0258 -0.0718 23  G   A N9    
477 C  C8    . G   A 23 ? 0.8137 0.3658 0.5359 0.1452  -0.0338 -0.0850 23  G   A C8    
478 N  N7    . G   A 23 ? 0.6800 0.2867 0.4145 0.1383  -0.0278 -0.0894 23  G   A N7    
479 C  C5    . G   A 23 ? 0.7548 0.3550 0.4805 0.1149  -0.0168 -0.0799 23  G   A C5    
480 C  C6    . G   A 23 ? 0.6229 0.2633 0.3592 0.0996  -0.0093 -0.0781 23  G   A C6    
481 O  O6    . G   A 23 ? 0.6197 0.3093 0.3724 0.1014  -0.0104 -0.0810 23  G   A O6    
482 N  N1    . G   A 23 ? 0.8730 0.4917 0.6005 0.0795  -0.0003 -0.0714 23  G   A N1    
483 C  C2    . G   A 23 ? 0.6612 0.2292 0.3691 0.0720  0.0031  -0.0662 23  G   A C2    
484 N  N2    . G   A 23 ? 0.6553 0.2166 0.3594 0.0506  0.0132  -0.0635 23  G   A N2    
485 N  N3    . G   A 23 ? 0.7043 0.2318 0.3992 0.0838  -0.0037 -0.0636 23  G   A N3    
486 C  C4    . G   A 23 ? 0.7934 0.3383 0.4997 0.1064  -0.0144 -0.0710 23  G   A C4    
487 P  P     . A   A 24 ? 1.1264 0.4115 0.7628 0.1050  -0.0466 0.0046  24  A   A P     
488 O  OP1   . A   A 24 ? 1.1634 0.4397 0.8182 0.1332  -0.0669 0.0051  24  A   A OP1   
489 O  OP2   . A   A 24 ? 1.1599 0.4231 0.7534 0.0827  -0.0406 0.0312  24  A   A OP2   
490 O  "O5'" . A   A 24 ? 1.1362 0.4144 0.8011 0.0897  -0.0347 -0.0127 24  A   A "O5'" 
491 C  "C5'" . A   A 24 ? 1.1043 0.4135 0.7763 0.0721  -0.0172 -0.0302 24  A   A "C5'" 
492 C  "C4'" . A   A 24 ? 1.1365 0.4216 0.8075 0.0449  -0.0047 -0.0267 24  A   A "C4'" 
493 O  "O4'" . A   A 24 ? 1.1811 0.4392 0.8825 0.0506  -0.0110 -0.0337 24  A   A "O4'" 
494 C  "C3'" . A   A 24 ? 1.1044 0.4266 0.7889 0.0270  0.0119  -0.0468 24  A   A "C3'" 
495 O  "O3'" . A   A 24 ? 1.1302 0.4350 0.7961 -0.0015 0.0246  -0.0355 24  A   A "O3'" 
496 C  "C2'" . A   A 24 ? 1.1194 0.4493 0.8455 0.0339  0.0107  -0.0720 24  A   A "C2'" 
497 O  "O2'" . A   A 24 ? 1.1154 0.4655 0.8579 0.0145  0.0236  -0.0882 24  A   A "O2'" 
498 C  "C1'" . A   A 24 ? 1.1818 0.4584 0.9117 0.0380  0.0009  -0.0582 24  A   A "C1'" 
499 N  N9    . A   A 24 ? 1.2163 0.4924 0.9890 0.0555  -0.0066 -0.0811 24  A   A N9    
500 C  C8    . A   A 24 ? 1.1870 0.5062 0.9866 0.0727  -0.0077 -0.1106 24  A   A C8    
501 N  N7    . A   A 24 ? 1.2138 0.5235 1.0505 0.0846  -0.0119 -0.1304 24  A   A N7    
502 C  C5    . A   A 24 ? 1.2759 0.5291 1.1136 0.0755  -0.0152 -0.1107 24  A   A C5    
503 C  C6    . A   A 24 ? 1.3391 0.5537 1.2108 0.0806  -0.0188 -0.1167 24  A   A C6    
504 N  N6    . A   A 24 ? 1.3439 0.5715 1.2515 0.0969  -0.0167 -0.1484 24  A   A N6    
505 N  N1    . A   A 24 ? 1.3996 0.5599 1.2622 0.0669  -0.0220 -0.0880 24  A   A N1    
506 C  C2    . A   A 24 ? 1.4001 0.5497 1.2174 0.0483  -0.0200 -0.0572 24  A   A C2    
507 N  N3    . A   A 24 ? 1.3470 0.5304 1.1283 0.0417  -0.0138 -0.0519 24  A   A N3    
508 C  C4    . A   A 24 ? 1.2820 0.5152 1.0779 0.0569  -0.0125 -0.0790 24  A   A C4    
509 P  P     . G   A 25 ? 1.1224 0.4434 0.7571 -0.0187 0.0354  -0.0260 25  G   A P     
510 O  OP1   . G   A 25 ? 1.1547 0.4576 0.7752 -0.0491 0.0492  -0.0191 25  G   A OP1   
511 O  OP2   . G   A 25 ? 1.1127 0.4241 0.7198 -0.0036 0.0243  -0.0085 25  G   A OP2   
512 O  "O5'" . G   A 25 ? 1.0830 0.4612 0.7448 -0.0167 0.0416  -0.0500 25  G   A "O5'" 
513 C  "C5'" . G   A 25 ? 1.0677 0.4740 0.7202 -0.0162 0.0435  -0.0490 25  G   A "C5'" 
514 C  "C4'" . G   A 25 ? 1.0218 0.4774 0.7028 -0.0247 0.0515  -0.0674 25  G   A "C4'" 
515 O  "O4'" . G   A 25 ? 1.0132 0.4924 0.7225 -0.0104 0.0461  -0.0834 25  G   A "O4'" 
516 C  "C3'" . G   A 25 ? 0.9693 0.4574 0.6515 -0.0234 0.0514  -0.0680 25  G   A "C3'" 
517 O  "O3'" . G   A 25 ? 0.9371 0.4219 0.6044 -0.0434 0.0610  -0.0640 25  G   A "O3'" 
518 C  "C2'" . G   A 25 ? 0.9582 0.4916 0.6752 -0.0212 0.0515  -0.0845 25  G   A "C2'" 
519 O  "O2'" . G   A 25 ? 0.9706 0.5217 0.7040 -0.0407 0.0610  -0.0930 25  G   A "O2'" 
520 C  "C1'" . G   A 25 ? 0.9753 0.4999 0.7013 -0.0085 0.0463  -0.0928 25  G   A "C1'" 
521 N  N9    . G   A 25 ? 0.9694 0.5057 0.6958 0.0141  0.0362  -0.0953 25  G   A N9    
522 C  C8    . G   A 25 ? 0.7014 0.2151 0.4198 0.0328  0.0270  -0.0926 25  G   A C8    
523 N  N7    . G   A 25 ? 0.6809 0.2235 0.4061 0.0504  0.0196  -0.0983 25  G   A N7    
524 C  C5    . G   A 25 ? 0.6377 0.2264 0.3776 0.0409  0.0235  -0.1005 25  G   A C5    
525 C  C6    . G   A 25 ? 0.6008 0.2428 0.3569 0.0482  0.0184  -0.1015 25  G   A C6    
526 O  O6    . G   A 25 ? 0.6393 0.3038 0.3999 0.0642  0.0112  -0.1036 25  G   A O6    
527 N  N1    . G   A 25 ? 0.5701 0.2415 0.3395 0.0340  0.0221  -0.0995 25  G   A N1    
528 C  C2    . G   A 25 ? 0.5717 0.2272 0.3416 0.0166  0.0299  -0.1010 25  G   A C2    
529 N  N2    . G   A 25 ? 0.5414 0.2303 0.3305 0.0072  0.0295  -0.0998 25  G   A N2    
530 N  N3    . G   A 25 ? 0.6035 0.2146 0.3581 0.0083  0.0368  -0.1030 25  G   A N3    
531 C  C4    . G   A 25 ? 0.6366 0.2144 0.3752 0.0204  0.0332  -0.1007 25  G   A C4    
532 P  P     . G   A 26 ? 0.9062 0.4145 0.5678 -0.0404 0.0575  -0.0572 26  G   A P     
533 O  OP1   . G   A 26 ? 0.9331 0.4368 0.5766 -0.0637 0.0684  -0.0546 26  G   A OP1   
534 O  OP2   . G   A 26 ? 0.9176 0.4203 0.5692 -0.0172 0.0437  -0.0447 26  G   A OP2   
535 O  "O5'" . G   A 26 ? 0.8300 0.3870 0.5300 -0.0383 0.0565  -0.0715 26  G   A "O5'" 
536 C  "C5'" . G   A 26 ? 0.7747 0.3524 0.4985 -0.0542 0.0650  -0.0855 26  G   A "C5'" 
537 C  "C4'" . G   A 26 ? 0.6944 0.3119 0.4538 -0.0467 0.0583  -0.0932 26  G   A "C4'" 
538 O  "O4'" . G   A 26 ? 0.6700 0.2874 0.4310 -0.0318 0.0512  -0.0930 26  G   A "O4'" 
539 C  "C3'" . G   A 26 ? 0.6641 0.3054 0.4359 -0.0392 0.0508  -0.0881 26  G   A "C3'" 
540 O  "O3'" . G   A 26 ? 0.6610 0.3176 0.4474 -0.0530 0.0561  -0.0972 26  G   A "O3'" 
541 C  "C2'" . G   A 26 ? 0.6139 0.2846 0.4129 -0.0281 0.0410  -0.0873 26  G   A "C2'" 
542 O  "O2'" . G   A 26 ? 0.5873 0.2792 0.4165 -0.0379 0.0418  -0.0977 26  G   A "O2'" 
543 C  "C1'" . G   A 26 ? 0.6211 0.2747 0.4036 -0.0206 0.0411  -0.0881 26  G   A "C1'" 
544 N  N9    . G   A 26 ? 0.6148 0.2649 0.3836 -0.0028 0.0334  -0.0785 26  G   A N9    
545 C  C8    . G   A 26 ? 0.6468 0.2624 0.3884 0.0048  0.0332  -0.0740 26  G   A C8    
546 N  N7    . G   A 26 ? 0.6427 0.2678 0.3825 0.0225  0.0242  -0.0687 26  G   A N7    
547 C  C5    . G   A 26 ? 0.6080 0.2770 0.3728 0.0243  0.0197  -0.0684 26  G   A C5    
548 C  C6    . G   A 26 ? 0.5995 0.3002 0.3740 0.0375  0.0114  -0.0640 26  G   A C6    
549 O  O6    . G   A 26 ? 0.6221 0.3211 0.3872 0.0526  0.0059  -0.0629 26  G   A O6    
550 N  N1    . G   A 26 ? 0.5587 0.2973 0.3586 0.0311  0.0087  -0.0605 26  G   A N1    
551 C  C2    . G   A 26 ? 0.5412 0.2854 0.3580 0.0169  0.0116  -0.0622 26  G   A C2    
552 N  N2    . G   A 26 ? 0.5227 0.3020 0.3655 0.0134  0.0052  -0.0547 26  G   A N2    
553 N  N3    . G   A 26 ? 0.5479 0.2663 0.3583 0.0062  0.0195  -0.0703 26  G   A N3    
554 C  C4    . G   A 26 ? 0.5862 0.2683 0.3689 0.0094  0.0242  -0.0726 26  G   A C4    
555 P  P     . U   A 27 ? 0.6759 0.3349 0.4478 -0.0552 0.0570  -0.0932 27  U   A P     
556 O  OP1   . U   A 27 ? 0.6650 0.3471 0.4603 -0.0713 0.0640  -0.1110 27  U   A OP1   
557 O  OP2   . U   A 27 ? 0.7255 0.3494 0.4524 -0.0548 0.0597  -0.0803 27  U   A OP2   
558 O  "O5'" . U   A 27 ? 0.6423 0.3233 0.4323 -0.0372 0.0436  -0.0851 27  U   A "O5'" 
559 C  "C5'" . U   A 27 ? 0.5948 0.3055 0.4283 -0.0348 0.0365  -0.0898 27  U   A "C5'" 
560 C  "C4'" . U   A 27 ? 0.5622 0.2875 0.4046 -0.0193 0.0249  -0.0774 27  U   A "C4'" 
561 O  "O4'" . U   A 27 ? 0.5533 0.2692 0.3776 -0.0084 0.0218  -0.0680 27  U   A "O4'" 
562 C  "C3'" . U   A 27 ? 0.5634 0.2892 0.3893 -0.0133 0.0227  -0.0733 27  U   A "C3'" 
563 O  "O3'" . U   A 27 ? 0.5423 0.2902 0.3962 -0.0197 0.0219  -0.0838 27  U   A "O3'" 
564 C  "C2'" . U   A 27 ? 0.5502 0.2840 0.3750 0.0031  0.0132  -0.0608 27  U   A "C2'" 
565 O  "O2'" . U   A 27 ? 0.5311 0.2939 0.3952 0.0038  0.0055  -0.0587 27  U   A "O2'" 
566 C  "C1'" . U   A 27 ? 0.5444 0.2651 0.3583 0.0055  0.0150  -0.0586 27  U   A "C1'" 
567 N  N1    . U   A 27 ? 0.5662 0.2571 0.3427 0.0132  0.0170  -0.0551 27  U   A N1    
568 C  C2    . U   A 27 ? 0.5225 0.2181 0.2907 0.0301  0.0092  -0.0488 27  U   A C2    
569 O  O2    . U   A 27 ? 0.4998 0.2253 0.2873 0.0366  0.0027  -0.0457 27  U   A O2    
570 N  N3    . U   A 27 ? 0.5569 0.2210 0.2962 0.0388  0.0087  -0.0464 27  U   A N3    
571 C  C4    . U   A 27 ? 0.6310 0.2573 0.3475 0.0301  0.0154  -0.0466 27  U   A C4    
572 O  O4    . U   A 27 ? 0.6237 0.2196 0.3186 0.0397  0.0118  -0.0419 27  U   A O4    
573 C  C5    . U   A 27 ? 0.6239 0.2505 0.3476 0.0098  0.0254  -0.0529 27  U   A C5    
574 C  C6    . U   A 27 ? 0.5909 0.2503 0.3447 0.0035  0.0255  -0.0584 27  U   A C6    
575 P  P     . C   A 28 ? 0.5597 0.3084 0.3920 -0.0275 0.0282  -0.0924 28  C   A P     
576 O  OP1   . C   A 28 ? 0.5469 0.3231 0.4209 -0.0373 0.0293  -0.1125 28  C   A OP1   
577 O  OP2   . C   A 28 ? 0.5955 0.3154 0.3844 -0.0353 0.0378  -0.0885 28  C   A OP2   
578 O  "O5'" . C   A 28 ? 0.5589 0.3133 0.3762 -0.0127 0.0195  -0.0816 28  C   A "O5'" 
579 C  "C5'" . C   A 28 ? 0.5251 0.3024 0.3763 -0.0036 0.0097  -0.0794 28  C   A "C5'" 
580 C  "C4'" . C   A 28 ? 0.5434 0.3210 0.3723 0.0120  0.0026  -0.0676 28  C   A "C4'" 
581 O  "O4'" . C   A 28 ? 0.5644 0.3153 0.3606 0.0203  0.0030  -0.0561 28  C   A "O4'" 
582 C  "C3'" . C   A 28 ? 0.5833 0.3665 0.3880 0.0136  0.0019  -0.0710 28  C   A "C3'" 
583 O  "O3'" . C   A 28 ? 0.5725 0.3748 0.3847 0.0270  -0.0077 -0.0672 28  C   A "O3'" 
584 C  "C2'" . C   A 28 ? 0.6198 0.3689 0.3742 0.0162  0.0047  -0.0594 28  C   A "C2'" 
585 O  "O2'" . C   A 28 ? 0.6492 0.3966 0.3717 0.0250  -0.0014 -0.0521 28  C   A "O2'" 
586 C  "C1'" . C   A 28 ? 0.6077 0.3418 0.3645 0.0271  0.0014  -0.0501 28  C   A "C1'" 
587 N  N1    . C   A 28 ? 0.6514 0.3485 0.3778 0.0249  0.0064  -0.0437 28  C   A N1    
588 C  C2    . C   A 28 ? 0.6776 0.3538 0.3834 0.0413  -0.0003 -0.0341 28  C   A C2    
589 O  O2    . C   A 28 ? 0.6666 0.3601 0.3794 0.0571  -0.0097 -0.0320 28  C   A O2    
590 N  N3    . C   A 28 ? 0.7205 0.3595 0.4035 0.0390  0.0033  -0.0294 28  C   A N3    
591 C  C4    . C   A 28 ? 0.7422 0.3666 0.4197 0.0199  0.0145  -0.0331 28  C   A C4    
592 N  N4    . C   A 28 ? 0.7850 0.3713 0.4419 0.0166  0.0181  -0.0284 28  C   A N4    
593 C  C5    . C   A 28 ? 0.7144 0.3637 0.4111 0.0031  0.0222  -0.0441 28  C   A C5    
594 C  C6    . C   A 28 ? 0.6709 0.3548 0.3929 0.0071  0.0172  -0.0495 28  C   A C6    
595 P  P     . A   A 29 ? 0.5484 0.3818 0.3730 0.0254  -0.0110 -0.0800 29  A   A P     
596 O  OP1   . A   A 29 ? 0.5544 0.3925 0.3778 0.0089  -0.0023 -0.0951 29  A   A OP1   
597 O  OP2   . A   A 29 ? 0.5644 0.3999 0.3589 0.0411  -0.0192 -0.0715 29  A   A OP2   
598 O  "O5'" . A   A 29 ? 0.5109 0.3704 0.3921 0.0240  -0.0157 -0.0863 29  A   A "O5'" 
599 C  "C5'" . A   A 29 ? 0.4846 0.3495 0.4083 0.0109  -0.0127 -0.0969 29  A   A "C5'" 
600 C  "C4'" . A   A 29 ? 0.4645 0.3315 0.4229 0.0120  -0.0182 -0.0854 29  A   A "C4'" 
601 O  "O4'" . A   A 29 ? 0.4929 0.3396 0.4219 0.0176  -0.0166 -0.0693 29  A   A "O4'" 
602 C  "C3'" . A   A 29 ? 0.4472 0.3366 0.4264 0.0184  -0.0262 -0.0792 29  A   A "C3'" 
603 O  "O3'" . A   A 29 ? 0.4281 0.3386 0.4548 0.0112  -0.0301 -0.0933 29  A   A "O3'" 
604 C  "C2'" . A   A 29 ? 0.4506 0.3364 0.4376 0.0191  -0.0290 -0.0603 29  A   A "C2'" 
605 O  "O2'" . A   A 29 ? 0.4381 0.3249 0.4698 0.0079  -0.0322 -0.0588 29  A   A "O2'" 
606 C  "C1'" . A   A 29 ? 0.4774 0.3373 0.4207 0.0231  -0.0229 -0.0559 29  A   A "C1'" 
607 N  N9    . A   A 29 ? 0.4886 0.3455 0.3940 0.0374  -0.0239 -0.0492 29  A   A N9    
608 C  C8    . A   A 29 ? 0.5128 0.3530 0.3778 0.0459  -0.0223 -0.0519 29  A   A C8    
609 N  N7    . A   A 29 ? 0.5224 0.3630 0.3670 0.0605  -0.0265 -0.0458 29  A   A N7    
610 C  C5    . A   A 29 ? 0.5023 0.3661 0.3732 0.0598  -0.0290 -0.0405 29  A   A C5    
611 C  C6    . A   A 29 ? 0.4323 0.3147 0.3011 0.0704  -0.0325 -0.0366 29  A   A C6    
612 N  N6    . A   A 29 ? 0.5726 0.4488 0.4149 0.0873  -0.0360 -0.0395 29  A   A N6    
613 N  N1    . A   A 29 ? 0.4130 0.3223 0.3092 0.0625  -0.0332 -0.0298 29  A   A N1    
614 C  C2    . A   A 29 ? 0.4683 0.3798 0.3942 0.0468  -0.0327 -0.0248 29  A   A C2    
615 N  N3    . A   A 29 ? 0.4690 0.3624 0.4055 0.0384  -0.0309 -0.0302 29  A   A N3    
616 C  C4    . A   A 29 ? 0.4840 0.3565 0.3906 0.0449  -0.0279 -0.0396 29  A   A C4    
617 P  P     . C   A 30 ? 0.4245 0.3627 0.4591 0.0164  -0.0349 -0.1012 30  C   A P     
618 O  OP1   . C   A 30 ? 0.4271 0.3831 0.5201 0.0062  -0.0382 -0.1193 30  C   A OP1   
619 O  OP2   . C   A 30 ? 0.4044 0.3416 0.3872 0.0258  -0.0324 -0.1053 30  C   A OP2   
620 O  "O5'" . C   A 30 ? 0.3754 0.3222 0.4131 0.0223  -0.0399 -0.0811 30  C   A "O5'" 
621 C  "C5'" . C   A 30 ? 0.3612 0.3113 0.4399 0.0130  -0.0439 -0.0680 30  C   A "C5'" 
622 C  "C4'" . C   A 30 ? 0.3603 0.3236 0.4265 0.0176  -0.0459 -0.0494 30  C   A "C4'" 
623 O  "O4'" . C   A 30 ? 0.4632 0.4105 0.4820 0.0274  -0.0416 -0.0420 30  C   A "O4'" 
624 C  "C3'" . C   A 30 ? 0.4161 0.4069 0.4777 0.0254  -0.0480 -0.0555 30  C   A "C3'" 
625 O  "O3'" . C   A 30 ? 0.4134 0.4263 0.5243 0.0147  -0.0524 -0.0580 30  C   A "O3'" 
626 C  "C2'" . C   A 30 ? 0.4422 0.4404 0.4741 0.0340  -0.0470 -0.0419 30  C   A "C2'" 
627 O  "O2'" . C   A 30 ? 0.4406 0.4562 0.4997 0.0218  -0.0487 -0.0250 30  C   A "O2'" 
628 C  "C1'" . C   A 30 ? 0.4594 0.4252 0.4575 0.0382  -0.0428 -0.0381 30  C   A "C1'" 
629 N  N1    . C   A 30 ? 0.4672 0.4184 0.4217 0.0539  -0.0415 -0.0469 30  C   A N1    
630 C  C2    . C   A 30 ? 0.4624 0.4216 0.3916 0.0686  -0.0433 -0.0447 30  C   A C2    
631 O  O2    . C   A 30 ? 0.4444 0.4286 0.3869 0.0669  -0.0437 -0.0382 30  C   A O2    
632 N  N3    . C   A 30 ? 0.4754 0.4165 0.3679 0.0839  -0.0451 -0.0497 30  C   A N3    
633 C  C4    . C   A 30 ? 0.4851 0.4036 0.3608 0.0820  -0.0439 -0.0542 30  C   A C4    
634 N  N4    . C   A 30 ? 0.5324 0.4319 0.3703 0.0957  -0.0475 -0.0541 30  C   A N4    
635 C  C5    . C   A 30 ? 0.4597 0.3764 0.3584 0.0656  -0.0398 -0.0594 30  C   A C5    
636 C  C6    . C   A 30 ? 0.4042 0.3361 0.3444 0.0533  -0.0394 -0.0569 30  C   A C6    
637 P  P     . U   A 31 ? 0.4448 0.4802 0.5713 0.0173  -0.0546 -0.0816 31  U   A P     
638 O  OP1   . U   A 31 ? 0.4400 0.4928 0.6264 0.0024  -0.0590 -0.0819 31  U   A OP1   
639 O  OP2   . U   A 31 ? 0.4653 0.4868 0.5735 0.0211  -0.0519 -0.0998 31  U   A OP2   
640 O  "O5'" . U   A 31 ? 0.4556 0.5126 0.5461 0.0328  -0.0553 -0.0816 31  U   A "O5'" 
641 C  "C5'" . U   A 31 ? 0.4533 0.5320 0.5490 0.0317  -0.0557 -0.0681 31  U   A "C5'" 
642 C  "C4'" . U   A 31 ? 0.4693 0.5603 0.5241 0.0513  -0.0567 -0.0717 31  U   A "C4'" 
643 O  "O4'" . U   A 31 ? 0.4855 0.5438 0.4974 0.0621  -0.0545 -0.0657 31  U   A "O4'" 
644 C  "C3'" . U   A 31 ? 0.4806 0.5877 0.5249 0.0646  -0.0616 -0.0911 31  U   A "C3'" 
645 O  "O3'" . U   A 31 ? 0.4742 0.6218 0.5523 0.0600  -0.0643 -0.1007 31  U   A "O3'" 
646 C  "C2'" . U   A 31 ? 0.5003 0.5971 0.4965 0.0863  -0.0641 -0.0889 31  U   A "C2'" 
647 O  "O2'" . U   A 31 ? 0.4982 0.6247 0.4984 0.0928  -0.0652 -0.0875 31  U   A "O2'" 
648 C  "C1'" . U   A 31 ? 0.5063 0.5635 0.4828 0.0822  -0.0586 -0.0750 31  U   A "C1'" 
649 N  N1    . U   A 31 ? 0.5281 0.5531 0.4793 0.0840  -0.0578 -0.0785 31  U   A N1    
650 C  C2    . U   A 31 ? 0.5659 0.5743 0.4740 0.1015  -0.0621 -0.0787 31  U   A C2    
651 O  O2    . U   A 31 ? 0.5838 0.6013 0.4783 0.1179  -0.0676 -0.0781 31  U   A O2    
652 N  N3    . U   A 31 ? 0.5836 0.5653 0.4672 0.0987  -0.0602 -0.0794 31  U   A N3    
653 C  C4    . U   A 31 ? 0.5785 0.5533 0.4784 0.0814  -0.0538 -0.0849 31  U   A C4    
654 O  O4    . U   A 31 ? 0.6104 0.5669 0.4836 0.0787  -0.0514 -0.0869 31  U   A O4    
655 C  C5    . U   A 31 ? 0.5433 0.5348 0.4929 0.0670  -0.0513 -0.0876 31  U   A C5    
656 C  C6    . U   A 31 ? 0.5215 0.5348 0.4934 0.0681  -0.0537 -0.0819 31  U   A C6    
657 P  P     . G   A 32 ? 0.4807 0.6453 0.5914 0.0530  -0.0672 -0.1219 32  G   A P     
658 O  OP1   . G   A 32 ? 0.4814 0.6166 0.6063 0.0410  -0.0643 -0.1231 32  G   A OP1   
659 O  OP2   . G   A 32 ? 0.5076 0.6923 0.5910 0.0719  -0.0736 -0.1381 32  G   A OP2   
660 O  "O5'" . G   A 32 ? 0.4683 0.6662 0.6325 0.0361  -0.0668 -0.1218 32  G   A "O5'" 
661 C  "C5'" . G   A 32 ? 0.4729 0.7037 0.6358 0.0395  -0.0666 -0.1174 32  G   A "C5'" 
662 C  "C4'" . G   A 32 ? 0.4699 0.7094 0.6686 0.0164  -0.0624 -0.0982 32  G   A "C4'" 
663 O  "O4'" . G   A 32 ? 0.4633 0.6675 0.6461 0.0114  -0.0595 -0.0757 32  G   A "O4'" 
664 C  "C3'" . G   A 32 ? 0.4821 0.7639 0.6808 0.0151  -0.0598 -0.0939 32  G   A "C3'" 
665 O  "O3'" . G   A 32 ? 0.5001 0.8239 0.7315 0.0101  -0.0613 -0.1113 32  G   A "O3'" 
666 C  "C2'" . G   A 32 ? 0.4707 0.7452 0.6839 -0.0072 -0.0552 -0.0651 32  G   A "C2'" 
667 O  "O2'" . G   A 32 ? 0.4710 0.7489 0.7376 -0.0322 -0.0562 -0.0582 32  G   A "O2'" 
668 C  "C1'" . G   A 32 ? 0.4604 0.6842 0.6492 -0.0013 -0.0559 -0.0553 32  G   A "C1'" 
669 N  N9    . G   A 32 ? 0.4538 0.6718 0.5954 0.0137  -0.0531 -0.0491 32  G   A N9    
670 C  C8    . G   A 32 ? 0.4592 0.6573 0.5594 0.0378  -0.0548 -0.0611 32  G   A C8    
671 N  N7    . G   A 32 ? 0.4655 0.6617 0.5360 0.0459  -0.0522 -0.0542 32  G   A N7    
672 C  C5    . G   A 32 ? 0.4602 0.6815 0.5500 0.0258  -0.0479 -0.0371 32  G   A C5    
673 C  C6    . G   A 32 ? 0.4625 0.7006 0.5352 0.0227  -0.0434 -0.0260 32  G   A C6    
674 O  O6    . G   A 32 ? 0.4731 0.7045 0.5138 0.0388  -0.0421 -0.0323 32  G   A O6    
675 N  N1    . G   A 32 ? 0.4566 0.7237 0.5554 -0.0034 -0.0405 -0.0062 32  G   A N1    
676 C  C2    . G   A 32 ? 0.4534 0.7259 0.5932 -0.0236 -0.0426 0.0030  32  G   A C2    
677 N  N2    . G   A 32 ? 0.4589 0.7575 0.6183 -0.0495 -0.0404 0.0272  32  G   A N2    
678 N  N3    . G   A 32 ? 0.4541 0.7092 0.6153 -0.0197 -0.0468 -0.0108 32  G   A N3    
679 C  C4    . G   A 32 ? 0.4544 0.6872 0.5870 0.0052  -0.0489 -0.0310 32  G   A C4    
680 P  P     . C   A 33 ? 0.5181 0.8947 0.7393 0.0218  -0.0610 -0.1239 33  C   A P     
681 O  OP1   . C   A 33 ? 0.5065 0.9200 0.7612 0.0199  -0.0645 -0.1481 33  C   A OP1   
682 O  OP2   . C   A 33 ? 0.5265 0.8895 0.6968 0.0501  -0.0641 -0.1272 33  C   A OP2   
683 O  "O5'" . C   A 33 ? 0.5381 0.9396 0.7764 -0.0022 -0.0529 -0.1022 33  C   A "O5'" 
684 C  "C5'" . C   A 33 ? 0.5504 0.9539 0.8348 -0.0338 -0.0501 -0.0864 33  C   A "C5'" 
685 C  "C4'" . C   A 33 ? 0.5679 0.9844 0.8506 -0.0548 -0.0435 -0.0570 33  C   A "C4'" 
686 O  "O4'" . C   A 33 ? 0.5681 0.9436 0.8166 -0.0475 -0.0439 -0.0391 33  C   A "O4'" 
687 C  "C3'" . C   A 33 ? 0.5884 1.0625 0.8549 -0.0517 -0.0372 -0.0640 33  C   A "C3'" 
688 O  "O3'" . C   A 33 ? 0.6165 1.1415 0.9205 -0.0701 -0.0336 -0.0724 33  C   A "O3'" 
689 C  "C2'" . C   A 33 ? 0.5912 1.0616 0.8369 -0.0652 -0.0321 -0.0346 33  C   A "C2'" 
690 O  "O2'" . C   A 33 ? 0.6114 1.0929 0.8906 -0.1014 -0.0291 -0.0059 33  C   A "O2'" 
691 C  "C1'" . C   A 33 ? 0.5718 0.9766 0.7971 -0.0523 -0.0377 -0.0259 33  C   A "C1'" 
692 N  N1    . C   A 33 ? 0.5554 0.9486 0.7341 -0.0223 -0.0383 -0.0400 33  C   A N1    
693 C  C2    . C   A 33 ? 0.5479 0.9533 0.6995 -0.0234 -0.0333 -0.0286 33  C   A C2    
694 O  O2    . C   A 33 ? 0.5500 0.9793 0.7129 -0.0497 -0.0285 -0.0052 33  C   A O2    
695 N  N3    . C   A 33 ? 0.5392 0.9314 0.6539 0.0035  -0.0345 -0.0430 33  C   A N3    
696 C  C4    . C   A 33 ? 0.5317 0.8972 0.6334 0.0296  -0.0410 -0.0631 33  C   A C4    
697 N  N4    . C   A 33 ? 0.5243 0.8727 0.5921 0.0542  -0.0432 -0.0741 33  C   A N4    
698 C  C5    . C   A 33 ? 0.5411 0.8975 0.6645 0.0306  -0.0462 -0.0729 33  C   A C5    
699 C  C6    . C   A 33 ? 0.5483 0.9202 0.7112 0.0048  -0.0442 -0.0634 33  C   A C6    
700 P  P     . G   A 34 ? 0.6489 1.2429 0.9452 -0.0585 -0.0293 -0.0983 34  G   A P     
701 O  OP1   . G   A 34 ? 0.6510 1.2888 0.9940 -0.0787 -0.0268 -0.1099 34  G   A OP1   
702 O  OP2   . G   A 34 ? 0.6474 1.2280 0.9077 -0.0182 -0.0367 -0.1230 34  G   A OP2   
703 O  "O5'" . G   A 34 ? 0.6838 1.3091 0.9619 -0.0748 -0.0197 -0.0775 34  G   A "O5'" 
704 C  "C5'" . G   A 34 ? 0.7075 1.3898 0.9682 -0.0616 -0.0148 -0.0989 34  G   A "C5'" 
705 C  "C4'" . G   A 34 ? 0.7347 1.4365 0.9726 -0.0762 -0.0063 -0.0782 34  G   A "C4'" 
706 O  "O4'" . G   A 34 ? 0.7329 1.3703 0.9418 -0.0664 -0.0112 -0.0591 34  G   A "O4'" 
707 C  "C3'" . G   A 34 ? 0.7403 1.4985 0.9584 -0.0581 -0.0017 -0.1056 34  G   A "C3'" 
708 O  "O3'" . G   A 34 ? 0.7475 1.5862 0.9901 -0.0765 0.0074  -0.1196 34  G   A "O3'" 
709 C  "C2'" . G   A 34 ? 0.7464 1.4917 0.9330 -0.0644 0.0025  -0.0839 34  G   A "C2'" 
710 O  "O2'" . G   A 34 ? 0.7582 1.5443 0.9540 -0.1055 0.0125  -0.0551 34  G   A "O2'" 
711 C  "C1'" . G   A 34 ? 0.7415 1.4001 0.9185 -0.0578 -0.0065 -0.0621 34  G   A "C1'" 
712 N  N9    . G   A 34 ? 0.7445 1.3595 0.8932 -0.0189 -0.0145 -0.0822 34  G   A N9    
713 C  C8    . G   A 34 ? 0.7407 1.3143 0.8897 0.0060  -0.0245 -0.0975 34  G   A C8    
714 N  N7    . G   A 34 ? 0.7456 1.2847 0.8647 0.0357  -0.0304 -0.1091 34  G   A N7    
715 C  C5    . G   A 34 ? 0.7503 1.3086 0.8514 0.0315  -0.0238 -0.1046 34  G   A C5    
716 C  C6    . G   A 34 ? 0.7666 1.3031 0.8384 0.0543  -0.0259 -0.1145 34  G   A C6    
717 O  O6    . G   A 34 ? 0.7778 1.2684 0.8318 0.0827  -0.0346 -0.1259 34  G   A O6    
718 N  N1    . G   A 34 ? 0.7750 1.3504 0.8390 0.0394  -0.0168 -0.1096 34  G   A N1    
719 C  C2    . G   A 34 ? 0.7774 1.4071 0.8559 0.0054  -0.0071 -0.0933 34  G   A C2    
720 N  N2    . G   A 34 ? 0.7896 1.4577 0.8539 -0.0057 0.0007  -0.0909 34  G   A N2    
721 N  N3    . G   A 34 ? 0.7662 1.4127 0.8716 -0.0175 -0.0053 -0.0799 34  G   A N3    
722 C  C4    . G   A 34 ? 0.7528 1.3611 0.8700 -0.0021 -0.0139 -0.0883 34  G   A C4    
723 P  P     . C   A 35 ? 0.7317 1.6333 0.9749 -0.0478 0.0072  -0.1669 35  C   A P     
724 O  OP1   . C   A 35 ? 0.7321 1.7222 1.0021 -0.0780 0.0202  -0.1747 35  C   A OP1   
725 O  OP2   . C   A 35 ? 0.7167 1.5820 0.9628 -0.0110 -0.0073 -0.1912 35  C   A OP2   
726 O  "O5'" . C   A 35 ? 0.7280 1.6280 0.9355 -0.0296 0.0085  -0.1723 35  C   A "O5'" 
727 C  "C5'" . C   A 35 ? 0.7122 1.6410 0.9141 0.0065  0.0037  -0.2134 35  C   A "C5'" 
728 C  "C4'" . C   A 35 ? 0.6976 1.6219 0.8705 0.0161  0.0064  -0.2149 35  C   A "C4'" 
729 O  "O4'" . C   A 35 ? 0.6913 1.5289 0.8377 0.0201  0.0005  -0.1851 35  C   A "O4'" 
730 C  "C3'" . C   A 35 ? 0.6814 1.6179 0.8509 0.0587  -0.0020 -0.2577 35  C   A "C3'" 
731 O  "O3'" . C   A 35 ? 0.6581 1.6896 0.8498 0.0567  0.0057  -0.2928 35  C   A "O3'" 
732 C  "C2'" . C   A 35 ? 0.6888 1.5784 0.8265 0.0670  -0.0027 -0.2462 35  C   A "C2'" 
733 O  "O2'" . C   A 35 ? 0.6915 1.6433 0.8240 0.0421  0.0118  -0.2455 35  C   A "O2'" 
734 C  "C1'" . C   A 35 ? 0.6866 1.5006 0.8097 0.0495  -0.0046 -0.2018 35  C   A "C1'" 
735 N  N1    . C   A 35 ? 0.6794 1.4124 0.7903 0.0807  -0.0195 -0.2019 35  C   A N1    
736 C  C2    . C   A 35 ? 0.6868 1.3694 0.7717 0.1039  -0.0254 -0.2049 35  C   A C2    
737 O  O2    . C   A 35 ? 0.6926 1.3999 0.7678 0.0996  -0.0183 -0.2105 35  C   A O2    
738 N  N3    . C   A 35 ? 0.6940 1.3048 0.7651 0.1288  -0.0383 -0.2022 35  C   A N3    
739 C  C4    . C   A 35 ? 0.6964 1.2894 0.7776 0.1318  -0.0454 -0.1984 35  C   A C4    
740 N  N4    . C   A 35 ? 0.7141 1.2419 0.7776 0.1543  -0.0576 -0.1949 35  C   A N4    
741 C  C5    . C   A 35 ? 0.6787 1.3227 0.7888 0.1101  -0.0401 -0.1987 35  C   A C5    
742 C  C6    . C   A 35 ? 0.6717 1.3821 0.7962 0.0846  -0.0271 -0.1994 35  C   A C6    
743 P  P     . C   A 36 ? 0.6400 1.6827 0.8464 0.0915  -0.0082 -0.3361 36  C   A P     
744 O  OP1   . C   A 36 ? 0.6502 1.7633 0.8641 0.0695  0.0008  -0.3572 36  C   A OP1   
745 O  OP2   . C   A 36 ? 0.6241 1.6220 0.8414 0.1068  -0.0206 -0.3279 36  C   A OP2   
746 O  "O5'" . C   A 36 ? 0.6361 1.6461 0.8275 0.1318  -0.0213 -0.3608 36  C   A "O5'" 
747 C  "C5'" . C   A 36 ? 0.6323 1.6731 0.8134 0.1250  -0.0151 -0.3743 36  C   A "C5'" 
748 C  "C4'" . C   A 36 ? 0.6183 1.6023 0.7869 0.1595  -0.0279 -0.3838 36  C   A "C4'" 
749 O  "O4'" . C   A 36 ? 0.5867 1.5118 0.7375 0.1608  -0.0234 -0.3502 36  C   A "O4'" 
750 C  "C3'" . C   A 36 ? 0.6226 1.5629 0.7992 0.2024  -0.0521 -0.4077 36  C   A "C3'" 
751 O  "O3'" . C   A 36 ? 0.6428 1.6254 0.8369 0.2121  -0.0617 -0.4465 36  C   A "O3'" 
752 C  "C2'" . C   A 36 ? 0.6139 1.4757 0.7707 0.2260  -0.0598 -0.3946 36  C   A "C2'" 
753 O  "O2'" . C   A 36 ? 0.6208 1.4913 0.7771 0.2286  -0.0602 -0.4124 36  C   A "O2'" 
754 C  "C1'" . C   A 36 ? 0.5834 1.4329 0.7235 0.1999  -0.0413 -0.3566 36  C   A "C1'" 
755 N  N1    . C   A 36 ? 0.5578 1.3396 0.6869 0.2034  -0.0516 -0.3283 36  C   A N1    
756 C  C2    . C   A 36 ? 0.5540 1.2473 0.6600 0.2283  -0.0658 -0.3164 36  C   A C2    
757 O  O2    . C   A 36 ? 0.5618 1.2307 0.6594 0.2471  -0.0700 -0.3287 36  C   A O2    
758 N  N3    . C   A 36 ? 0.5470 1.1863 0.6415 0.2298  -0.0741 -0.2931 36  C   A N3    
759 C  C4    . C   A 36 ? 0.5322 1.2005 0.6410 0.2092  -0.0695 -0.2840 36  C   A C4    
760 N  N4    . C   A 36 ? 0.5267 1.1453 0.6259 0.2115  -0.0778 -0.2657 36  C   A N4    
761 C  C5    . C   A 36 ? 0.5267 1.2790 0.6616 0.1836  -0.0558 -0.2946 36  C   A C5    
762 C  C6    . C   A 36 ? 0.5384 1.3457 0.6805 0.1808  -0.0469 -0.3152 36  C   A C6    
763 IR IR    . IRI B .  ? 0.7616 0.7026 0.6169 0.0437  -0.0338 -0.1116 101 IRI A IR    
764 N  N1    . IRI B .  ? 0.5934 0.5407 0.4001 0.0716  -0.0495 -0.0963 101 IRI A N1    
765 N  N2    . IRI B .  ? 0.8338 0.7315 0.6153 0.0371  -0.0254 -0.0969 101 IRI A N2    
766 N  N3    . IRI B .  ? 0.5301 0.4671 0.4451 0.0196  -0.0224 -0.1289 101 IRI A N3    
767 N  N4    . IRI B .  ? 1.0914 1.0745 1.0228 0.0453  -0.0415 -0.1234 101 IRI A N4    
768 N  N5    . IRI B .  ? 0.6131 0.5153 0.4654 0.0540  -0.0341 -0.0846 101 IRI A N5    
769 N  N6    . IRI B .  ? 0.6471 0.6394 0.5086 0.0315  -0.0327 -0.1448 101 IRI A N6    
770 IR IR    . IRI C .  ? 1.9056 1.2768 1.3500 0.0630  -0.0547 0.1071  102 IRI A IR    
771 N  N1    . IRI C .  ? 1.2667 0.6997 0.7725 0.0960  -0.0592 0.0695  102 IRI A N1    
772 N  N2    . IRI C .  ? 1.2251 0.5163 0.6881 0.0882  -0.0712 0.1128  102 IRI A N2    
773 N  N3    . IRI C .  ? 1.2450 0.5625 0.6243 0.0221  -0.0473 0.1477  102 IRI A N3    
774 N  N4    . IRI C .  ? 1.2376 0.6918 0.6735 0.0384  -0.0389 0.0935  102 IRI A N4    
775 N  N5    . IRI C .  ? 0.9914 0.3694 0.4672 0.0327  -0.0231 0.0775  102 IRI A N5    
776 N  N6    . IRI C .  ? 1.3068 0.6763 0.7209 0.0942  -0.0890 0.1363  102 IRI A N6    
777 IR IR    . IRI D .  ? 1.6176 1.3191 1.3334 -0.0913 0.0741  -0.1060 103 IRI A IR    
778 N  N1    . IRI D .  ? 1.1479 0.8106 0.8525 -0.0587 0.0567  -0.0776 103 IRI A N1    
779 N  N2    . IRI D .  ? 1.0373 0.6913 0.6708 -0.1075 0.0827  -0.0780 103 IRI A N2    
780 N  N3    . IRI D .  ? 1.0369 0.7901 0.7730 -0.1246 0.0927  -0.1440 103 IRI A N3    
781 N  N4    . IRI D .  ? 0.6542 0.3972 0.4550 -0.0770 0.0622  -0.1271 103 IRI A N4    
782 N  N5    . IRI D .  ? 0.9750 0.6545 0.7080 -0.1046 0.0852  -0.1158 103 IRI A N5    
783 N  N6    . IRI D .  ? 0.8396 0.5707 0.5416 -0.0788 0.0628  -0.1009 103 IRI A N6    
784 K  K     . K   E .  ? 0.7207 0.4783 0.5028 0.0734  0.0003  -0.0866 104 K   A K     
785 MG MG    . MG  F .  ? 0.4519 0.8220 0.7518 -0.1649 -0.0436 0.1181  105 MG  A MG    
786 MG MG    . MG  G .  ? 0.4631 0.7077 0.3768 0.0995  -0.0270 -0.0869 106 MG  A MG    
787 MG MG    . MG  H .  ? 0.4139 1.5519 0.6781 -0.0987 0.0423  -0.2169 107 MG  A MG    
788 MG MG    . MG  I .  ? 0.7958 0.8450 0.6621 0.2197  -0.0803 -0.1247 108 MG  A MG    
789 C  C     . ACT J .  ? 1.1008 0.5288 0.5518 0.1917  -0.1554 0.1297  109 ACT A C     
790 O  O     . ACT J .  ? 1.0408 0.5264 0.5154 0.1918  -0.1461 0.1054  109 ACT A O     
791 O  OXT   . ACT J .  ? 1.1523 0.5682 0.5643 0.1818  -0.1633 0.1573  109 ACT A OXT   
792 C  CH3   . ACT J .  ? 1.1118 0.4922 0.5877 0.2003  -0.1557 0.1239  109 ACT A CH3   
793 C  C     . ACT K .  ? 0.4476 0.3179 0.6069 -0.0282 -0.0760 0.0113  110 ACT A C     
794 O  O     . ACT K .  ? 0.4614 0.3238 0.6672 -0.0296 -0.0828 -0.0013 110 ACT A O     
795 O  OXT   . ACT K .  ? 0.4668 0.3420 0.5981 -0.0278 -0.0721 0.0114  110 ACT A OXT   
796 C  CH3   . ACT K .  ? 0.4070 0.2843 0.5482 -0.0269 -0.0725 0.0227  110 ACT A CH3   
797 IR IR    . IR  L .  ? 1.4348 1.4817 1.5635 -0.0657 -0.0806 0.1430  111 IR  A IR    
798 IR IR    . IR  M .  ? 1.7402 1.5933 1.9067 -0.0490 -0.0120 -0.1528 112 IR  A IR    
799 O  O     . HOH N .  ? 0.3746 0.3420 0.5805 -0.0589 -0.0950 0.1194  201 HOH A O     
800 O  O     . HOH N .  ? 0.7220 0.5251 0.3468 0.1935  -0.1223 -0.0079 202 HOH A O     
# 
loop_
_pdbx_poly_seq_scheme.asym_id 
_pdbx_poly_seq_scheme.entity_id 
_pdbx_poly_seq_scheme.seq_id 
_pdbx_poly_seq_scheme.mon_id 
_pdbx_poly_seq_scheme.ndb_seq_num 
_pdbx_poly_seq_scheme.pdb_seq_num 
_pdbx_poly_seq_scheme.auth_seq_num 
_pdbx_poly_seq_scheme.pdb_mon_id 
_pdbx_poly_seq_scheme.auth_mon_id 
_pdbx_poly_seq_scheme.pdb_strand_id 
_pdbx_poly_seq_scheme.pdb_ins_code 
_pdbx_poly_seq_scheme.hetero 
A 1 1  G 1  1  ?  ? ? A . n 
A 1 2  G 2  2  2  G G A . n 
A 1 3  C 3  3  3  C C A . n 
A 1 4  G 4  4  4  G G A . n 
A 1 5  C 5  5  5  C C A . n 
A 1 6  G 6  6  6  G G A . n 
A 1 7  A 7  7  7  A A A . n 
A 1 8  G 8  8  8  G G A . n 
A 1 9  G 9  9  9  G G A . n 
A 1 10 A 10 10 10 A A A . n 
A 1 11 A 11 11 11 A A A . n 
A 1 12 G 12 12 12 G G A . n 
A 1 13 G 13 13 13 G G A . n 
A 1 14 A 14 14 14 A A A . n 
A 1 15 G 15 15 15 G G A . n 
A 1 16 G 16 16 16 G G A . n 
A 1 17 U 17 17 17 U U A . n 
A 1 18 C 18 18 18 C C A . n 
A 1 19 U 19 19 19 U U A . n 
A 1 20 G 20 20 20 G G A . n 
A 1 21 A 21 21 21 A A A . n 
A 1 22 G 22 22 22 G G A . n 
A 1 23 G 23 23 23 G G A . n 
A 1 24 A 24 24 24 A A A . n 
A 1 25 G 25 25 25 G G A . n 
A 1 26 G 26 26 26 G G A . n 
A 1 27 U 27 27 27 U U A . n 
A 1 28 C 28 28 28 C C A . n 
A 1 29 A 29 29 29 A A A . n 
A 1 30 C 30 30 30 C C A . n 
A 1 31 U 31 31 31 U U A . n 
A 1 32 G 32 32 32 G G A . n 
A 1 33 C 33 33 33 C C A . n 
A 1 34 G 34 34 34 G G A . n 
A 1 35 C 35 35 35 C C A . n 
A 1 36 C 36 36 36 C C A . n 
# 
loop_
_pdbx_nonpoly_scheme.asym_id 
_pdbx_nonpoly_scheme.entity_id 
_pdbx_nonpoly_scheme.mon_id 
_pdbx_nonpoly_scheme.ndb_seq_num 
_pdbx_nonpoly_scheme.pdb_seq_num 
_pdbx_nonpoly_scheme.auth_seq_num 
_pdbx_nonpoly_scheme.pdb_mon_id 
_pdbx_nonpoly_scheme.auth_mon_id 
_pdbx_nonpoly_scheme.pdb_strand_id 
_pdbx_nonpoly_scheme.pdb_ins_code 
B 2 IRI 1 101 1 IRI IRI A . 
C 2 IRI 1 102 2 IRI IRI A . 
D 2 IRI 1 103 3 IRI IRI A . 
E 3 K   1 104 1 K   K   A . 
F 4 MG  1 105 1 MG  MG  A . 
G 4 MG  1 106 3 MG  MG  A . 
H 4 MG  1 107 5 MG  MG  A . 
I 4 MG  1 108 6 MG  MG  A . 
J 5 ACT 1 109 1 ACT ACT A . 
K 5 ACT 1 110 2 ACT ACT A . 
L 6 IR  1 111 1 IR  IR  A . 
M 6 IR  1 112 2 IR  IR  A . 
N 7 HOH 1 201 3 HOH HOH A . 
N 7 HOH 2 202 2 HOH HOH A . 
# 
_pdbx_struct_assembly.id                   1 
_pdbx_struct_assembly.details              author_defined_assembly 
_pdbx_struct_assembly.method_details       ? 
_pdbx_struct_assembly.oligomeric_details   dimeric 
_pdbx_struct_assembly.oligomeric_count     2 
# 
_pdbx_struct_assembly_gen.assembly_id       1 
_pdbx_struct_assembly_gen.oper_expression   1,2 
_pdbx_struct_assembly_gen.asym_id_list      A,B,C,D,E,F,G,H,I,J,K,L,M,N 
# 
loop_
_pdbx_struct_oper_list.id 
_pdbx_struct_oper_list.type 
_pdbx_struct_oper_list.name 
_pdbx_struct_oper_list.symmetry_operation 
_pdbx_struct_oper_list.matrix[1][1] 
_pdbx_struct_oper_list.matrix[1][2] 
_pdbx_struct_oper_list.matrix[1][3] 
_pdbx_struct_oper_list.vector[1] 
_pdbx_struct_oper_list.matrix[2][1] 
_pdbx_struct_oper_list.matrix[2][2] 
_pdbx_struct_oper_list.matrix[2][3] 
_pdbx_struct_oper_list.vector[2] 
_pdbx_struct_oper_list.matrix[3][1] 
_pdbx_struct_oper_list.matrix[3][2] 
_pdbx_struct_oper_list.matrix[3][3] 
_pdbx_struct_oper_list.vector[3] 
1 'identity operation'         1_555  x,y,z                  1.0000000000  0.0000000000 0.0000000000  0.0000000000 0.0000000000 1.0000000000  0.0000000000  0.0000000000  0.0000000000  0.0000000000  1.0000000000  0.0000000000  
2 'crystal symmetry operation' 18_655 -x+4/3,-x+y+2/3,-z+2/3 -0.3599212817 0.6098741844 -0.7060525123 9.3966080738 0.6098741844 -0.4189050344 -0.6727347556 10.2151449429 -0.7060525123 -0.6727347556 -0.2211736840 17.3422257258 
# 
_pdbx_struct_special_symmetry.id              1 
_pdbx_struct_special_symmetry.PDB_model_num   1 
_pdbx_struct_special_symmetry.auth_asym_id    A 
_pdbx_struct_special_symmetry.auth_comp_id    IR 
_pdbx_struct_special_symmetry.auth_seq_id     112 
_pdbx_struct_special_symmetry.PDB_ins_code    ? 
_pdbx_struct_special_symmetry.label_asym_id   M 
_pdbx_struct_special_symmetry.label_comp_id   IR 
_pdbx_struct_special_symmetry.label_seq_id    . 
# 
loop_
_pdbx_struct_conn_angle.id 
_pdbx_struct_conn_angle.ptnr1_label_atom_id 
_pdbx_struct_conn_angle.ptnr1_label_alt_id 
_pdbx_struct_conn_angle.ptnr1_label_asym_id 
_pdbx_struct_conn_angle.ptnr1_label_comp_id 
_pdbx_struct_conn_angle.ptnr1_label_seq_id 
_pdbx_struct_conn_angle.ptnr1_auth_atom_id 
_pdbx_struct_conn_angle.ptnr1_auth_asym_id 
_pdbx_struct_conn_angle.ptnr1_auth_comp_id 
_pdbx_struct_conn_angle.ptnr1_auth_seq_id 
_pdbx_struct_conn_angle.ptnr1_PDB_ins_code 
_pdbx_struct_conn_angle.ptnr1_symmetry 
_pdbx_struct_conn_angle.ptnr2_label_atom_id 
_pdbx_struct_conn_angle.ptnr2_label_alt_id 
_pdbx_struct_conn_angle.ptnr2_label_asym_id 
_pdbx_struct_conn_angle.ptnr2_label_comp_id 
_pdbx_struct_conn_angle.ptnr2_label_seq_id 
_pdbx_struct_conn_angle.ptnr2_auth_atom_id 
_pdbx_struct_conn_angle.ptnr2_auth_asym_id 
_pdbx_struct_conn_angle.ptnr2_auth_comp_id 
_pdbx_struct_conn_angle.ptnr2_auth_seq_id 
_pdbx_struct_conn_angle.ptnr2_PDB_ins_code 
_pdbx_struct_conn_angle.ptnr2_symmetry 
_pdbx_struct_conn_angle.ptnr3_label_atom_id 
_pdbx_struct_conn_angle.ptnr3_label_alt_id 
_pdbx_struct_conn_angle.ptnr3_label_asym_id 
_pdbx_struct_conn_angle.ptnr3_label_comp_id 
_pdbx_struct_conn_angle.ptnr3_label_seq_id 
_pdbx_struct_conn_angle.ptnr3_auth_atom_id 
_pdbx_struct_conn_angle.ptnr3_auth_asym_id 
_pdbx_struct_conn_angle.ptnr3_auth_comp_id 
_pdbx_struct_conn_angle.ptnr3_auth_seq_id 
_pdbx_struct_conn_angle.ptnr3_PDB_ins_code 
_pdbx_struct_conn_angle.ptnr3_symmetry 
_pdbx_struct_conn_angle.value 
_pdbx_struct_conn_angle.value_esd 
1  O6 ? A G 12 ? A G 12 ? 1_555 K ? E K . ? A K 104 ? 1_555 O6 ? A G 13 ? A G 13 ? 1_555 90.5  ? 
2  O6 ? A G 12 ? A G 12 ? 1_555 K ? E K . ? A K 104 ? 1_555 O6 ? A G 15 ? A G 15 ? 1_555 78.8  ? 
3  O6 ? A G 13 ? A G 13 ? 1_555 K ? E K . ? A K 104 ? 1_555 O6 ? A G 15 ? A G 15 ? 1_555 83.5  ? 
4  O6 ? A G 12 ? A G 12 ? 1_555 K ? E K . ? A K 104 ? 1_555 O6 ? A G 16 ? A G 16 ? 1_555 142.1 ? 
5  O6 ? A G 13 ? A G 13 ? 1_555 K ? E K . ? A K 104 ? 1_555 O6 ? A G 16 ? A G 16 ? 1_555 63.6  ? 
6  O6 ? A G 15 ? A G 15 ? 1_555 K ? E K . ? A K 104 ? 1_555 O6 ? A G 16 ? A G 16 ? 1_555 71.6  ? 
7  O6 ? A G 12 ? A G 12 ? 1_555 K ? E K . ? A K 104 ? 1_555 O6 ? A G 22 ? A G 22 ? 1_555 110.8 ? 
8  O6 ? A G 13 ? A G 13 ? 1_555 K ? E K . ? A K 104 ? 1_555 O6 ? A G 22 ? A G 22 ? 1_555 151.5 ? 
9  O6 ? A G 15 ? A G 15 ? 1_555 K ? E K . ? A K 104 ? 1_555 O6 ? A G 22 ? A G 22 ? 1_555 82.4  ? 
10 O6 ? A G 16 ? A G 16 ? 1_555 K ? E K . ? A K 104 ? 1_555 O6 ? A G 22 ? A G 22 ? 1_555 88.5  ? 
11 O6 ? A G 12 ? A G 12 ? 1_555 K ? E K . ? A K 104 ? 1_555 O6 ? A G 23 ? A G 23 ? 1_555 144.5 ? 
12 O6 ? A G 13 ? A G 13 ? 1_555 K ? E K . ? A K 104 ? 1_555 O6 ? A G 23 ? A G 23 ? 1_555 110.5 ? 
13 O6 ? A G 15 ? A G 15 ? 1_555 K ? E K . ? A K 104 ? 1_555 O6 ? A G 23 ? A G 23 ? 1_555 130.3 ? 
14 O6 ? A G 16 ? A G 16 ? 1_555 K ? E K . ? A K 104 ? 1_555 O6 ? A G 23 ? A G 23 ? 1_555 73.2  ? 
15 O6 ? A G 22 ? A G 22 ? 1_555 K ? E K . ? A K 104 ? 1_555 O6 ? A G 23 ? A G 23 ? 1_555 62.6  ? 
16 O6 ? A G 12 ? A G 12 ? 1_555 K ? E K . ? A K 104 ? 1_555 O6 ? A G 25 ? A G 25 ? 1_555 64.4  ? 
17 O6 ? A G 13 ? A G 13 ? 1_555 K ? E K . ? A K 104 ? 1_555 O6 ? A G 25 ? A G 25 ? 1_555 136.7 ? 
18 O6 ? A G 15 ? A G 15 ? 1_555 K ? E K . ? A K 104 ? 1_555 O6 ? A G 25 ? A G 25 ? 1_555 121.6 ? 
19 O6 ? A G 16 ? A G 16 ? 1_555 K ? E K . ? A K 104 ? 1_555 O6 ? A G 25 ? A G 25 ? 1_555 152.8 ? 
20 O6 ? A G 22 ? A G 22 ? 1_555 K ? E K . ? A K 104 ? 1_555 O6 ? A G 25 ? A G 25 ? 1_555 71.5  ? 
21 O6 ? A G 23 ? A G 23 ? 1_555 K ? E K . ? A K 104 ? 1_555 O6 ? A G 25 ? A G 25 ? 1_555 81.1  ? 
22 O6 ? A G 12 ? A G 12 ? 1_555 K ? E K . ? A K 104 ? 1_555 O6 ? A G 26 ? A G 26 ? 1_555 90.9  ? 
23 O6 ? A G 13 ? A G 13 ? 1_555 K ? E K . ? A K 104 ? 1_555 O6 ? A G 26 ? A G 26 ? 1_555 62.7  ? 
24 O6 ? A G 15 ? A G 15 ? 1_555 K ? E K . ? A K 104 ? 1_555 O6 ? A G 26 ? A G 26 ? 1_555 144.7 ? 
25 O6 ? A G 16 ? A G 16 ? 1_555 K ? E K . ? A K 104 ? 1_555 O6 ? A G 26 ? A G 26 ? 1_555 99.6  ? 
26 O6 ? A G 22 ? A G 22 ? 1_555 K ? E K . ? A K 104 ? 1_555 O6 ? A G 26 ? A G 26 ? 1_555 132.5 ? 
27 O6 ? A G 23 ? A G 23 ? 1_555 K ? E K . ? A K 104 ? 1_555 O6 ? A G 26 ? A G 26 ? 1_555 75.1  ? 
28 O6 ? A G 25 ? A G 25 ? 1_555 K ? E K . ? A K 104 ? 1_555 O6 ? A G 26 ? A G 26 ? 1_555 82.0  ? 
# 
loop_
_pdbx_audit_revision_history.ordinal 
_pdbx_audit_revision_history.data_content_type 
_pdbx_audit_revision_history.major_revision 
_pdbx_audit_revision_history.minor_revision 
_pdbx_audit_revision_history.revision_date 
1 'Structure model' 1 0 2019-07-31 
2 'Structure model' 1 1 2019-08-28 
3 'Structure model' 1 2 2023-10-11 
# 
_pdbx_audit_revision_details.ordinal             1 
_pdbx_audit_revision_details.revision_ordinal    1 
_pdbx_audit_revision_details.data_content_type   'Structure model' 
_pdbx_audit_revision_details.provider            repository 
_pdbx_audit_revision_details.type                'Initial release' 
_pdbx_audit_revision_details.description         ? 
_pdbx_audit_revision_details.details             ? 
# 
loop_
_pdbx_audit_revision_group.ordinal 
_pdbx_audit_revision_group.revision_ordinal 
_pdbx_audit_revision_group.data_content_type 
_pdbx_audit_revision_group.group 
1 2 'Structure model' 'Data collection'        
2 2 'Structure model' 'Database references'    
3 3 'Structure model' 'Data collection'        
4 3 'Structure model' 'Database references'    
5 3 'Structure model' 'Refinement description' 
# 
loop_
_pdbx_audit_revision_category.ordinal 
_pdbx_audit_revision_category.revision_ordinal 
_pdbx_audit_revision_category.data_content_type 
_pdbx_audit_revision_category.category 
1 2 'Structure model' citation                      
2 3 'Structure model' chem_comp_atom                
3 3 'Structure model' chem_comp_bond                
4 3 'Structure model' database_2                    
5 3 'Structure model' pdbx_initial_refinement_model 
# 
loop_
_pdbx_audit_revision_item.ordinal 
_pdbx_audit_revision_item.revision_ordinal 
_pdbx_audit_revision_item.data_content_type 
_pdbx_audit_revision_item.item 
1 2 'Structure model' '_citation.journal_volume'            
2 2 'Structure model' '_citation.page_first'                
3 3 'Structure model' '_database_2.pdbx_DOI'                
4 3 'Structure model' '_database_2.pdbx_database_accession' 
# 
_pdbx_refine_tls.pdbx_refine_id   'X-RAY DIFFRACTION' 
_pdbx_refine_tls.id               1 
_pdbx_refine_tls.details          ? 
_pdbx_refine_tls.method           refined 
_pdbx_refine_tls.origin_x         0.4760 
_pdbx_refine_tls.origin_y         -0.2127 
_pdbx_refine_tls.origin_z         -0.4968 
_pdbx_refine_tls.T[1][1]          0.4437 
_pdbx_refine_tls.T[2][2]          0.3368 
_pdbx_refine_tls.T[3][3]          0.2890 
_pdbx_refine_tls.T[1][2]          0.0836 
_pdbx_refine_tls.T[1][3]          -0.0288 
_pdbx_refine_tls.T[2][3]          -0.0351 
_pdbx_refine_tls.L[1][1]          5.3578 
_pdbx_refine_tls.L[2][2]          1.5786 
_pdbx_refine_tls.L[3][3]          2.3453 
_pdbx_refine_tls.L[1][2]          0.9570 
_pdbx_refine_tls.L[1][3]          0.8701 
_pdbx_refine_tls.L[2][3]          1.5215 
_pdbx_refine_tls.S[1][1]          0.2435 
_pdbx_refine_tls.S[2][2]          -0.0608 
_pdbx_refine_tls.S[3][3]          0.0866 
_pdbx_refine_tls.S[1][2]          -0.4371 
_pdbx_refine_tls.S[1][3]          0.0216 
_pdbx_refine_tls.S[2][3]          0.0310 
_pdbx_refine_tls.S[2][1]          -0.2924 
_pdbx_refine_tls.S[3][1]          -0.3859 
_pdbx_refine_tls.S[3][2]          -0.6137 
# 
loop_
_pdbx_refine_tls_group.pdbx_refine_id 
_pdbx_refine_tls_group.id 
_pdbx_refine_tls_group.refine_tls_id 
_pdbx_refine_tls_group.beg_auth_asym_id 
_pdbx_refine_tls_group.beg_auth_seq_id 
_pdbx_refine_tls_group.end_auth_asym_id 
_pdbx_refine_tls_group.end_auth_seq_id 
_pdbx_refine_tls_group.selection_details 
_pdbx_refine_tls_group.beg_label_asym_id 
_pdbx_refine_tls_group.beg_label_seq_id 
_pdbx_refine_tls_group.end_label_asym_id 
_pdbx_refine_tls_group.end_label_seq_id 
_pdbx_refine_tls_group.selection 
'X-RAY DIFFRACTION' 1  1 A 2 A 36 all ? ? ? ? ? 
'X-RAY DIFFRACTION' 2  1 C 1 C 1  all ? ? ? ? ? 
'X-RAY DIFFRACTION' 3  1 C 2 C 3  all ? ? ? ? ? 
'X-RAY DIFFRACTION' 4  1 D 1 D 1  all ? ? ? ? ? 
'X-RAY DIFFRACTION' 5  1 E 1 E 5  all ? ? ? ? ? 
'X-RAY DIFFRACTION' 6  1 E 6 E 6  all ? ? ? ? ? 
'X-RAY DIFFRACTION' 7  1 F 2 F 3  all ? ? ? ? ? 
'X-RAY DIFFRACTION' 8  1 G 1 G 1  all ? ? ? ? ? 
'X-RAY DIFFRACTION' 9  1 G 2 G 2  all ? ? ? ? ? 
'X-RAY DIFFRACTION' 10 1 I 1 I 1  all ? ? ? ? ? 
'X-RAY DIFFRACTION' 11 1 I 2 I 2  all ? ? ? ? ? 
# 
_pdbx_phasing_MR.entry_id                     6E80 
_pdbx_phasing_MR.method_rotation              ? 
_pdbx_phasing_MR.method_translation           ? 
_pdbx_phasing_MR.model_details                ? 
_pdbx_phasing_MR.R_factor                     ? 
_pdbx_phasing_MR.R_rigid_body                 ? 
_pdbx_phasing_MR.correlation_coeff_Fo_to_Fc   ? 
_pdbx_phasing_MR.correlation_coeff_Io_to_Ic   ? 
_pdbx_phasing_MR.d_res_high_rotation          2.400 
_pdbx_phasing_MR.d_res_low_rotation           46.510 
_pdbx_phasing_MR.d_res_high_translation       2.400 
_pdbx_phasing_MR.d_res_low_translation        46.510 
_pdbx_phasing_MR.packing                      ? 
_pdbx_phasing_MR.reflns_percent_rotation      ? 
_pdbx_phasing_MR.reflns_percent_translation   ? 
_pdbx_phasing_MR.sigma_F_rotation             ? 
_pdbx_phasing_MR.sigma_F_translation          ? 
_pdbx_phasing_MR.sigma_I_rotation             ? 
_pdbx_phasing_MR.sigma_I_translation          ? 
# 
_phasing.method   MR 
# 
loop_
_software.citation_id 
_software.classification 
_software.compiler_name 
_software.compiler_version 
_software.contact_author 
_software.contact_author_email 
_software.date 
_software.description 
_software.dependencies 
_software.hardware 
_software.language 
_software.location 
_software.mods 
_software.name 
_software.os 
_software.os_version 
_software.type 
_software.version 
_software.pdbx_ordinal 
? refinement        ? ? ? ? ? ? ? ? ? ? ? PHENIX      ? ? ? 1.11.1_2575 1 
? 'data scaling'    ? ? ? ? ? ? ? ? ? ? ? HKL-2000    ? ? ? .           2 
? phasing           ? ? ? ? ? ? ? ? ? ? ? PHASER      ? ? ? 2.7.16      3 
? 'data extraction' ? ? ? ? ? ? ? ? ? ? ? PDB_EXTRACT ? ? ? 3.24        4 
? 'data reduction'  ? ? ? ? ? ? ? ? ? ? ? HKL-2000    ? ? ? .           5 
# 
_pdbx_validate_symm_contact.id                1 
_pdbx_validate_symm_contact.PDB_model_num     1 
_pdbx_validate_symm_contact.auth_atom_id_1    OP2 
_pdbx_validate_symm_contact.auth_asym_id_1    A 
_pdbx_validate_symm_contact.auth_comp_id_1    G 
_pdbx_validate_symm_contact.auth_seq_id_1     12 
_pdbx_validate_symm_contact.PDB_ins_code_1    ? 
_pdbx_validate_symm_contact.label_alt_id_1    ? 
_pdbx_validate_symm_contact.site_symmetry_1   1_555 
_pdbx_validate_symm_contact.auth_atom_id_2    "O2'" 
_pdbx_validate_symm_contact.auth_asym_id_2    A 
_pdbx_validate_symm_contact.auth_comp_id_2    G 
_pdbx_validate_symm_contact.auth_seq_id_2     22 
_pdbx_validate_symm_contact.PDB_ins_code_2    ? 
_pdbx_validate_symm_contact.label_alt_id_2    ? 
_pdbx_validate_symm_contact.site_symmetry_2   18_655 
_pdbx_validate_symm_contact.dist              2.19 
# 
_pdbx_unobs_or_zero_occ_residues.id               1 
_pdbx_unobs_or_zero_occ_residues.PDB_model_num    1 
_pdbx_unobs_or_zero_occ_residues.polymer_flag     Y 
_pdbx_unobs_or_zero_occ_residues.occupancy_flag   1 
_pdbx_unobs_or_zero_occ_residues.auth_asym_id     A 
_pdbx_unobs_or_zero_occ_residues.auth_comp_id     G 
_pdbx_unobs_or_zero_occ_residues.auth_seq_id      1 
_pdbx_unobs_or_zero_occ_residues.PDB_ins_code     ? 
_pdbx_unobs_or_zero_occ_residues.label_asym_id    A 
_pdbx_unobs_or_zero_occ_residues.label_comp_id    G 
_pdbx_unobs_or_zero_occ_residues.label_seq_id     1 
# 
loop_
_chem_comp_atom.comp_id 
_chem_comp_atom.atom_id 
_chem_comp_atom.type_symbol 
_chem_comp_atom.pdbx_aromatic_flag 
_chem_comp_atom.pdbx_stereo_config 
_chem_comp_atom.pdbx_ordinal 
A   OP3    O  N N 1   
A   P      P  N N 2   
A   OP1    O  N N 3   
A   OP2    O  N N 4   
A   "O5'"  O  N N 5   
A   "C5'"  C  N N 6   
A   "C4'"  C  N R 7   
A   "O4'"  O  N N 8   
A   "C3'"  C  N S 9   
A   "O3'"  O  N N 10  
A   "C2'"  C  N R 11  
A   "O2'"  O  N N 12  
A   "C1'"  C  N R 13  
A   N9     N  Y N 14  
A   C8     C  Y N 15  
A   N7     N  Y N 16  
A   C5     C  Y N 17  
A   C6     C  Y N 18  
A   N6     N  N N 19  
A   N1     N  Y N 20  
A   C2     C  Y N 21  
A   N3     N  Y N 22  
A   C4     C  Y N 23  
A   HOP3   H  N N 24  
A   HOP2   H  N N 25  
A   "H5'"  H  N N 26  
A   "H5''" H  N N 27  
A   "H4'"  H  N N 28  
A   "H3'"  H  N N 29  
A   "HO3'" H  N N 30  
A   "H2'"  H  N N 31  
A   "HO2'" H  N N 32  
A   "H1'"  H  N N 33  
A   H8     H  N N 34  
A   H61    H  N N 35  
A   H62    H  N N 36  
A   H2     H  N N 37  
ACT C      C  N N 38  
ACT O      O  N N 39  
ACT OXT    O  N N 40  
ACT CH3    C  N N 41  
ACT H1     H  N N 42  
ACT H2     H  N N 43  
ACT H3     H  N N 44  
C   OP3    O  N N 45  
C   P      P  N N 46  
C   OP1    O  N N 47  
C   OP2    O  N N 48  
C   "O5'"  O  N N 49  
C   "C5'"  C  N N 50  
C   "C4'"  C  N R 51  
C   "O4'"  O  N N 52  
C   "C3'"  C  N S 53  
C   "O3'"  O  N N 54  
C   "C2'"  C  N R 55  
C   "O2'"  O  N N 56  
C   "C1'"  C  N R 57  
C   N1     N  N N 58  
C   C2     C  N N 59  
C   O2     O  N N 60  
C   N3     N  N N 61  
C   C4     C  N N 62  
C   N4     N  N N 63  
C   C5     C  N N 64  
C   C6     C  N N 65  
C   HOP3   H  N N 66  
C   HOP2   H  N N 67  
C   "H5'"  H  N N 68  
C   "H5''" H  N N 69  
C   "H4'"  H  N N 70  
C   "H3'"  H  N N 71  
C   "HO3'" H  N N 72  
C   "H2'"  H  N N 73  
C   "HO2'" H  N N 74  
C   "H1'"  H  N N 75  
C   H41    H  N N 76  
C   H42    H  N N 77  
C   H5     H  N N 78  
C   H6     H  N N 79  
G   OP3    O  N N 80  
G   P      P  N N 81  
G   OP1    O  N N 82  
G   OP2    O  N N 83  
G   "O5'"  O  N N 84  
G   "C5'"  C  N N 85  
G   "C4'"  C  N R 86  
G   "O4'"  O  N N 87  
G   "C3'"  C  N S 88  
G   "O3'"  O  N N 89  
G   "C2'"  C  N R 90  
G   "O2'"  O  N N 91  
G   "C1'"  C  N R 92  
G   N9     N  Y N 93  
G   C8     C  Y N 94  
G   N7     N  Y N 95  
G   C5     C  Y N 96  
G   C6     C  N N 97  
G   O6     O  N N 98  
G   N1     N  N N 99  
G   C2     C  N N 100 
G   N2     N  N N 101 
G   N3     N  N N 102 
G   C4     C  Y N 103 
G   HOP3   H  N N 104 
G   HOP2   H  N N 105 
G   "H5'"  H  N N 106 
G   "H5''" H  N N 107 
G   "H4'"  H  N N 108 
G   "H3'"  H  N N 109 
G   "HO3'" H  N N 110 
G   "H2'"  H  N N 111 
G   "HO2'" H  N N 112 
G   "H1'"  H  N N 113 
G   H8     H  N N 114 
G   H1     H  N N 115 
G   H21    H  N N 116 
G   H22    H  N N 117 
HOH O      O  N N 118 
HOH H1     H  N N 119 
HOH H2     H  N N 120 
IR  IR     IR N N 121 
IRI IR     IR N N 122 
IRI N1     N  N N 123 
IRI N2     N  N N 124 
IRI N3     N  N N 125 
IRI N4     N  N N 126 
IRI N5     N  N N 127 
IRI N6     N  N N 128 
IRI HN11   H  N N 129 
IRI HN12   H  N N 130 
IRI HN13   H  N N 131 
IRI HN21   H  N N 132 
IRI HN22   H  N N 133 
IRI HN23   H  N N 134 
IRI HN31   H  N N 135 
IRI HN32   H  N N 136 
IRI HN33   H  N N 137 
IRI HN41   H  N N 138 
IRI HN42   H  N N 139 
IRI HN43   H  N N 140 
IRI HN51   H  N N 141 
IRI HN52   H  N N 142 
IRI HN53   H  N N 143 
IRI HN61   H  N N 144 
IRI HN62   H  N N 145 
IRI HN63   H  N N 146 
K   K      K  N N 147 
MG  MG     MG N N 148 
U   OP3    O  N N 149 
U   P      P  N N 150 
U   OP1    O  N N 151 
U   OP2    O  N N 152 
U   "O5'"  O  N N 153 
U   "C5'"  C  N N 154 
U   "C4'"  C  N R 155 
U   "O4'"  O  N N 156 
U   "C3'"  C  N S 157 
U   "O3'"  O  N N 158 
U   "C2'"  C  N R 159 
U   "O2'"  O  N N 160 
U   "C1'"  C  N R 161 
U   N1     N  N N 162 
U   C2     C  N N 163 
U   O2     O  N N 164 
U   N3     N  N N 165 
U   C4     C  N N 166 
U   O4     O  N N 167 
U   C5     C  N N 168 
U   C6     C  N N 169 
U   HOP3   H  N N 170 
U   HOP2   H  N N 171 
U   "H5'"  H  N N 172 
U   "H5''" H  N N 173 
U   "H4'"  H  N N 174 
U   "H3'"  H  N N 175 
U   "HO3'" H  N N 176 
U   "H2'"  H  N N 177 
U   "HO2'" H  N N 178 
U   "H1'"  H  N N 179 
U   H3     H  N N 180 
U   H5     H  N N 181 
U   H6     H  N N 182 
# 
loop_
_chem_comp_bond.comp_id 
_chem_comp_bond.atom_id_1 
_chem_comp_bond.atom_id_2 
_chem_comp_bond.value_order 
_chem_comp_bond.pdbx_aromatic_flag 
_chem_comp_bond.pdbx_stereo_config 
_chem_comp_bond.pdbx_ordinal 
A   OP3   P      sing N N 1   
A   OP3   HOP3   sing N N 2   
A   P     OP1    doub N N 3   
A   P     OP2    sing N N 4   
A   P     "O5'"  sing N N 5   
A   OP2   HOP2   sing N N 6   
A   "O5'" "C5'"  sing N N 7   
A   "C5'" "C4'"  sing N N 8   
A   "C5'" "H5'"  sing N N 9   
A   "C5'" "H5''" sing N N 10  
A   "C4'" "O4'"  sing N N 11  
A   "C4'" "C3'"  sing N N 12  
A   "C4'" "H4'"  sing N N 13  
A   "O4'" "C1'"  sing N N 14  
A   "C3'" "O3'"  sing N N 15  
A   "C3'" "C2'"  sing N N 16  
A   "C3'" "H3'"  sing N N 17  
A   "O3'" "HO3'" sing N N 18  
A   "C2'" "O2'"  sing N N 19  
A   "C2'" "C1'"  sing N N 20  
A   "C2'" "H2'"  sing N N 21  
A   "O2'" "HO2'" sing N N 22  
A   "C1'" N9     sing N N 23  
A   "C1'" "H1'"  sing N N 24  
A   N9    C8     sing Y N 25  
A   N9    C4     sing Y N 26  
A   C8    N7     doub Y N 27  
A   C8    H8     sing N N 28  
A   N7    C5     sing Y N 29  
A   C5    C6     sing Y N 30  
A   C5    C4     doub Y N 31  
A   C6    N6     sing N N 32  
A   C6    N1     doub Y N 33  
A   N6    H61    sing N N 34  
A   N6    H62    sing N N 35  
A   N1    C2     sing Y N 36  
A   C2    N3     doub Y N 37  
A   C2    H2     sing N N 38  
A   N3    C4     sing Y N 39  
ACT C     O      doub N N 40  
ACT C     OXT    sing N N 41  
ACT C     CH3    sing N N 42  
ACT CH3   H1     sing N N 43  
ACT CH3   H2     sing N N 44  
ACT CH3   H3     sing N N 45  
C   OP3   P      sing N N 46  
C   OP3   HOP3   sing N N 47  
C   P     OP1    doub N N 48  
C   P     OP2    sing N N 49  
C   P     "O5'"  sing N N 50  
C   OP2   HOP2   sing N N 51  
C   "O5'" "C5'"  sing N N 52  
C   "C5'" "C4'"  sing N N 53  
C   "C5'" "H5'"  sing N N 54  
C   "C5'" "H5''" sing N N 55  
C   "C4'" "O4'"  sing N N 56  
C   "C4'" "C3'"  sing N N 57  
C   "C4'" "H4'"  sing N N 58  
C   "O4'" "C1'"  sing N N 59  
C   "C3'" "O3'"  sing N N 60  
C   "C3'" "C2'"  sing N N 61  
C   "C3'" "H3'"  sing N N 62  
C   "O3'" "HO3'" sing N N 63  
C   "C2'" "O2'"  sing N N 64  
C   "C2'" "C1'"  sing N N 65  
C   "C2'" "H2'"  sing N N 66  
C   "O2'" "HO2'" sing N N 67  
C   "C1'" N1     sing N N 68  
C   "C1'" "H1'"  sing N N 69  
C   N1    C2     sing N N 70  
C   N1    C6     sing N N 71  
C   C2    O2     doub N N 72  
C   C2    N3     sing N N 73  
C   N3    C4     doub N N 74  
C   C4    N4     sing N N 75  
C   C4    C5     sing N N 76  
C   N4    H41    sing N N 77  
C   N4    H42    sing N N 78  
C   C5    C6     doub N N 79  
C   C5    H5     sing N N 80  
C   C6    H6     sing N N 81  
G   OP3   P      sing N N 82  
G   OP3   HOP3   sing N N 83  
G   P     OP1    doub N N 84  
G   P     OP2    sing N N 85  
G   P     "O5'"  sing N N 86  
G   OP2   HOP2   sing N N 87  
G   "O5'" "C5'"  sing N N 88  
G   "C5'" "C4'"  sing N N 89  
G   "C5'" "H5'"  sing N N 90  
G   "C5'" "H5''" sing N N 91  
G   "C4'" "O4'"  sing N N 92  
G   "C4'" "C3'"  sing N N 93  
G   "C4'" "H4'"  sing N N 94  
G   "O4'" "C1'"  sing N N 95  
G   "C3'" "O3'"  sing N N 96  
G   "C3'" "C2'"  sing N N 97  
G   "C3'" "H3'"  sing N N 98  
G   "O3'" "HO3'" sing N N 99  
G   "C2'" "O2'"  sing N N 100 
G   "C2'" "C1'"  sing N N 101 
G   "C2'" "H2'"  sing N N 102 
G   "O2'" "HO2'" sing N N 103 
G   "C1'" N9     sing N N 104 
G   "C1'" "H1'"  sing N N 105 
G   N9    C8     sing Y N 106 
G   N9    C4     sing Y N 107 
G   C8    N7     doub Y N 108 
G   C8    H8     sing N N 109 
G   N7    C5     sing Y N 110 
G   C5    C6     sing N N 111 
G   C5    C4     doub Y N 112 
G   C6    O6     doub N N 113 
G   C6    N1     sing N N 114 
G   N1    C2     sing N N 115 
G   N1    H1     sing N N 116 
G   C2    N2     sing N N 117 
G   C2    N3     doub N N 118 
G   N2    H21    sing N N 119 
G   N2    H22    sing N N 120 
G   N3    C4     sing N N 121 
HOH O     H1     sing N N 122 
HOH O     H2     sing N N 123 
IRI IR    N1     sing N N 124 
IRI IR    N2     sing N N 125 
IRI IR    N3     sing N N 126 
IRI IR    N4     sing N N 127 
IRI IR    N5     sing N N 128 
IRI IR    N6     sing N N 129 
IRI N1    HN11   sing N N 130 
IRI N1    HN12   sing N N 131 
IRI N1    HN13   sing N N 132 
IRI N2    HN21   sing N N 133 
IRI N2    HN22   sing N N 134 
IRI N2    HN23   sing N N 135 
IRI N3    HN31   sing N N 136 
IRI N3    HN32   sing N N 137 
IRI N3    HN33   sing N N 138 
IRI N4    HN41   sing N N 139 
IRI N4    HN42   sing N N 140 
IRI N4    HN43   sing N N 141 
IRI N5    HN51   sing N N 142 
IRI N5    HN52   sing N N 143 
IRI N5    HN53   sing N N 144 
IRI N6    HN61   sing N N 145 
IRI N6    HN62   sing N N 146 
IRI N6    HN63   sing N N 147 
U   OP3   P      sing N N 148 
U   OP3   HOP3   sing N N 149 
U   P     OP1    doub N N 150 
U   P     OP2    sing N N 151 
U   P     "O5'"  sing N N 152 
U   OP2   HOP2   sing N N 153 
U   "O5'" "C5'"  sing N N 154 
U   "C5'" "C4'"  sing N N 155 
U   "C5'" "H5'"  sing N N 156 
U   "C5'" "H5''" sing N N 157 
U   "C4'" "O4'"  sing N N 158 
U   "C4'" "C3'"  sing N N 159 
U   "C4'" "H4'"  sing N N 160 
U   "O4'" "C1'"  sing N N 161 
U   "C3'" "O3'"  sing N N 162 
U   "C3'" "C2'"  sing N N 163 
U   "C3'" "H3'"  sing N N 164 
U   "O3'" "HO3'" sing N N 165 
U   "C2'" "O2'"  sing N N 166 
U   "C2'" "C1'"  sing N N 167 
U   "C2'" "H2'"  sing N N 168 
U   "O2'" "HO2'" sing N N 169 
U   "C1'" N1     sing N N 170 
U   "C1'" "H1'"  sing N N 171 
U   N1    C2     sing N N 172 
U   N1    C6     sing N N 173 
U   C2    O2     doub N N 174 
U   C2    N3     sing N N 175 
U   N3    C4     sing N N 176 
U   N3    H3     sing N N 177 
U   C4    O4     doub N N 178 
U   C4    C5     sing N N 179 
U   C5    C6     doub N N 180 
U   C5    H5     sing N N 181 
U   C6    H6     sing N N 182 
# 
loop_
_ndb_struct_conf_na.entry_id 
_ndb_struct_conf_na.feature 
6E80 'double helix'        
6E80 'a-form double helix' 
6E80 'hairpin loop'        
6E80 'internal loop'       
6E80 'quadruple helix'     
# 
loop_
_ndb_struct_na_base_pair.model_number 
_ndb_struct_na_base_pair.i_label_asym_id 
_ndb_struct_na_base_pair.i_label_comp_id 
_ndb_struct_na_base_pair.i_label_seq_id 
_ndb_struct_na_base_pair.i_symmetry 
_ndb_struct_na_base_pair.j_label_asym_id 
_ndb_struct_na_base_pair.j_label_comp_id 
_ndb_struct_na_base_pair.j_label_seq_id 
_ndb_struct_na_base_pair.j_symmetry 
_ndb_struct_na_base_pair.shear 
_ndb_struct_na_base_pair.stretch 
_ndb_struct_na_base_pair.stagger 
_ndb_struct_na_base_pair.buckle 
_ndb_struct_na_base_pair.propeller 
_ndb_struct_na_base_pair.opening 
_ndb_struct_na_base_pair.pair_number 
_ndb_struct_na_base_pair.pair_name 
_ndb_struct_na_base_pair.i_auth_asym_id 
_ndb_struct_na_base_pair.i_auth_seq_id 
_ndb_struct_na_base_pair.i_PDB_ins_code 
_ndb_struct_na_base_pair.j_auth_asym_id 
_ndb_struct_na_base_pair.j_auth_seq_id 
_ndb_struct_na_base_pair.j_PDB_ins_code 
_ndb_struct_na_base_pair.hbond_type_28 
_ndb_struct_na_base_pair.hbond_type_12 
1 A G 2  1_555 A C 35 1_555 0.208  -0.416 -0.694 -15.345 -13.460 1.181   1  A_G2:C35_A  A 2  ? A 35 ? 19 1 
1 A C 3  1_555 A G 34 1_555 1.877  -0.071 0.109  -8.961  -20.071 2.672   2  A_C3:G34_A  A 3  ? A 34 ? 19 1 
1 A G 4  1_555 A C 33 1_555 -0.223 -0.308 -0.160 0.256   -13.306 -4.664  3  A_G4:C33_A  A 4  ? A 33 ? 19 1 
1 A C 5  1_555 A G 32 1_555 0.865  -0.183 -0.419 11.186  -6.780  6.188   4  A_C5:G32_A  A 5  ? A 32 ? 19 1 
1 A G 9  1_555 A C 18 1_555 -0.335 -0.094 -0.936 -26.944 -13.699 9.271   5  A_G9:C18_A  A 9  ? A 18 ? 19 1 
1 A G 13 1_555 A G 16 1_555 1.478  3.207  -0.065 -5.574  3.967   -90.221 6  A_G13:G16_A A 13 ? A 16 ? 6  3 
1 A G 20 1_555 A C 28 1_555 0.533  0.443  -0.560 -30.984 17.361  23.168  7  A_G20:C28_A A 20 ? A 28 ? ?  1 
1 A A 21 1_555 A U 27 1_555 0.396  1.762  0.521  -2.576  26.519  -36.811 8  A_A21:U27_A A 21 ? A 27 ? ?  ? 
1 A G 23 1_555 A G 26 1_555 1.945  3.605  -0.638 -2.601  13.976  -84.069 9  A_G23:G26_A A 23 ? A 26 ? 6  3 
1 A G 22 1_555 A G 25 1_555 1.727  3.542  -0.061 -14.116 -4.647  -92.757 10 A_G22:G25_A A 22 ? A 25 ? 6  3 
# 
loop_
_ndb_struct_na_base_pair_step.model_number 
_ndb_struct_na_base_pair_step.i_label_asym_id_1 
_ndb_struct_na_base_pair_step.i_label_comp_id_1 
_ndb_struct_na_base_pair_step.i_label_seq_id_1 
_ndb_struct_na_base_pair_step.i_symmetry_1 
_ndb_struct_na_base_pair_step.j_label_asym_id_1 
_ndb_struct_na_base_pair_step.j_label_comp_id_1 
_ndb_struct_na_base_pair_step.j_label_seq_id_1 
_ndb_struct_na_base_pair_step.j_symmetry_1 
_ndb_struct_na_base_pair_step.i_label_asym_id_2 
_ndb_struct_na_base_pair_step.i_label_comp_id_2 
_ndb_struct_na_base_pair_step.i_label_seq_id_2 
_ndb_struct_na_base_pair_step.i_symmetry_2 
_ndb_struct_na_base_pair_step.j_label_asym_id_2 
_ndb_struct_na_base_pair_step.j_label_comp_id_2 
_ndb_struct_na_base_pair_step.j_label_seq_id_2 
_ndb_struct_na_base_pair_step.j_symmetry_2 
_ndb_struct_na_base_pair_step.shift 
_ndb_struct_na_base_pair_step.slide 
_ndb_struct_na_base_pair_step.rise 
_ndb_struct_na_base_pair_step.tilt 
_ndb_struct_na_base_pair_step.roll 
_ndb_struct_na_base_pair_step.twist 
_ndb_struct_na_base_pair_step.x_displacement 
_ndb_struct_na_base_pair_step.y_displacement 
_ndb_struct_na_base_pair_step.helical_rise 
_ndb_struct_na_base_pair_step.inclination 
_ndb_struct_na_base_pair_step.tip 
_ndb_struct_na_base_pair_step.helical_twist 
_ndb_struct_na_base_pair_step.step_number 
_ndb_struct_na_base_pair_step.step_name 
_ndb_struct_na_base_pair_step.i_auth_asym_id_1 
_ndb_struct_na_base_pair_step.i_auth_seq_id_1 
_ndb_struct_na_base_pair_step.i_PDB_ins_code_1 
_ndb_struct_na_base_pair_step.j_auth_asym_id_1 
_ndb_struct_na_base_pair_step.j_auth_seq_id_1 
_ndb_struct_na_base_pair_step.j_PDB_ins_code_1 
_ndb_struct_na_base_pair_step.i_auth_asym_id_2 
_ndb_struct_na_base_pair_step.i_auth_seq_id_2 
_ndb_struct_na_base_pair_step.i_PDB_ins_code_2 
_ndb_struct_na_base_pair_step.j_auth_asym_id_2 
_ndb_struct_na_base_pair_step.j_auth_seq_id_2 
_ndb_struct_na_base_pair_step.j_PDB_ins_code_2 
1 A G 2  1_555 A C 35 1_555 A C 3  1_555 A G 34 1_555 -0.747 -2.004 3.284  -5.598  3.657    36.748   -3.610 0.433  3.153  5.742   
8.791  37.331   1 AA_G2C3:G34C35_AA   A 2  ? A 35 ? A 3  ? A 34 ? 
1 A C 3  1_555 A G 34 1_555 A G 4  1_555 A C 33 1_555 -0.689 -2.332 3.004  0.874   14.247   20.668   -8.315 1.768  1.148  34.850  
-2.137 25.074   2 AA_C3G4:C33G34_AA   A 3  ? A 34 ? A 4  ? A 33 ? 
1 A G 4  1_555 A C 33 1_555 A C 5  1_555 A G 32 1_555 0.594  -1.160 3.016  0.400   2.123    36.480   -2.117 -0.897 2.953  3.387   
-0.639 36.542   3 AA_G4C5:G32C33_AA   A 4  ? A 33 ? A 5  ? A 32 ? 
1 A G 9  1_555 A C 18 1_555 A G 13 1_555 A G 16 1_555 4.316  -5.085 0.832  -67.756 -138.877 116.769  -2.193 -2.352 2.092  -71.094 
34.686 166.725  4 AA_G9G13:G16C18_AA  A 9  ? A 18 ? A 13 ? A 16 ? 
1 A G 20 1_555 A C 28 1_555 A A 21 1_555 A U 27 1_555 -2.361 0.258  2.936  -3.801  25.773   9.998    -5.871 3.957  1.621  68.618  
10.121 27.873   5 AA_G20A21:U27C28_AA A 20 ? A 28 ? A 21 ? A 27 ? 
1 A A 21 1_555 A U 27 1_555 A G 23 1_555 A G 26 1_555 -3.345 0.664  2.118  90.689  148.531  -121.359 -0.839 -1.364 2.423  -74.592 
45.544 -177.077 6 AA_A21G23:G26U27_AA A 21 ? A 27 ? A 23 ? A 26 ? 
1 A G 23 1_555 A G 26 1_555 A G 22 1_555 A G 25 1_555 -0.006 1.582  -3.344 -5.513  0.336    -35.177  -2.538 0.812  -3.321 -0.552  
-9.052 -35.595  7 AA_G23G22:G25G26_AA A 23 ? A 26 ? A 22 ? A 25 ? 
# 
loop_
_pdbx_entity_nonpoly.entity_id 
_pdbx_entity_nonpoly.name 
_pdbx_entity_nonpoly.comp_id 
2 'IRIDIUM HEXAMMINE ION' IRI 
3 'POTASSIUM ION'         K   
4 'MAGNESIUM ION'         MG  
5 'ACETATE ION'           ACT 
6 'IRIDIUM ION'           IR  
7 water                   HOH 
# 
_pdbx_initial_refinement_model.id               1 
_pdbx_initial_refinement_model.entity_id_list   ? 
_pdbx_initial_refinement_model.type             'experimental model' 
_pdbx_initial_refinement_model.source_name      PDB 
_pdbx_initial_refinement_model.accession_code   6E81 
_pdbx_initial_refinement_model.details          ? 
# 
_pdbx_struct_assembly_auth_evidence.id                     1 
_pdbx_struct_assembly_auth_evidence.assembly_id            1 
_pdbx_struct_assembly_auth_evidence.experimental_support   'equilibrium centrifugation' 
_pdbx_struct_assembly_auth_evidence.details                
'dimeric state of Corn polyribonucleotide was confirmed by AUC, native polyacrylamide gel electrophoresis,and SEC-MALS' 
# 
